data_6UXT
#
_entry.id   6UXT
#
_cell.length_a   51.579
_cell.length_b   92.920
_cell.length_c   93.469
_cell.angle_alpha   97.350
_cell.angle_beta   98.440
_cell.angle_gamma   95.460
#
_symmetry.space_group_name_H-M   'P 1'
#
loop_
_entity.id
_entity.type
_entity.pdbx_description
1 polymer 'YfdX protein'
2 non-polymer 'TRIETHYLENE GLYCOL'
3 non-polymer DI(HYDROXYETHYL)ETHER
4 non-polymer '4-(2-HYDROXYETHYL)-1-PIPERAZINE ETHANESULFONIC ACID'
5 water water
#
_entity_poly.entity_id   1
_entity_poly.type   'polypeptide(L)'
_entity_poly.pdbx_seq_one_letter_code
;ADNAPVAAQQQTQQTQKTAAAERISEQGLYAMRDVQVARLALFHGDPEKAKELTNEASALLSDDSTEWAKFAKPGKKTNL
NDDQYIVINASVGISESYVATPEKEAAIKIANEKMAKGDKKGAMEELRLAGVGVMENQYLMPLKQTRNALADAQKLLDKK
QYYEANLALKGAEDGIIVDSEALFVN
;
_entity_poly.pdbx_strand_id   A,B,C,D,E,F,G,H
#
loop_
_chem_comp.id
_chem_comp.type
_chem_comp.name
_chem_comp.formula
EPE non-polymer '4-(2-HYDROXYETHYL)-1-PIPERAZINE ETHANESULFONIC ACID' 'C8 H18 N2 O4 S'
PEG non-polymer DI(HYDROXYETHYL)ETHER 'C4 H10 O3'
PGE non-polymer 'TRIETHYLENE GLYCOL' 'C6 H14 O4'
#
# COMPACT_ATOMS: atom_id res chain seq x y z
N ARG A 23 -42.69 24.15 1.75
CA ARG A 23 -42.53 22.71 1.70
C ARG A 23 -41.12 22.32 1.28
N ILE A 24 -40.81 21.03 1.34
CA ILE A 24 -39.50 20.50 0.99
C ILE A 24 -39.54 20.03 -0.46
N SER A 25 -38.55 20.44 -1.25
CA SER A 25 -38.40 19.93 -2.61
C SER A 25 -37.78 18.53 -2.56
N GLU A 26 -38.58 17.51 -2.87
CA GLU A 26 -38.02 16.16 -2.94
C GLU A 26 -37.13 15.99 -4.17
N GLN A 27 -37.34 16.78 -5.22
CA GLN A 27 -36.44 16.73 -6.36
C GLN A 27 -35.05 17.24 -5.99
N GLY A 28 -34.98 18.35 -5.24
CA GLY A 28 -33.69 18.84 -4.79
C GLY A 28 -33.04 17.89 -3.80
N LEU A 29 -33.85 17.34 -2.88
CA LEU A 29 -33.32 16.35 -1.94
C LEU A 29 -32.70 15.17 -2.65
N TYR A 30 -33.43 14.60 -3.63
CA TYR A 30 -32.92 13.44 -4.35
C TYR A 30 -31.69 13.79 -5.19
N ALA A 31 -31.66 14.99 -5.76
CA ALA A 31 -30.51 15.40 -6.56
C ALA A 31 -29.25 15.44 -5.71
N MET A 32 -29.31 16.05 -4.53
CA MET A 32 -28.10 16.13 -3.71
C MET A 32 -27.72 14.77 -3.13
N ARG A 33 -28.70 13.90 -2.87
CA ARG A 33 -28.36 12.53 -2.49
C ARG A 33 -27.65 11.81 -3.63
N ASP A 34 -28.11 12.03 -4.87
CA ASP A 34 -27.42 11.46 -6.03
C ASP A 34 -25.98 11.94 -6.11
N VAL A 35 -25.76 13.23 -5.83
CA VAL A 35 -24.40 13.80 -5.86
C VAL A 35 -23.50 13.09 -4.86
N GLN A 36 -23.99 12.91 -3.63
CA GLN A 36 -23.18 12.24 -2.62
C GLN A 36 -22.78 10.84 -3.09
N VAL A 37 -23.74 10.07 -3.60
CA VAL A 37 -23.45 8.71 -4.06
C VAL A 37 -22.53 8.73 -5.27
N ALA A 38 -22.70 9.70 -6.17
CA ALA A 38 -21.84 9.77 -7.34
C ALA A 38 -20.37 10.01 -6.96
N ARG A 39 -20.12 10.86 -5.98
CA ARG A 39 -18.73 11.12 -5.58
C ARG A 39 -18.09 9.87 -5.00
N LEU A 40 -18.85 9.11 -4.23
CA LEU A 40 -18.33 7.85 -3.70
C LEU A 40 -18.09 6.85 -4.82
N ALA A 41 -18.99 6.81 -5.81
CA ALA A 41 -18.87 5.82 -6.89
C ALA A 41 -17.61 6.05 -7.71
N LEU A 42 -17.28 7.31 -7.99
CA LEU A 42 -16.06 7.64 -8.72
C LEU A 42 -14.82 7.04 -8.06
N PHE A 43 -14.74 7.11 -6.73
CA PHE A 43 -13.53 6.68 -6.06
C PHE A 43 -13.55 5.22 -5.69
N HIS A 44 -14.68 4.56 -5.89
CA HIS A 44 -14.76 3.10 -5.83
C HIS A 44 -14.66 2.48 -7.21
N GLY A 45 -14.10 3.20 -8.18
CA GLY A 45 -13.87 2.65 -9.51
C GLY A 45 -15.13 2.32 -10.28
N ASP A 46 -16.15 3.17 -10.16
CA ASP A 46 -17.41 2.99 -10.88
C ASP A 46 -17.85 4.30 -11.49
N PRO A 47 -17.08 4.83 -12.46
CA PRO A 47 -17.48 6.10 -13.09
C PRO A 47 -18.79 6.00 -13.87
N GLU A 48 -19.17 4.81 -14.34
CA GLU A 48 -20.45 4.67 -15.04
C GLU A 48 -21.61 4.99 -14.12
N LYS A 49 -21.60 4.43 -12.90
CA LYS A 49 -22.63 4.73 -11.93
C LYS A 49 -22.62 6.21 -11.57
N ALA A 50 -21.44 6.81 -11.46
CA ALA A 50 -21.37 8.24 -11.16
C ALA A 50 -21.96 9.07 -12.27
N LYS A 51 -21.70 8.71 -13.54
CA LYS A 51 -22.25 9.46 -14.65
C LYS A 51 -23.78 9.36 -14.67
N GLU A 52 -24.32 8.17 -14.44
CA GLU A 52 -25.77 8.00 -14.41
C GLU A 52 -26.39 8.84 -13.30
N LEU A 53 -25.79 8.83 -12.11
CA LEU A 53 -26.34 9.59 -10.99
C LEU A 53 -26.23 11.09 -11.24
N THR A 54 -25.13 11.55 -11.85
CA THR A 54 -25.01 12.97 -12.12
C THR A 54 -26.03 13.42 -13.17
N ASN A 55 -26.29 12.57 -14.17
CA ASN A 55 -27.34 12.88 -15.14
C ASN A 55 -28.70 12.93 -14.47
N GLU A 56 -28.98 12.00 -13.54
CA GLU A 56 -30.24 12.02 -12.82
C GLU A 56 -30.37 13.30 -12.00
N ALA A 57 -29.30 13.71 -11.33
CA ALA A 57 -29.39 14.95 -10.54
C ALA A 57 -29.62 16.15 -11.44
N SER A 58 -28.94 16.20 -12.59
CA SER A 58 -29.16 17.28 -13.54
C SER A 58 -30.62 17.31 -14.00
N ALA A 59 -31.19 16.14 -14.29
CA ALA A 59 -32.57 16.10 -14.75
C ALA A 59 -33.55 16.51 -13.66
N LEU A 60 -33.24 16.18 -12.40
CA LEU A 60 -34.13 16.55 -11.30
C LEU A 60 -34.20 18.06 -11.15
N LEU A 61 -33.11 18.77 -11.40
CA LEU A 61 -33.01 20.21 -11.19
C LEU A 61 -33.41 21.01 -12.42
N SER A 62 -33.74 20.35 -13.53
CA SER A 62 -34.05 21.03 -14.77
C SER A 62 -35.43 20.62 -15.30
N ASP A 63 -36.27 20.03 -14.45
CA ASP A 63 -37.63 19.70 -14.84
C ASP A 63 -38.37 20.97 -15.27
N ASP A 64 -38.96 20.94 -16.46
CA ASP A 64 -39.65 22.12 -16.97
C ASP A 64 -40.91 22.43 -16.16
N SER A 65 -41.53 21.42 -15.57
CA SER A 65 -42.81 21.57 -14.89
C SER A 65 -42.69 21.43 -13.37
N THR A 66 -41.56 21.84 -12.81
CA THR A 66 -41.42 21.97 -11.37
C THR A 66 -41.68 23.42 -11.00
N GLU A 67 -42.63 23.64 -10.09
CA GLU A 67 -42.91 24.97 -9.57
C GLU A 67 -41.92 25.25 -8.44
N TRP A 68 -40.73 25.73 -8.83
CA TRP A 68 -39.67 25.93 -7.85
C TRP A 68 -40.04 27.01 -6.83
N ALA A 69 -40.79 28.02 -7.24
CA ALA A 69 -41.18 29.09 -6.31
C ALA A 69 -41.97 28.54 -5.13
N LYS A 70 -42.64 27.40 -5.31
CA LYS A 70 -43.34 26.73 -4.23
C LYS A 70 -42.42 26.29 -3.10
N PHE A 71 -41.14 26.08 -3.39
CA PHE A 71 -40.16 25.62 -2.40
C PHE A 71 -39.12 26.67 -2.05
N ALA A 72 -39.23 27.88 -2.61
CA ALA A 72 -38.16 28.85 -2.48
C ALA A 72 -38.18 29.52 -1.11
N LYS A 73 -37.01 30.00 -0.71
CA LYS A 73 -36.80 30.74 0.53
C LYS A 73 -36.49 32.19 0.19
N PRO A 74 -37.50 33.02 -0.04
CA PRO A 74 -37.24 34.41 -0.42
C PRO A 74 -36.63 35.19 0.73
N GLY A 75 -35.97 36.28 0.38
CA GLY A 75 -35.21 37.05 1.34
C GLY A 75 -33.82 36.52 1.60
N LYS A 76 -33.53 35.29 1.23
CA LYS A 76 -32.17 34.77 1.31
C LYS A 76 -31.43 35.13 0.03
N LYS A 77 -30.51 36.09 0.13
N LYS A 77 -30.50 36.09 0.12
CA LYS A 77 -29.77 36.54 -1.04
CA LYS A 77 -29.79 36.54 -1.06
C LYS A 77 -28.77 35.48 -1.50
C LYS A 77 -28.77 35.50 -1.50
N THR A 78 -28.69 35.30 -2.81
CA THR A 78 -27.80 34.32 -3.42
C THR A 78 -26.54 34.99 -3.97
N ASN A 79 -25.52 34.17 -4.22
CA ASN A 79 -24.32 34.69 -4.88
C ASN A 79 -24.61 35.09 -6.31
N LEU A 80 -25.35 34.28 -7.05
CA LEU A 80 -25.76 34.63 -8.40
C LEU A 80 -26.90 35.63 -8.35
N ASN A 81 -26.88 36.58 -9.29
CA ASN A 81 -27.99 37.50 -9.42
C ASN A 81 -29.23 36.76 -9.90
N ASP A 82 -30.37 37.04 -9.26
CA ASP A 82 -31.68 36.48 -9.61
C ASP A 82 -31.76 34.96 -9.45
N ASP A 83 -30.84 34.37 -8.67
CA ASP A 83 -30.98 32.98 -8.25
C ASP A 83 -31.89 32.92 -7.03
N GLN A 84 -32.21 31.71 -6.56
CA GLN A 84 -33.04 31.56 -5.37
C GLN A 84 -32.59 30.32 -4.62
N TYR A 85 -32.74 30.38 -3.29
CA TYR A 85 -32.51 29.21 -2.44
C TYR A 85 -33.79 28.38 -2.36
N ILE A 86 -33.65 27.08 -2.51
CA ILE A 86 -34.74 26.11 -2.46
C ILE A 86 -34.59 25.30 -1.19
N VAL A 87 -35.67 25.14 -0.44
CA VAL A 87 -35.69 24.21 0.70
C VAL A 87 -35.67 22.78 0.17
N ILE A 88 -34.63 22.02 0.55
CA ILE A 88 -34.50 20.63 0.11
C ILE A 88 -34.45 19.65 1.28
N ASN A 89 -34.45 20.11 2.52
CA ASN A 89 -34.51 19.19 3.65
C ASN A 89 -34.85 20.01 4.88
N ALA A 90 -35.29 19.33 5.93
CA ALA A 90 -35.62 20.04 7.17
C ALA A 90 -35.51 19.07 8.33
N SER A 91 -35.15 19.61 9.49
CA SER A 91 -35.05 18.83 10.72
C SER A 91 -35.47 19.71 11.90
N VAL A 92 -35.79 19.05 13.02
CA VAL A 92 -36.19 19.72 14.26
C VAL A 92 -34.97 19.84 15.17
N GLY A 93 -34.80 21.02 15.78
CA GLY A 93 -33.75 21.17 16.78
C GLY A 93 -34.38 21.54 18.12
N ILE A 94 -34.07 20.83 19.20
CA ILE A 94 -34.63 21.12 20.51
C ILE A 94 -33.52 21.55 21.46
N SER A 95 -33.76 22.63 22.21
CA SER A 95 -32.86 23.08 23.26
C SER A 95 -33.63 23.29 24.56
N GLU A 96 -33.12 22.71 25.63
CA GLU A 96 -33.66 22.93 26.98
C GLU A 96 -32.60 22.45 27.96
N SER A 97 -32.84 22.66 29.25
CA SER A 97 -31.84 22.30 30.24
C SER A 97 -32.09 20.94 30.89
N TYR A 98 -33.22 20.29 30.59
CA TYR A 98 -33.59 18.95 31.04
C TYR A 98 -33.87 18.87 32.53
N VAL A 99 -34.11 20.01 33.17
CA VAL A 99 -34.46 20.07 34.58
C VAL A 99 -35.97 19.94 34.73
N ALA A 100 -36.41 18.91 35.45
CA ALA A 100 -37.83 18.66 35.63
C ALA A 100 -38.37 19.49 36.78
N THR A 101 -39.45 20.21 36.53
CA THR A 101 -40.18 20.96 37.54
C THR A 101 -41.66 20.70 37.34
N PRO A 102 -42.48 20.91 38.37
CA PRO A 102 -43.93 20.84 38.16
C PRO A 102 -44.45 21.77 37.07
N GLU A 103 -43.98 23.02 37.02
CA GLU A 103 -44.44 23.94 35.97
C GLU A 103 -44.10 23.40 34.59
N LYS A 104 -42.88 22.87 34.43
CA LYS A 104 -42.47 22.38 33.13
C LYS A 104 -43.24 21.13 32.72
N GLU A 105 -43.42 20.18 33.65
CA GLU A 105 -44.18 19.00 33.32
C GLU A 105 -45.62 19.35 32.95
N ALA A 106 -46.21 20.34 33.66
CA ALA A 106 -47.56 20.78 33.33
C ALA A 106 -47.60 21.41 31.94
N ALA A 107 -46.60 22.22 31.61
CA ALA A 107 -46.54 22.81 30.27
C ALA A 107 -46.40 21.74 29.18
N ILE A 108 -45.57 20.73 29.42
CA ILE A 108 -45.40 19.67 28.42
C ILE A 108 -46.70 18.91 28.22
N LYS A 109 -47.41 18.61 29.31
CA LYS A 109 -48.70 17.93 29.20
C LYS A 109 -49.68 18.75 28.36
N ILE A 110 -49.73 20.07 28.58
CA ILE A 110 -50.61 20.91 27.79
C ILE A 110 -50.17 20.92 26.33
N ALA A 111 -48.87 21.08 26.08
CA ALA A 111 -48.36 21.07 24.71
C ALA A 111 -48.74 19.76 23.99
N ASN A 112 -48.63 18.64 24.69
CA ASN A 112 -48.96 17.35 24.07
C ASN A 112 -50.44 17.30 23.69
N GLU A 113 -51.30 17.82 24.57
CA GLU A 113 -52.72 17.86 24.25
C GLU A 113 -52.99 18.73 23.03
N LYS A 114 -52.29 19.86 22.91
CA LYS A 114 -52.42 20.69 21.71
C LYS A 114 -51.93 19.96 20.47
N MET A 115 -50.80 19.23 20.57
CA MET A 115 -50.33 18.47 19.42
C MET A 115 -51.34 17.41 19.00
N ALA A 116 -51.99 16.76 19.97
CA ALA A 116 -52.96 15.73 19.66
C ALA A 116 -54.13 16.29 18.85
N LYS A 117 -54.48 17.55 19.09
CA LYS A 117 -55.59 18.21 18.39
C LYS A 117 -55.15 18.86 17.09
N GLY A 118 -53.87 18.77 16.75
CA GLY A 118 -53.36 19.41 15.56
C GLY A 118 -53.00 20.88 15.72
N ASP A 119 -53.09 21.41 16.94
CA ASP A 119 -52.80 22.83 17.19
C ASP A 119 -51.29 22.99 17.34
N LYS A 120 -50.60 22.92 16.20
CA LYS A 120 -49.15 22.90 16.21
C LYS A 120 -48.56 24.21 16.72
N LYS A 121 -49.19 25.35 16.43
CA LYS A 121 -48.61 26.63 16.84
C LYS A 121 -48.74 26.84 18.34
N GLY A 122 -49.91 26.55 18.90
CA GLY A 122 -50.08 26.65 20.33
C GLY A 122 -49.16 25.71 21.09
N ALA A 123 -48.94 24.50 20.56
CA ALA A 123 -48.05 23.56 21.25
C ALA A 123 -46.65 24.13 21.35
N MET A 124 -46.15 24.74 20.27
CA MET A 124 -44.78 25.26 20.31
C MET A 124 -44.68 26.46 21.23
N GLU A 125 -45.72 27.29 21.26
CA GLU A 125 -45.70 28.44 22.16
C GLU A 125 -45.71 27.99 23.61
N GLU A 126 -46.50 26.96 23.93
CA GLU A 126 -46.53 26.44 25.29
C GLU A 126 -45.15 25.94 25.72
N LEU A 127 -44.45 25.23 24.82
CA LEU A 127 -43.10 24.77 25.12
C LEU A 127 -42.14 25.93 25.34
N ARG A 128 -42.19 26.94 24.46
CA ARG A 128 -41.30 28.10 24.61
C ARG A 128 -41.51 28.80 25.94
N LEU A 129 -42.76 28.92 26.37
CA LEU A 129 -43.05 29.53 27.66
C LEU A 129 -42.48 28.72 28.81
N ALA A 130 -42.20 27.44 28.60
CA ALA A 130 -41.62 26.59 29.64
C ALA A 130 -40.11 26.48 29.53
N GLY A 131 -39.49 27.27 28.65
CA GLY A 131 -38.04 27.26 28.52
C GLY A 131 -37.50 26.26 27.51
N VAL A 132 -38.36 25.73 26.64
CA VAL A 132 -37.95 24.80 25.59
C VAL A 132 -37.86 25.59 24.28
N GLY A 133 -36.71 25.52 23.62
CA GLY A 133 -36.55 26.13 22.31
C GLY A 133 -36.68 25.08 21.22
N VAL A 134 -37.57 25.35 20.26
CA VAL A 134 -37.77 24.44 19.13
C VAL A 134 -37.45 25.21 17.86
N MET A 135 -36.41 24.78 17.16
CA MET A 135 -36.02 25.36 15.88
C MET A 135 -36.38 24.41 14.75
N GLU A 136 -36.73 25.01 13.60
CA GLU A 136 -36.80 24.29 12.34
C GLU A 136 -35.52 24.58 11.56
N ASN A 137 -34.74 23.53 11.29
CA ASN A 137 -33.50 23.65 10.51
C ASN A 137 -33.84 23.33 9.06
N GLN A 138 -33.70 24.32 8.17
CA GLN A 138 -33.97 24.12 6.75
C GLN A 138 -32.68 24.08 5.94
N TYR A 139 -32.54 23.06 5.09
CA TYR A 139 -31.39 22.95 4.21
C TYR A 139 -31.73 23.59 2.88
N LEU A 140 -30.89 24.54 2.44
CA LEU A 140 -31.19 25.41 1.31
C LEU A 140 -30.19 25.18 0.17
N MET A 141 -30.74 25.01 -1.04
CA MET A 141 -29.96 24.74 -2.24
C MET A 141 -30.07 25.93 -3.18
N PRO A 142 -28.98 26.57 -3.59
CA PRO A 142 -29.09 27.66 -4.59
C PRO A 142 -29.25 27.05 -5.97
N LEU A 143 -30.40 27.31 -6.60
CA LEU A 143 -30.85 26.45 -7.70
C LEU A 143 -29.97 26.59 -8.93
N LYS A 144 -29.79 27.81 -9.43
CA LYS A 144 -28.98 28.00 -10.64
C LYS A 144 -27.52 27.70 -10.38
N GLN A 145 -27.02 28.10 -9.22
CA GLN A 145 -25.65 27.79 -8.84
C GLN A 145 -25.41 26.29 -8.82
N THR A 146 -26.38 25.51 -8.30
CA THR A 146 -26.19 24.07 -8.25
C THR A 146 -26.30 23.45 -9.64
N ARG A 147 -27.21 23.95 -10.47
CA ARG A 147 -27.27 23.51 -11.86
C ARG A 147 -25.95 23.76 -12.58
N ASN A 148 -25.34 24.92 -12.35
CA ASN A 148 -24.05 25.23 -12.99
C ASN A 148 -22.97 24.25 -12.52
N ALA A 149 -22.95 23.93 -11.23
CA ALA A 149 -21.94 23.00 -10.73
C ALA A 149 -22.13 21.62 -11.34
N LEU A 150 -23.38 21.17 -11.46
CA LEU A 150 -23.62 19.87 -12.06
C LEU A 150 -23.19 19.87 -13.52
N ALA A 151 -23.42 20.97 -14.22
CA ALA A 151 -23.04 21.05 -15.63
C ALA A 151 -21.52 21.03 -15.79
N ASP A 152 -20.80 21.69 -14.88
CA ASP A 152 -19.34 21.61 -14.90
C ASP A 152 -18.88 20.17 -14.65
N ALA A 153 -19.50 19.48 -13.70
CA ALA A 153 -19.13 18.10 -13.41
C ALA A 153 -19.41 17.19 -14.61
N GLN A 154 -20.48 17.46 -15.35
N GLN A 154 -20.49 17.45 -15.34
CA GLN A 154 -20.82 16.63 -16.50
CA GLN A 154 -20.81 16.63 -16.50
C GLN A 154 -19.77 16.76 -17.60
C GLN A 154 -19.74 16.74 -17.57
N LYS A 155 -19.25 17.96 -17.83
CA LYS A 155 -18.22 18.14 -18.85
C LYS A 155 -16.94 17.41 -18.46
N LEU A 156 -16.59 17.42 -17.16
CA LEU A 156 -15.41 16.70 -16.71
C LEU A 156 -15.60 15.20 -16.80
N LEU A 157 -16.80 14.70 -16.45
CA LEU A 157 -17.06 13.27 -16.57
C LEU A 157 -16.96 12.82 -18.03
N ASP A 158 -17.45 13.65 -18.95
CA ASP A 158 -17.39 13.30 -20.37
C ASP A 158 -15.95 13.18 -20.84
N LYS A 159 -15.06 14.01 -20.31
CA LYS A 159 -13.65 13.97 -20.65
C LYS A 159 -12.87 12.96 -19.80
N LYS A 160 -13.54 12.13 -19.02
CA LYS A 160 -12.92 11.09 -18.19
C LYS A 160 -12.01 11.67 -17.11
N GLN A 161 -12.24 12.95 -16.76
CA GLN A 161 -11.51 13.64 -15.69
C GLN A 161 -12.23 13.39 -14.38
N TYR A 162 -11.98 12.20 -13.81
CA TYR A 162 -12.84 11.73 -12.74
C TYR A 162 -12.54 12.38 -11.41
N TYR A 163 -11.25 12.56 -11.08
CA TYR A 163 -10.91 13.29 -9.85
C TYR A 163 -11.45 14.71 -9.89
N GLU A 164 -11.22 15.40 -11.02
CA GLU A 164 -11.69 16.76 -11.17
C GLU A 164 -13.21 16.83 -11.04
N ALA A 165 -13.90 15.84 -11.60
CA ALA A 165 -15.35 15.81 -11.47
C ALA A 165 -15.78 15.63 -10.03
N ASN A 166 -15.01 14.84 -9.26
CA ASN A 166 -15.32 14.66 -7.85
C ASN A 166 -15.24 16.00 -7.11
N LEU A 167 -14.23 16.81 -7.45
CA LEU A 167 -14.13 18.14 -6.85
C LEU A 167 -15.28 19.05 -7.29
N ALA A 168 -15.66 18.99 -8.58
CA ALA A 168 -16.76 19.83 -9.03
C ALA A 168 -18.07 19.47 -8.32
N LEU A 169 -18.31 18.17 -8.10
CA LEU A 169 -19.48 17.77 -7.34
C LEU A 169 -19.38 18.22 -5.89
N LYS A 170 -18.19 18.19 -5.31
CA LYS A 170 -18.01 18.73 -3.97
C LYS A 170 -18.39 20.21 -3.92
N GLY A 171 -18.03 20.96 -4.96
CA GLY A 171 -18.44 22.35 -5.03
C GLY A 171 -19.95 22.53 -4.99
N ALA A 172 -20.68 21.60 -5.64
CA ALA A 172 -22.14 21.67 -5.58
C ALA A 172 -22.63 21.42 -4.16
N GLU A 173 -22.01 20.47 -3.46
CA GLU A 173 -22.38 20.19 -2.08
C GLU A 173 -22.09 21.39 -1.18
N ASP A 174 -20.99 22.10 -1.43
CA ASP A 174 -20.63 23.22 -0.57
C ASP A 174 -21.57 24.40 -0.72
N GLY A 175 -22.43 24.40 -1.74
CA GLY A 175 -23.46 25.42 -1.84
C GLY A 175 -24.65 25.25 -0.92
N ILE A 176 -24.83 24.08 -0.32
CA ILE A 176 -25.97 23.84 0.56
C ILE A 176 -25.70 24.48 1.92
N ILE A 177 -26.65 25.28 2.40
CA ILE A 177 -26.53 25.94 3.69
C ILE A 177 -27.71 25.55 4.57
N VAL A 178 -27.53 25.75 5.88
CA VAL A 178 -28.58 25.50 6.87
C VAL A 178 -29.07 26.85 7.39
N ASP A 179 -30.39 26.97 7.52
CA ASP A 179 -31.05 28.16 8.04
C ASP A 179 -32.01 27.71 9.12
N SER A 180 -31.81 28.19 10.34
CA SER A 180 -32.63 27.73 11.47
C SER A 180 -33.54 28.86 11.92
N GLU A 181 -34.83 28.57 12.10
CA GLU A 181 -35.79 29.55 12.60
C GLU A 181 -36.64 28.92 13.70
N ALA A 182 -37.03 29.74 14.68
CA ALA A 182 -37.92 29.27 15.72
C ALA A 182 -39.25 28.84 15.11
N LEU A 183 -39.72 27.65 15.48
CA LEU A 183 -40.85 27.04 14.80
C LEU A 183 -42.17 27.72 15.19
N PHE A 184 -42.88 28.24 14.19
CA PHE A 184 -44.18 28.87 14.41
C PHE A 184 -44.10 30.07 15.35
N VAL A 185 -43.02 30.85 15.22
CA VAL A 185 -42.81 31.97 16.15
C VAL A 185 -43.56 33.21 15.67
N ARG B 23 -19.98 -2.01 2.07
CA ARG B 23 -21.41 -2.34 2.04
C ARG B 23 -22.20 -1.46 3.02
N ILE B 24 -23.06 -0.62 2.47
CA ILE B 24 -23.92 0.26 3.25
C ILE B 24 -25.28 -0.39 3.41
N SER B 25 -25.84 -0.33 4.63
CA SER B 25 -27.16 -0.89 4.90
C SER B 25 -28.24 0.11 4.47
N GLU B 26 -28.91 -0.17 3.35
CA GLU B 26 -29.98 0.73 2.93
C GLU B 26 -31.18 0.65 3.87
N GLN B 27 -31.36 -0.51 4.52
CA GLN B 27 -32.45 -0.63 5.49
C GLN B 27 -32.24 0.30 6.67
N GLY B 28 -31.05 0.27 7.25
CA GLY B 28 -30.78 1.16 8.37
C GLY B 28 -30.86 2.62 8.00
N LEU B 29 -30.37 2.97 6.80
CA LEU B 29 -30.43 4.37 6.37
C LEU B 29 -31.88 4.83 6.21
N TYR B 30 -32.72 4.00 5.61
CA TYR B 30 -34.13 4.32 5.44
C TYR B 30 -34.81 4.52 6.80
N ALA B 31 -34.52 3.64 7.75
CA ALA B 31 -35.09 3.75 9.09
C ALA B 31 -34.72 5.08 9.73
N MET B 32 -33.45 5.47 9.68
CA MET B 32 -33.07 6.74 10.33
C MET B 32 -33.66 7.93 9.60
N ARG B 33 -33.82 7.84 8.26
CA ARG B 33 -34.50 8.93 7.55
C ARG B 33 -35.96 9.03 7.95
N ASP B 34 -36.62 7.89 8.20
CA ASP B 34 -37.97 7.89 8.76
C ASP B 34 -38.01 8.59 10.11
N VAL B 35 -36.99 8.36 10.94
CA VAL B 35 -36.97 8.98 12.27
C VAL B 35 -36.92 10.49 12.14
N GLN B 36 -36.11 11.00 11.21
CA GLN B 36 -36.01 12.45 10.99
C GLN B 36 -37.37 13.03 10.63
N VAL B 37 -38.06 12.42 9.66
CA VAL B 37 -39.37 12.91 9.25
C VAL B 37 -40.39 12.79 10.38
N ALA B 38 -40.30 11.72 11.17
CA ALA B 38 -41.24 11.56 12.28
C ALA B 38 -41.12 12.69 13.28
N ARG B 39 -39.89 13.08 13.63
CA ARG B 39 -39.71 14.18 14.56
C ARG B 39 -40.31 15.46 14.01
N LEU B 40 -40.18 15.68 12.71
CA LEU B 40 -40.81 16.85 12.09
C LEU B 40 -42.32 16.74 12.15
N ALA B 41 -42.86 15.56 11.85
CA ALA B 41 -44.31 15.40 11.82
C ALA B 41 -44.92 15.66 13.18
N LEU B 42 -44.26 15.23 14.27
CA LEU B 42 -44.79 15.48 15.60
C LEU B 42 -45.03 16.96 15.86
N PHE B 43 -44.09 17.80 15.46
CA PHE B 43 -44.18 19.22 15.76
C PHE B 43 -44.88 20.03 14.68
N HIS B 44 -45.25 19.40 13.57
CA HIS B 44 -46.09 20.03 12.57
C HIS B 44 -47.54 19.55 12.65
N GLY B 45 -47.97 19.14 13.84
CA GLY B 45 -49.35 18.78 14.09
C GLY B 45 -49.83 17.53 13.39
N ASP B 46 -48.95 16.55 13.17
CA ASP B 46 -49.34 15.28 12.53
C ASP B 46 -48.79 14.09 13.31
N PRO B 47 -49.30 13.86 14.53
CA PRO B 47 -48.85 12.70 15.30
C PRO B 47 -49.17 11.36 14.64
N GLU B 48 -50.25 11.26 13.86
N GLU B 48 -50.26 11.26 13.88
CA GLU B 48 -50.56 9.98 13.24
CA GLU B 48 -50.57 9.99 13.22
C GLU B 48 -49.51 9.61 12.20
C GLU B 48 -49.48 9.62 12.23
N LYS B 49 -49.03 10.60 11.44
CA LYS B 49 -47.95 10.33 10.48
C LYS B 49 -46.65 9.99 11.20
N ALA B 50 -46.36 10.67 12.31
CA ALA B 50 -45.16 10.34 13.08
C ALA B 50 -45.23 8.91 13.61
N LYS B 51 -46.41 8.48 14.07
CA LYS B 51 -46.57 7.12 14.56
C LYS B 51 -46.34 6.11 13.44
N GLU B 52 -46.88 6.39 12.24
CA GLU B 52 -46.70 5.49 11.11
C GLU B 52 -45.23 5.39 10.72
N LEU B 53 -44.53 6.53 10.73
CA LEU B 53 -43.11 6.54 10.37
C LEU B 53 -42.27 5.84 11.43
N THR B 54 -42.61 6.01 12.70
CA THR B 54 -41.88 5.34 13.77
C THR B 54 -42.12 3.85 13.74
N ASN B 55 -43.37 3.42 13.48
CA ASN B 55 -43.65 2.00 13.32
C ASN B 55 -42.82 1.40 12.21
N GLU B 56 -42.66 2.13 11.10
CA GLU B 56 -41.91 1.62 9.97
C GLU B 56 -40.42 1.52 10.31
N ALA B 57 -39.89 2.54 10.99
CA ALA B 57 -38.48 2.50 11.36
C ALA B 57 -38.21 1.36 12.32
N SER B 58 -39.09 1.15 13.30
CA SER B 58 -38.89 0.05 14.25
C SER B 58 -38.95 -1.29 13.53
N ALA B 59 -39.90 -1.44 12.61
CA ALA B 59 -40.02 -2.71 11.90
C ALA B 59 -38.80 -2.98 11.03
N LEU B 60 -38.31 -1.96 10.33
CA LEU B 60 -37.11 -2.14 9.50
C LEU B 60 -35.92 -2.57 10.36
N LEU B 61 -35.71 -1.92 11.52
CA LEU B 61 -34.53 -2.26 12.32
C LEU B 61 -34.68 -3.60 13.04
N SER B 62 -35.91 -4.04 13.30
CA SER B 62 -36.16 -5.31 13.97
C SER B 62 -36.23 -6.49 13.00
N ASP B 63 -36.08 -6.25 11.71
CA ASP B 63 -36.26 -7.29 10.71
C ASP B 63 -34.95 -8.07 10.59
N ASP B 64 -34.92 -9.27 11.17
CA ASP B 64 -33.68 -10.06 11.13
C ASP B 64 -33.51 -10.86 9.84
N SER B 65 -34.42 -10.74 8.87
CA SER B 65 -34.09 -11.25 7.54
C SER B 65 -33.04 -10.38 6.86
N THR B 66 -32.86 -9.15 7.34
CA THR B 66 -31.71 -8.33 6.96
C THR B 66 -30.46 -8.90 7.63
N GLU B 67 -29.42 -9.17 6.86
CA GLU B 67 -28.19 -9.79 7.37
C GLU B 67 -27.30 -8.69 7.96
N TRP B 68 -27.70 -8.21 9.15
CA TRP B 68 -27.05 -7.05 9.75
C TRP B 68 -25.54 -7.22 9.88
N ALA B 69 -25.11 -8.42 10.29
CA ALA B 69 -23.68 -8.67 10.51
C ALA B 69 -22.85 -8.38 9.26
N LYS B 70 -23.44 -8.56 8.08
CA LYS B 70 -22.74 -8.31 6.82
C LYS B 70 -22.43 -6.83 6.61
N PHE B 71 -23.15 -5.94 7.31
CA PHE B 71 -22.90 -4.50 7.21
C PHE B 71 -22.20 -3.94 8.43
N ALA B 72 -21.84 -4.78 9.41
CA ALA B 72 -21.27 -4.30 10.65
C ALA B 72 -19.84 -3.81 10.46
N LYS B 73 -19.44 -2.88 11.32
CA LYS B 73 -18.08 -2.35 11.33
C LYS B 73 -17.32 -3.07 12.43
N PRO B 74 -16.47 -4.04 12.10
CA PRO B 74 -15.77 -4.79 13.15
C PRO B 74 -14.74 -3.92 13.84
N GLY B 75 -14.51 -4.21 15.12
CA GLY B 75 -13.51 -3.53 15.90
C GLY B 75 -13.95 -2.20 16.49
N LYS B 76 -15.16 -1.75 16.20
CA LYS B 76 -15.70 -0.52 16.77
C LYS B 76 -16.58 -0.90 17.95
N LYS B 77 -16.13 -0.59 19.16
CA LYS B 77 -16.84 -1.00 20.37
C LYS B 77 -18.07 -0.13 20.59
N THR B 78 -19.20 -0.77 20.86
CA THR B 78 -20.44 -0.07 21.17
C THR B 78 -20.60 0.14 22.67
N ASN B 79 -21.55 1.01 23.02
CA ASN B 79 -21.88 1.22 24.43
C ASN B 79 -22.46 -0.05 25.05
N LEU B 80 -23.37 -0.72 24.36
CA LEU B 80 -23.95 -1.96 24.86
C LEU B 80 -23.02 -3.14 24.60
N ASN B 81 -23.03 -4.08 25.56
CA ASN B 81 -22.07 -5.18 25.60
C ASN B 81 -22.02 -5.96 24.28
N ASP B 82 -23.16 -6.46 23.83
CA ASP B 82 -23.19 -7.37 22.70
C ASP B 82 -23.80 -6.72 21.45
N ASP B 83 -23.49 -5.45 21.23
CA ASP B 83 -24.03 -4.69 20.12
C ASP B 83 -22.99 -4.55 19.00
N GLN B 84 -23.42 -3.96 17.90
N GLN B 84 -23.43 -3.99 17.88
CA GLN B 84 -22.56 -3.78 16.73
CA GLN B 84 -22.56 -3.78 16.73
C GLN B 84 -22.95 -2.48 16.04
C GLN B 84 -22.95 -2.48 16.05
N TYR B 85 -21.95 -1.80 15.48
CA TYR B 85 -22.19 -0.64 14.63
C TYR B 85 -22.44 -1.08 13.19
N ILE B 86 -23.54 -0.62 12.61
CA ILE B 86 -23.95 -0.92 11.24
C ILE B 86 -23.59 0.27 10.37
N VAL B 87 -22.91 0.03 9.25
CA VAL B 87 -22.66 1.12 8.30
C VAL B 87 -23.97 1.42 7.58
N ILE B 88 -24.45 2.66 7.70
CA ILE B 88 -25.70 3.06 7.07
C ILE B 88 -25.54 4.17 6.07
N ASN B 89 -24.36 4.77 5.95
CA ASN B 89 -24.14 5.82 4.96
C ASN B 89 -22.63 6.02 4.81
N ALA B 90 -22.23 6.63 3.72
CA ALA B 90 -20.81 6.86 3.46
C ALA B 90 -20.68 8.05 2.52
N SER B 91 -19.59 8.81 2.69
CA SER B 91 -19.29 9.95 1.85
C SER B 91 -17.78 10.05 1.68
N VAL B 92 -17.37 10.87 0.71
CA VAL B 92 -15.96 11.07 0.38
C VAL B 92 -15.51 12.45 0.85
N GLY B 93 -14.29 12.50 1.39
CA GLY B 93 -13.66 13.75 1.79
C GLY B 93 -12.28 13.90 1.18
N ILE B 94 -12.04 15.01 0.48
CA ILE B 94 -10.77 15.24 -0.22
C ILE B 94 -10.01 16.35 0.48
N SER B 95 -8.71 16.14 0.75
CA SER B 95 -7.81 17.16 1.29
C SER B 95 -6.66 17.37 0.33
N GLU B 96 -6.45 18.62 -0.08
CA GLU B 96 -5.29 18.99 -0.88
C GLU B 96 -5.19 20.51 -0.85
N SER B 97 -4.08 21.04 -1.38
CA SER B 97 -3.82 22.47 -1.28
C SER B 97 -4.21 23.24 -2.52
N TYR B 98 -4.63 22.55 -3.58
CA TYR B 98 -5.12 23.13 -4.84
C TYR B 98 -4.04 23.87 -5.62
N VAL B 99 -2.78 23.55 -5.37
CA VAL B 99 -1.66 24.12 -6.12
C VAL B 99 -1.31 23.18 -7.26
N ALA B 100 -1.48 23.63 -8.49
CA ALA B 100 -1.17 22.81 -9.65
C ALA B 100 0.34 22.72 -9.83
N THR B 101 0.87 21.49 -9.80
CA THR B 101 2.27 21.21 -10.08
C THR B 101 2.32 20.10 -11.12
N PRO B 102 3.37 20.07 -11.95
CA PRO B 102 3.46 18.99 -12.96
C PRO B 102 3.34 17.61 -12.36
N GLU B 103 3.87 17.40 -11.16
CA GLU B 103 3.77 16.09 -10.52
C GLU B 103 2.34 15.74 -10.15
N LYS B 104 1.63 16.68 -9.51
CA LYS B 104 0.26 16.37 -9.12
C LYS B 104 -0.63 16.17 -10.34
N GLU B 105 -0.42 16.99 -11.38
CA GLU B 105 -1.25 16.85 -12.58
C GLU B 105 -1.03 15.50 -13.28
N ALA B 106 0.21 15.01 -13.27
CA ALA B 106 0.47 13.69 -13.82
C ALA B 106 -0.13 12.59 -12.95
N ALA B 107 -0.06 12.74 -11.63
CA ALA B 107 -0.67 11.75 -10.74
C ALA B 107 -2.18 11.70 -10.90
N ILE B 108 -2.82 12.84 -11.11
CA ILE B 108 -4.26 12.87 -11.33
C ILE B 108 -4.62 12.16 -12.63
N LYS B 109 -3.82 12.36 -13.68
CA LYS B 109 -4.03 11.65 -14.94
C LYS B 109 -3.98 10.14 -14.73
N ILE B 110 -2.95 9.67 -14.04
CA ILE B 110 -2.82 8.24 -13.78
C ILE B 110 -3.96 7.74 -12.91
N ALA B 111 -4.31 8.49 -11.86
CA ALA B 111 -5.41 8.07 -11.00
C ALA B 111 -6.71 7.95 -11.79
N ASN B 112 -6.96 8.89 -12.71
CA ASN B 112 -8.18 8.82 -13.52
C ASN B 112 -8.20 7.58 -14.40
N GLU B 113 -7.05 7.23 -14.98
CA GLU B 113 -6.96 6.02 -15.79
C GLU B 113 -7.27 4.78 -14.94
N LYS B 114 -6.73 4.73 -13.72
CA LYS B 114 -7.00 3.57 -12.88
C LYS B 114 -8.46 3.50 -12.45
N MET B 115 -9.08 4.66 -12.18
CA MET B 115 -10.51 4.67 -11.91
C MET B 115 -11.30 4.11 -13.09
N ALA B 116 -10.94 4.51 -14.31
CA ALA B 116 -11.65 4.02 -15.48
C ALA B 116 -11.51 2.53 -15.65
N LYS B 117 -10.37 1.96 -15.26
CA LYS B 117 -10.17 0.51 -15.29
C LYS B 117 -10.70 -0.17 -14.04
N GLY B 118 -11.31 0.56 -13.12
CA GLY B 118 -11.80 -0.04 -11.89
C GLY B 118 -10.75 -0.38 -10.85
N ASP B 119 -9.48 0.02 -11.06
CA ASP B 119 -8.41 -0.19 -10.08
C ASP B 119 -8.51 0.89 -9.01
N LYS B 120 -9.57 0.76 -8.20
CA LYS B 120 -9.90 1.80 -7.24
C LYS B 120 -8.81 1.98 -6.19
N LYS B 121 -8.14 0.90 -5.79
CA LYS B 121 -7.14 1.03 -4.75
C LYS B 121 -5.89 1.71 -5.30
N GLY B 122 -5.42 1.30 -6.48
CA GLY B 122 -4.32 2.01 -7.10
C GLY B 122 -4.62 3.48 -7.36
N ALA B 123 -5.87 3.81 -7.67
CA ALA B 123 -6.19 5.21 -7.95
C ALA B 123 -6.04 6.06 -6.69
N MET B 124 -6.53 5.56 -5.55
CA MET B 124 -6.42 6.34 -4.33
C MET B 124 -4.98 6.41 -3.85
N GLU B 125 -4.21 5.32 -4.06
N GLU B 125 -4.21 5.33 -4.06
CA GLU B 125 -2.79 5.35 -3.69
CA GLU B 125 -2.80 5.34 -3.70
C GLU B 125 -2.03 6.36 -4.52
C GLU B 125 -2.02 6.34 -4.54
N GLU B 126 -2.34 6.43 -5.83
CA GLU B 126 -1.69 7.42 -6.70
C GLU B 126 -1.93 8.84 -6.18
N LEU B 127 -3.17 9.16 -5.81
CA LEU B 127 -3.45 10.49 -5.28
C LEU B 127 -2.71 10.75 -3.98
N ARG B 128 -2.77 9.78 -3.06
CA ARG B 128 -2.11 9.82 -1.77
C ARG B 128 -0.61 10.16 -1.91
N LEU B 129 0.05 9.50 -2.86
CA LEU B 129 1.48 9.69 -3.06
C LEU B 129 1.80 11.03 -3.70
N ALA B 130 0.82 11.74 -4.25
CA ALA B 130 1.03 13.08 -4.78
C ALA B 130 0.49 14.16 -3.87
N GLY B 131 0.14 13.84 -2.62
CA GLY B 131 -0.30 14.83 -1.66
C GLY B 131 -1.78 15.10 -1.65
N VAL B 132 -2.58 14.26 -2.29
CA VAL B 132 -4.04 14.41 -2.28
C VAL B 132 -4.59 13.32 -1.38
N GLY B 133 -5.11 13.71 -0.22
CA GLY B 133 -5.64 12.76 0.74
C GLY B 133 -7.13 12.52 0.56
N VAL B 134 -7.52 11.26 0.49
CA VAL B 134 -8.93 10.89 0.32
C VAL B 134 -9.37 10.05 1.50
N MET B 135 -10.41 10.51 2.19
CA MET B 135 -11.01 9.78 3.30
C MET B 135 -12.39 9.27 2.89
N GLU B 136 -12.76 8.13 3.46
CA GLU B 136 -14.14 7.67 3.39
C GLU B 136 -14.75 7.86 4.77
N ASN B 137 -15.86 8.59 4.83
CA ASN B 137 -16.56 8.86 6.08
C ASN B 137 -17.75 7.91 6.15
N GLN B 138 -17.75 7.02 7.13
CA GLN B 138 -18.86 6.07 7.28
C GLN B 138 -19.74 6.45 8.46
N TYR B 139 -21.06 6.45 8.23
CA TYR B 139 -22.01 6.74 9.29
C TYR B 139 -22.43 5.43 9.92
N LEU B 140 -22.31 5.34 11.25
CA LEU B 140 -22.43 4.08 11.98
C LEU B 140 -23.59 4.14 12.94
N MET B 141 -24.45 3.13 12.87
CA MET B 141 -25.64 3.02 13.70
C MET B 141 -25.51 1.84 14.65
N PRO B 142 -25.56 2.04 15.97
CA PRO B 142 -25.50 0.90 16.89
C PRO B 142 -26.86 0.20 16.93
N LEU B 143 -26.90 -1.05 16.48
CA LEU B 143 -28.18 -1.66 16.10
C LEU B 143 -29.11 -1.84 17.30
N LYS B 144 -28.66 -2.57 18.33
CA LYS B 144 -29.54 -2.81 19.47
C LYS B 144 -29.82 -1.52 20.24
N GLN B 145 -28.82 -0.65 20.38
CA GLN B 145 -29.03 0.63 21.03
C GLN B 145 -30.11 1.44 20.32
N THR B 146 -30.09 1.44 18.99
CA THR B 146 -31.08 2.18 18.21
C THR B 146 -32.46 1.52 18.33
N ARG B 147 -32.52 0.18 18.25
CA ARG B 147 -33.79 -0.52 18.48
C ARG B 147 -34.39 -0.15 19.83
N ASN B 148 -33.53 -0.07 20.86
CA ASN B 148 -34.01 0.28 22.20
C ASN B 148 -34.58 1.69 22.23
N ALA B 149 -33.92 2.62 21.53
CA ALA B 149 -34.40 4.01 21.55
C ALA B 149 -35.74 4.13 20.85
N LEU B 150 -35.93 3.40 19.75
CA LEU B 150 -37.23 3.42 19.07
C LEU B 150 -38.31 2.77 19.92
N ALA B 151 -37.99 1.68 20.62
CA ALA B 151 -38.98 1.08 21.51
C ALA B 151 -39.41 2.03 22.61
N ASP B 152 -38.47 2.81 23.14
CA ASP B 152 -38.83 3.83 24.13
C ASP B 152 -39.76 4.87 23.51
N ALA B 153 -39.46 5.30 22.28
CA ALA B 153 -40.31 6.30 21.64
C ALA B 153 -41.70 5.73 21.37
N GLN B 154 -41.79 4.45 21.01
CA GLN B 154 -43.09 3.84 20.75
C GLN B 154 -43.96 3.86 21.99
N LYS B 155 -43.38 3.51 23.15
CA LYS B 155 -44.16 3.56 24.39
C LYS B 155 -44.67 4.95 24.64
N LEU B 156 -43.83 5.96 24.40
CA LEU B 156 -44.26 7.34 24.62
C LEU B 156 -45.36 7.75 23.65
N LEU B 157 -45.21 7.38 22.36
CA LEU B 157 -46.25 7.70 21.39
C LEU B 157 -47.57 7.04 21.77
N ASP B 158 -47.52 5.83 22.31
CA ASP B 158 -48.75 5.14 22.70
C ASP B 158 -49.45 5.85 23.85
N LYS B 159 -48.70 6.55 24.70
CA LYS B 159 -49.27 7.31 25.81
C LYS B 159 -49.56 8.75 25.44
N LYS B 160 -49.42 9.12 24.16
CA LYS B 160 -49.67 10.48 23.67
C LYS B 160 -48.68 11.48 24.26
N GLN B 161 -47.50 11.01 24.65
CA GLN B 161 -46.44 11.88 25.19
C GLN B 161 -45.55 12.32 24.05
N TYR B 162 -46.07 13.27 23.26
CA TYR B 162 -45.46 13.57 21.96
C TYR B 162 -44.15 14.33 22.09
N TYR B 163 -44.06 15.31 23.00
CA TYR B 163 -42.79 15.99 23.18
C TYR B 163 -41.71 15.02 23.65
N GLU B 164 -42.04 14.18 24.62
CA GLU B 164 -41.09 13.19 25.12
C GLU B 164 -40.68 12.21 24.02
N ALA B 165 -41.64 11.79 23.19
CA ALA B 165 -41.30 10.92 22.07
C ALA B 165 -40.34 11.62 21.11
N ASN B 166 -40.48 12.93 20.92
CA ASN B 166 -39.55 13.64 20.06
C ASN B 166 -38.14 13.58 20.61
N LEU B 167 -37.99 13.73 21.93
CA LEU B 167 -36.67 13.61 22.56
C LEU B 167 -36.10 12.20 22.46
N ALA B 168 -36.95 11.17 22.61
CA ALA B 168 -36.44 9.80 22.52
C ALA B 168 -35.95 9.49 21.12
N LEU B 169 -36.66 10.01 20.10
CA LEU B 169 -36.20 9.88 18.73
C LEU B 169 -34.92 10.66 18.49
N LYS B 170 -34.80 11.85 19.10
CA LYS B 170 -33.54 12.58 19.06
C LYS B 170 -32.41 11.74 19.63
N GLY B 171 -32.68 11.04 20.74
CA GLY B 171 -31.65 10.17 21.31
C GLY B 171 -31.23 9.07 20.35
N ALA B 172 -32.17 8.53 19.60
CA ALA B 172 -31.80 7.55 18.57
C ALA B 172 -30.85 8.17 17.55
N GLU B 173 -31.13 9.40 17.10
CA GLU B 173 -30.27 10.03 16.11
C GLU B 173 -28.88 10.32 16.68
N ASP B 174 -28.82 10.66 17.97
CA ASP B 174 -27.56 10.99 18.61
C ASP B 174 -26.64 9.79 18.76
N GLY B 175 -27.16 8.57 18.61
CA GLY B 175 -26.29 7.40 18.60
C GLY B 175 -25.54 7.17 17.30
N ILE B 176 -25.87 7.90 16.24
CA ILE B 176 -25.18 7.77 14.96
C ILE B 176 -23.85 8.53 15.03
N ILE B 177 -22.75 7.87 14.67
CA ILE B 177 -21.43 8.48 14.70
C ILE B 177 -20.80 8.40 13.32
N VAL B 178 -19.76 9.22 13.11
CA VAL B 178 -19.00 9.21 11.87
C VAL B 178 -17.62 8.62 12.16
N ASP B 179 -17.18 7.72 11.28
CA ASP B 179 -15.85 7.11 11.37
C ASP B 179 -15.18 7.32 10.03
N SER B 180 -14.07 8.07 10.01
CA SER B 180 -13.38 8.43 8.78
C SER B 180 -12.11 7.60 8.67
N GLU B 181 -11.87 7.01 7.51
CA GLU B 181 -10.68 6.20 7.30
C GLU B 181 -10.10 6.50 5.94
N ALA B 182 -8.76 6.50 5.83
CA ALA B 182 -8.14 6.72 4.53
C ALA B 182 -8.54 5.62 3.57
N LEU B 183 -9.06 6.01 2.41
CA LEU B 183 -9.74 5.07 1.52
C LEU B 183 -8.74 4.14 0.84
N PHE B 184 -8.90 2.84 1.05
CA PHE B 184 -8.03 1.81 0.45
C PHE B 184 -6.56 2.00 0.84
N VAL B 185 -6.30 2.49 2.04
CA VAL B 185 -4.91 2.72 2.45
C VAL B 185 -4.25 1.40 2.82
N GLU C 22 -20.50 42.90 11.75
CA GLU C 22 -19.62 41.82 11.29
C GLU C 22 -18.52 41.54 12.29
N ARG C 23 -18.75 41.88 13.56
CA ARG C 23 -17.80 41.61 14.63
C ARG C 23 -18.31 40.47 15.50
N ILE C 24 -17.38 39.66 15.96
CA ILE C 24 -17.64 38.49 16.79
C ILE C 24 -17.53 38.90 18.27
N SER C 25 -18.45 38.41 19.10
CA SER C 25 -18.28 38.56 20.55
C SER C 25 -17.26 37.51 21.02
N GLU C 26 -16.04 37.96 21.30
CA GLU C 26 -15.04 37.04 21.83
C GLU C 26 -15.39 36.56 23.23
N GLN C 27 -16.13 37.38 23.99
CA GLN C 27 -16.58 36.96 25.32
C GLN C 27 -17.53 35.77 25.23
N GLY C 28 -18.54 35.88 24.37
CA GLY C 28 -19.48 34.76 24.20
C GLY C 28 -18.80 33.53 23.66
N LEU C 29 -17.85 33.70 22.73
CA LEU C 29 -17.15 32.54 22.18
C LEU C 29 -16.31 31.84 23.25
N TYR C 30 -15.63 32.64 24.08
CA TYR C 30 -14.83 32.08 25.17
C TYR C 30 -15.70 31.32 26.16
N ALA C 31 -16.88 31.86 26.47
CA ALA C 31 -17.81 31.19 27.39
C ALA C 31 -18.24 29.84 26.83
N MET C 32 -18.61 29.80 25.56
CA MET C 32 -19.07 28.53 24.99
C MET C 32 -17.92 27.53 24.88
N ARG C 33 -16.68 28.01 24.68
CA ARG C 33 -15.56 27.07 24.70
C ARG C 33 -15.34 26.50 26.10
N ASP C 34 -15.49 27.33 27.15
CA ASP C 34 -15.49 26.83 28.53
C ASP C 34 -16.54 25.73 28.73
N VAL C 35 -17.74 25.93 28.18
CA VAL C 35 -18.81 24.95 28.36
C VAL C 35 -18.40 23.59 27.80
N GLN C 36 -17.78 23.59 26.61
CA GLN C 36 -17.36 22.32 26.00
C GLN C 36 -16.36 21.59 26.87
N VAL C 37 -15.38 22.33 27.41
CA VAL C 37 -14.37 21.71 28.25
C VAL C 37 -15.00 21.21 29.54
N ALA C 38 -15.92 21.99 30.11
CA ALA C 38 -16.58 21.60 31.35
C ALA C 38 -17.35 20.29 31.19
N ARG C 39 -18.09 20.13 30.09
CA ARG C 39 -18.87 18.90 29.89
C ARG C 39 -17.96 17.69 29.87
N LEU C 40 -16.86 17.78 29.14
CA LEU C 40 -15.96 16.63 29.06
C LEU C 40 -15.30 16.35 30.41
N ALA C 41 -14.95 17.40 31.16
CA ALA C 41 -14.36 17.20 32.48
C ALA C 41 -15.30 16.43 33.42
N LEU C 42 -16.61 16.61 33.27
CA LEU C 42 -17.55 15.87 34.10
C LEU C 42 -17.46 14.36 33.86
N PHE C 43 -17.01 13.92 32.69
CA PHE C 43 -16.87 12.49 32.45
C PHE C 43 -15.44 12.01 32.45
N HIS C 44 -14.48 12.91 32.28
CA HIS C 44 -13.13 12.54 31.86
C HIS C 44 -12.06 13.38 32.54
N GLY C 45 -12.43 14.34 33.36
CA GLY C 45 -11.48 15.10 34.14
C GLY C 45 -12.03 15.40 35.52
N ASP C 46 -11.78 16.61 36.00
CA ASP C 46 -12.11 16.98 37.35
C ASP C 46 -13.49 17.63 37.41
N PRO C 47 -14.44 17.10 38.18
CA PRO C 47 -15.69 17.86 38.40
C PRO C 47 -15.47 19.22 39.06
N GLU C 48 -14.42 19.36 39.89
CA GLU C 48 -14.12 20.69 40.42
C GLU C 48 -13.74 21.64 39.29
N LYS C 49 -12.99 21.15 38.30
CA LYS C 49 -12.65 21.98 37.16
C LYS C 49 -13.90 22.28 36.33
N ALA C 50 -14.81 21.32 36.22
CA ALA C 50 -16.07 21.59 35.53
C ALA C 50 -16.84 22.71 36.22
N LYS C 51 -16.88 22.71 37.55
CA LYS C 51 -17.59 23.77 38.27
C LYS C 51 -16.94 25.12 38.04
N GLU C 52 -15.61 25.16 38.08
CA GLU C 52 -14.88 26.40 37.85
C GLU C 52 -15.11 26.93 36.44
N LEU C 53 -15.06 26.05 35.45
CA LEU C 53 -15.31 26.48 34.07
C LEU C 53 -16.75 26.97 33.90
N THR C 54 -17.71 26.28 34.52
CA THR C 54 -19.10 26.70 34.38
C THR C 54 -19.32 28.06 35.07
N ASN C 55 -18.70 28.27 36.24
CA ASN C 55 -18.80 29.57 36.89
C ASN C 55 -18.20 30.68 36.02
N GLU C 56 -17.09 30.39 35.35
CA GLU C 56 -16.47 31.40 34.51
C GLU C 56 -17.33 31.72 33.29
N ALA C 57 -17.85 30.68 32.64
CA ALA C 57 -18.76 30.89 31.50
C ALA C 57 -19.99 31.68 31.90
N SER C 58 -20.58 31.33 33.04
CA SER C 58 -21.76 32.04 33.50
C SER C 58 -21.43 33.50 33.80
N ALA C 59 -20.26 33.75 34.41
CA ALA C 59 -19.90 35.12 34.76
C ALA C 59 -19.63 35.94 33.52
N LEU C 60 -19.00 35.33 32.50
CA LEU C 60 -18.76 36.04 31.26
C LEU C 60 -20.08 36.42 30.58
N LEU C 61 -21.06 35.51 30.58
CA LEU C 61 -22.31 35.82 29.88
C LEU C 61 -23.17 36.81 30.65
N SER C 62 -23.02 36.85 31.97
CA SER C 62 -23.83 37.73 32.82
C SER C 62 -23.24 39.12 32.98
N ASP C 63 -22.10 39.39 32.35
CA ASP C 63 -21.38 40.65 32.52
C ASP C 63 -21.94 41.68 31.54
N ASP C 64 -22.73 42.62 32.04
CA ASP C 64 -23.30 43.62 31.14
C ASP C 64 -22.35 44.79 30.88
N SER C 65 -21.10 44.75 31.35
CA SER C 65 -20.12 45.68 30.82
C SER C 65 -19.75 45.32 29.39
N THR C 66 -20.01 44.07 28.98
CA THR C 66 -19.91 43.73 27.56
C THR C 66 -21.11 44.33 26.84
N GLU C 67 -20.87 44.99 25.71
CA GLU C 67 -21.92 45.68 24.97
C GLU C 67 -22.60 44.70 24.02
N TRP C 68 -23.39 43.77 24.61
CA TRP C 68 -23.92 42.64 23.85
C TRP C 68 -24.67 43.09 22.61
N ALA C 69 -25.48 44.14 22.75
CA ALA C 69 -26.31 44.60 21.63
C ALA C 69 -25.46 44.93 20.42
N LYS C 70 -24.21 45.37 20.63
CA LYS C 70 -23.31 45.67 19.52
C LYS C 70 -22.95 44.43 18.71
N PHE C 71 -23.12 43.23 19.27
CA PHE C 71 -22.81 41.99 18.57
C PHE C 71 -24.05 41.21 18.18
N ALA C 72 -25.23 41.80 18.31
CA ALA C 72 -26.47 41.08 18.07
C ALA C 72 -26.77 40.97 16.58
N LYS C 73 -27.48 39.91 16.22
CA LYS C 73 -27.99 39.71 14.87
C LYS C 73 -29.45 40.11 14.86
N PRO C 74 -29.79 41.30 14.37
N PRO C 74 -29.81 41.23 14.23
CA PRO C 74 -31.18 41.71 14.31
CA PRO C 74 -31.08 41.89 14.59
C PRO C 74 -31.94 40.91 13.27
C PRO C 74 -32.34 41.13 14.19
N GLY C 75 -33.24 40.77 13.49
N GLY C 75 -32.39 40.53 12.99
CA GLY C 75 -34.11 40.03 12.62
CA GLY C 75 -33.63 40.02 12.45
C GLY C 75 -34.27 38.57 13.02
C GLY C 75 -33.89 38.55 12.66
N LYS C 76 -33.29 37.99 13.70
CA LYS C 76 -33.39 36.57 14.05
C LYS C 76 -34.26 36.46 15.30
N LYS C 77 -35.50 36.01 15.12
CA LYS C 77 -36.42 35.88 16.24
C LYS C 77 -35.97 34.78 17.19
N THR C 78 -36.05 35.07 18.49
CA THR C 78 -35.57 34.17 19.54
C THR C 78 -36.73 33.40 20.16
N ASN C 79 -36.39 32.37 20.92
CA ASN C 79 -37.42 31.58 21.58
C ASN C 79 -37.99 32.28 22.81
N LEU C 80 -37.14 32.95 23.56
CA LEU C 80 -37.61 33.75 24.68
C LEU C 80 -38.05 35.13 24.18
N ASN C 81 -39.01 35.72 24.87
CA ASN C 81 -39.36 37.09 24.55
C ASN C 81 -38.21 38.02 24.93
N ASP C 82 -37.95 38.99 24.06
CA ASP C 82 -36.99 40.06 24.34
C ASP C 82 -35.56 39.54 24.48
N ASP C 83 -35.24 38.44 23.81
CA ASP C 83 -33.87 37.94 23.79
C ASP C 83 -33.21 38.39 22.48
N GLN C 84 -31.91 38.14 22.36
CA GLN C 84 -31.19 38.45 21.15
C GLN C 84 -30.19 37.35 20.84
N TYR C 85 -30.00 37.08 19.56
CA TYR C 85 -28.90 36.22 19.12
C TYR C 85 -27.63 37.05 19.00
N ILE C 86 -26.54 36.54 19.58
CA ILE C 86 -25.25 37.22 19.59
C ILE C 86 -24.31 36.47 18.65
N VAL C 87 -23.65 37.19 17.75
CA VAL C 87 -22.63 36.55 16.90
C VAL C 87 -21.42 36.22 17.74
N ILE C 88 -21.08 34.92 17.84
CA ILE C 88 -19.94 34.49 18.64
C ILE C 88 -18.86 33.81 17.82
N ASN C 89 -19.05 33.57 16.53
CA ASN C 89 -18.00 33.00 15.69
C ASN C 89 -18.38 33.25 14.23
N ALA C 90 -17.39 33.15 13.36
CA ALA C 90 -17.63 33.33 11.92
C ALA C 90 -16.59 32.54 11.13
N SER C 91 -17.02 32.06 9.95
CA SER C 91 -16.15 31.34 9.03
C SER C 91 -16.56 31.65 7.60
N VAL C 92 -15.66 31.35 6.64
CA VAL C 92 -15.94 31.50 5.21
C VAL C 92 -16.30 30.15 4.60
N GLY C 93 -17.29 30.14 3.73
CA GLY C 93 -17.59 28.98 2.92
C GLY C 93 -17.45 29.28 1.44
N ILE C 94 -16.65 28.47 0.75
CA ILE C 94 -16.31 28.66 -0.66
C ILE C 94 -16.98 27.57 -1.48
N SER C 95 -17.67 27.97 -2.55
CA SER C 95 -18.22 27.03 -3.53
C SER C 95 -17.68 27.38 -4.91
N GLU C 96 -17.07 26.41 -5.57
CA GLU C 96 -16.67 26.58 -6.97
C GLU C 96 -16.35 25.19 -7.52
N SER C 97 -16.09 25.16 -8.82
N SER C 97 -16.07 25.14 -8.82
CA SER C 97 -15.86 23.92 -9.56
CA SER C 97 -15.87 23.87 -9.49
C SER C 97 -14.43 23.44 -9.50
C SER C 97 -14.40 23.49 -9.66
N TYR C 98 -13.47 24.34 -9.22
CA TYR C 98 -12.03 24.05 -9.18
C TYR C 98 -11.45 23.76 -10.57
N VAL C 99 -12.05 24.30 -11.62
CA VAL C 99 -11.56 24.13 -12.98
C VAL C 99 -10.88 25.42 -13.43
N ALA C 100 -9.60 25.31 -13.79
CA ALA C 100 -8.83 26.49 -14.19
C ALA C 100 -9.09 26.82 -15.66
N THR C 101 -9.34 28.10 -15.93
CA THR C 101 -9.46 28.64 -17.28
C THR C 101 -8.73 29.97 -17.34
N PRO C 102 -8.32 30.40 -18.53
CA PRO C 102 -7.70 31.74 -18.63
C PRO C 102 -8.60 32.87 -18.12
N GLU C 103 -9.88 32.88 -18.49
CA GLU C 103 -10.79 33.87 -17.96
C GLU C 103 -10.81 33.87 -16.44
N LYS C 104 -10.86 32.67 -15.84
CA LYS C 104 -10.96 32.56 -14.39
C LYS C 104 -9.67 33.04 -13.72
N GLU C 105 -8.52 32.61 -14.23
CA GLU C 105 -7.25 33.02 -13.63
C GLU C 105 -7.03 34.53 -13.79
N ALA C 106 -7.51 35.11 -14.89
CA ALA C 106 -7.42 36.56 -15.05
C ALA C 106 -8.29 37.27 -14.03
N ALA C 107 -9.49 36.75 -13.76
CA ALA C 107 -10.37 37.38 -12.78
C ALA C 107 -9.82 37.19 -11.37
N ILE C 108 -9.26 36.03 -11.07
CA ILE C 108 -8.72 35.81 -9.73
C ILE C 108 -7.53 36.74 -9.47
N LYS C 109 -6.67 36.93 -10.48
CA LYS C 109 -5.56 37.86 -10.34
C LYS C 109 -6.04 39.26 -9.98
N ILE C 110 -7.15 39.71 -10.58
CA ILE C 110 -7.68 41.02 -10.26
C ILE C 110 -8.30 41.02 -8.86
N ALA C 111 -8.94 39.91 -8.49
CA ALA C 111 -9.46 39.81 -7.12
C ALA C 111 -8.35 39.97 -6.10
N ASN C 112 -7.20 39.34 -6.33
CA ASN C 112 -6.10 39.42 -5.38
C ASN C 112 -5.57 40.84 -5.26
N GLU C 113 -5.56 41.57 -6.36
CA GLU C 113 -5.10 42.96 -6.34
C GLU C 113 -6.02 43.84 -5.50
N LYS C 114 -7.34 43.64 -5.62
CA LYS C 114 -8.27 44.43 -4.82
C LYS C 114 -8.23 44.02 -3.35
N MET C 115 -8.04 42.73 -3.06
CA MET C 115 -7.82 42.31 -1.67
C MET C 115 -6.63 43.05 -1.06
N ALA C 116 -5.55 43.18 -1.82
CA ALA C 116 -4.36 43.86 -1.31
C ALA C 116 -4.65 45.31 -0.96
N LYS C 117 -5.51 45.96 -1.73
CA LYS C 117 -5.89 47.35 -1.49
C LYS C 117 -7.05 47.48 -0.51
N GLY C 118 -7.41 46.41 0.18
CA GLY C 118 -8.51 46.46 1.12
C GLY C 118 -9.88 46.62 0.51
N ASP C 119 -9.99 46.60 -0.82
CA ASP C 119 -11.26 46.72 -1.52
C ASP C 119 -11.97 45.37 -1.46
N LYS C 120 -12.54 45.08 -0.29
CA LYS C 120 -13.14 43.77 -0.06
C LYS C 120 -14.38 43.54 -0.91
N LYS C 121 -15.13 44.61 -1.22
CA LYS C 121 -16.31 44.46 -2.06
C LYS C 121 -15.93 44.22 -3.52
N GLY C 122 -15.00 45.02 -4.04
CA GLY C 122 -14.57 44.82 -5.41
C GLY C 122 -13.89 43.48 -5.63
N ALA C 123 -13.15 43.00 -4.62
CA ALA C 123 -12.56 41.68 -4.70
C ALA C 123 -13.63 40.60 -4.82
N MET C 124 -14.73 40.75 -4.08
CA MET C 124 -15.79 39.75 -4.11
C MET C 124 -16.50 39.73 -5.46
N GLU C 125 -16.68 40.92 -6.07
CA GLU C 125 -17.26 40.98 -7.41
C GLU C 125 -16.39 40.26 -8.42
N GLU C 126 -15.07 40.35 -8.24
CA GLU C 126 -14.16 39.70 -9.18
C GLU C 126 -14.20 38.19 -9.02
N LEU C 127 -14.32 37.71 -7.78
CA LEU C 127 -14.42 36.26 -7.56
C LEU C 127 -15.70 35.70 -8.15
N ARG C 128 -16.80 36.46 -8.09
CA ARG C 128 -18.03 35.97 -8.70
C ARG C 128 -17.91 35.92 -10.21
N LEU C 129 -17.12 36.81 -10.81
CA LEU C 129 -16.81 36.68 -12.24
C LEU C 129 -16.06 35.39 -12.52
N ALA C 130 -15.18 34.98 -11.60
CA ALA C 130 -14.41 33.76 -11.77
C ALA C 130 -15.22 32.50 -11.53
N GLY C 131 -16.49 32.63 -11.14
CA GLY C 131 -17.33 31.49 -10.87
C GLY C 131 -17.37 31.04 -9.42
N VAL C 132 -16.90 31.88 -8.49
CA VAL C 132 -16.76 31.50 -7.10
C VAL C 132 -17.95 32.03 -6.30
N GLY C 133 -18.49 31.19 -5.43
CA GLY C 133 -19.52 31.61 -4.49
C GLY C 133 -18.91 31.69 -3.09
N VAL C 134 -19.22 32.76 -2.37
CA VAL C 134 -18.63 32.99 -1.05
C VAL C 134 -19.74 33.31 -0.07
N MET C 135 -19.81 32.52 1.00
CA MET C 135 -20.71 32.76 2.12
C MET C 135 -19.90 33.08 3.36
N GLU C 136 -20.47 33.90 4.24
CA GLU C 136 -19.96 34.02 5.60
C GLU C 136 -20.93 33.30 6.53
N ASN C 137 -20.39 32.33 7.28
CA ASN C 137 -21.14 31.57 8.27
C ASN C 137 -20.99 32.24 9.63
N GLN C 138 -22.10 32.61 10.26
CA GLN C 138 -22.06 33.20 11.59
C GLN C 138 -22.72 32.25 12.58
N TYR C 139 -22.03 32.01 13.69
CA TYR C 139 -22.55 31.19 14.77
C TYR C 139 -23.21 32.11 15.79
N LEU C 140 -24.46 31.80 16.12
CA LEU C 140 -25.32 32.72 16.87
C LEU C 140 -25.72 32.12 18.22
N MET C 141 -25.60 32.92 19.28
CA MET C 141 -25.89 32.49 20.63
C MET C 141 -27.05 33.29 21.21
N PRO C 142 -28.18 32.66 21.60
CA PRO C 142 -29.28 33.41 22.24
C PRO C 142 -28.94 33.71 23.68
N LEU C 143 -28.78 35.00 23.99
CA LEU C 143 -28.04 35.37 25.19
C LEU C 143 -28.76 34.98 26.48
N LYS C 144 -30.03 35.38 26.63
CA LYS C 144 -30.72 35.08 27.88
C LYS C 144 -31.01 33.59 27.99
N GLN C 145 -31.37 32.95 26.87
CA GLN C 145 -31.60 31.51 26.86
C GLN C 145 -30.35 30.76 27.30
N THR C 146 -29.17 31.22 26.84
CA THR C 146 -27.93 30.56 27.24
C THR C 146 -27.60 30.85 28.70
N ARG C 147 -27.76 32.11 29.13
CA ARG C 147 -27.61 32.42 30.55
C ARG C 147 -28.47 31.49 31.41
N ASN C 148 -29.74 31.31 31.02
CA ASN C 148 -30.63 30.46 31.82
C ASN C 148 -30.12 29.03 31.90
N ALA C 149 -29.62 28.49 30.80
CA ALA C 149 -29.11 27.12 30.84
C ALA C 149 -27.89 27.01 31.76
N LEU C 150 -27.00 27.99 31.70
CA LEU C 150 -25.82 27.94 32.56
C LEU C 150 -26.20 28.06 34.02
N ALA C 151 -27.19 28.91 34.32
CA ALA C 151 -27.64 29.04 35.70
C ALA C 151 -28.22 27.73 36.22
N ASP C 152 -29.00 27.03 35.38
CA ASP C 152 -29.49 25.71 35.76
C ASP C 152 -28.33 24.75 36.02
N ALA C 153 -27.30 24.78 35.18
CA ALA C 153 -26.16 23.90 35.39
C ALA C 153 -25.42 24.24 36.69
N GLN C 154 -25.30 25.53 37.00
CA GLN C 154 -24.64 25.91 38.26
C GLN C 154 -25.41 25.37 39.46
N LYS C 155 -26.73 25.44 39.44
CA LYS C 155 -27.52 24.89 40.55
C LYS C 155 -27.29 23.40 40.70
N LEU C 156 -27.26 22.66 39.58
CA LEU C 156 -27.05 21.22 39.63
C LEU C 156 -25.65 20.87 40.14
N LEU C 157 -24.63 21.57 39.63
CA LEU C 157 -23.26 21.33 40.08
C LEU C 157 -23.11 21.59 41.58
N ASP C 158 -23.79 22.62 42.09
CA ASP C 158 -23.78 22.89 43.52
C ASP C 158 -24.31 21.70 44.33
N LYS C 159 -25.21 20.91 43.76
CA LYS C 159 -25.79 19.75 44.43
C LYS C 159 -25.10 18.45 44.05
N LYS C 160 -23.96 18.52 43.36
CA LYS C 160 -23.19 17.37 42.92
C LYS C 160 -23.96 16.47 41.96
N GLN C 161 -24.96 17.04 41.27
CA GLN C 161 -25.70 16.32 40.23
C GLN C 161 -24.97 16.51 38.89
N TYR C 162 -23.90 15.72 38.73
CA TYR C 162 -22.96 15.97 37.64
C TYR C 162 -23.52 15.58 36.29
N TYR C 163 -24.17 14.41 36.18
CA TYR C 163 -24.73 14.03 34.88
C TYR C 163 -25.81 15.02 34.46
N GLU C 164 -26.67 15.42 35.39
CA GLU C 164 -27.72 16.39 35.07
C GLU C 164 -27.12 17.73 34.63
N ALA C 165 -26.05 18.17 35.30
CA ALA C 165 -25.41 19.41 34.88
C ALA C 165 -24.88 19.30 33.46
N ASN C 166 -24.34 18.13 33.11
CA ASN C 166 -23.85 17.92 31.75
C ASN C 166 -24.95 18.13 30.72
N LEU C 167 -26.16 17.68 31.03
CA LEU C 167 -27.29 17.87 30.10
C LEU C 167 -27.72 19.33 30.03
N ALA C 168 -27.69 20.04 31.17
CA ALA C 168 -28.02 21.47 31.13
C ALA C 168 -27.01 22.23 30.26
N LEU C 169 -25.73 21.88 30.39
CA LEU C 169 -24.71 22.48 29.52
C LEU C 169 -24.91 22.08 28.07
N LYS C 170 -25.30 20.82 27.83
CA LYS C 170 -25.59 20.39 26.47
C LYS C 170 -26.73 21.22 25.87
N GLY C 171 -27.76 21.47 26.68
CA GLY C 171 -28.84 22.34 26.23
C GLY C 171 -28.36 23.72 25.85
N ALA C 172 -27.38 24.26 26.59
CA ALA C 172 -26.79 25.53 26.21
C ALA C 172 -26.15 25.42 24.82
N GLU C 173 -25.35 24.38 24.60
CA GLU C 173 -24.72 24.18 23.29
C GLU C 173 -25.77 23.98 22.19
N ASP C 174 -26.87 23.30 22.51
CA ASP C 174 -27.87 23.02 21.50
C ASP C 174 -28.58 24.28 21.00
N GLY C 175 -28.51 25.40 21.73
CA GLY C 175 -29.14 26.63 21.28
C GLY C 175 -28.33 27.43 20.27
N ILE C 176 -27.06 27.08 20.07
CA ILE C 176 -26.21 27.77 19.09
C ILE C 176 -26.65 27.35 17.69
N ILE C 177 -26.89 28.32 16.82
CA ILE C 177 -27.26 28.05 15.44
C ILE C 177 -26.28 28.71 14.50
N VAL C 178 -26.30 28.25 13.24
CA VAL C 178 -25.47 28.83 12.19
C VAL C 178 -26.38 29.59 11.24
N ASP C 179 -25.91 30.75 10.78
N ASP C 179 -25.92 30.77 10.82
CA ASP C 179 -26.62 31.58 9.83
CA ASP C 179 -26.62 31.54 9.82
C ASP C 179 -25.64 31.98 8.74
C ASP C 179 -25.62 31.93 8.75
N SER C 180 -25.91 31.57 7.50
CA SER C 180 -25.00 31.81 6.38
C SER C 180 -25.57 32.88 5.46
N GLU C 181 -24.73 33.82 5.04
CA GLU C 181 -25.15 34.92 4.18
C GLU C 181 -24.11 35.19 3.11
N ALA C 182 -24.58 35.51 1.90
CA ALA C 182 -23.68 35.81 0.79
C ALA C 182 -22.88 37.07 1.09
N LEU C 183 -21.56 36.98 0.98
CA LEU C 183 -20.67 38.03 1.47
C LEU C 183 -20.64 39.20 0.49
N PHE C 184 -21.04 40.39 0.96
CA PHE C 184 -20.96 41.63 0.19
C PHE C 184 -21.67 41.52 -1.16
N VAL C 185 -22.98 41.33 -1.10
CA VAL C 185 -23.78 41.32 -2.34
C VAL C 185 -24.58 42.61 -2.49
N GLU D 22 -6.36 16.43 29.94
CA GLU D 22 -6.56 16.35 28.49
C GLU D 22 -5.36 15.70 27.81
N ARG D 23 -5.64 14.89 26.79
CA ARG D 23 -4.62 14.53 25.80
C ARG D 23 -4.77 15.39 24.55
N ILE D 24 -5.23 16.63 24.72
CA ILE D 24 -5.43 17.55 23.61
C ILE D 24 -4.18 18.38 23.42
N SER D 25 -3.69 18.45 22.18
CA SER D 25 -2.59 19.36 21.85
C SER D 25 -3.13 20.78 21.73
N GLU D 26 -2.78 21.65 22.68
N GLU D 26 -2.77 21.65 22.68
CA GLU D 26 -3.25 23.04 22.60
CA GLU D 26 -3.24 23.03 22.61
C GLU D 26 -2.61 23.77 21.43
C GLU D 26 -2.61 23.77 21.43
N GLN D 27 -1.37 23.40 21.06
CA GLN D 27 -0.73 24.05 19.92
C GLN D 27 -1.47 23.75 18.62
N GLY D 28 -1.92 22.51 18.44
CA GLY D 28 -2.69 22.18 17.26
C GLY D 28 -4.05 22.83 17.26
N LEU D 29 -4.70 22.87 18.43
CA LEU D 29 -5.99 23.56 18.55
C LEU D 29 -5.87 25.03 18.17
N TYR D 30 -4.86 25.72 18.71
CA TYR D 30 -4.69 27.14 18.39
C TYR D 30 -4.31 27.35 16.94
N ALA D 31 -3.50 26.45 16.37
CA ALA D 31 -3.10 26.59 14.98
C ALA D 31 -4.33 26.56 14.05
N MET D 32 -5.22 25.61 14.29
CA MET D 32 -6.38 25.50 13.40
C MET D 32 -7.37 26.63 13.64
N ARG D 33 -7.51 27.13 14.87
CA ARG D 33 -8.29 28.33 15.07
C ARG D 33 -7.68 29.52 14.31
N ASP D 34 -6.35 29.60 14.29
CA ASP D 34 -5.69 30.66 13.53
C ASP D 34 -6.01 30.57 12.04
N VAL D 35 -6.03 29.34 11.50
CA VAL D 35 -6.32 29.16 10.09
C VAL D 35 -7.72 29.67 9.76
N GLN D 36 -8.69 29.35 10.62
CA GLN D 36 -10.07 29.79 10.39
C GLN D 36 -10.15 31.31 10.32
N VAL D 37 -9.53 32.00 11.28
CA VAL D 37 -9.57 33.45 11.30
C VAL D 37 -8.81 34.04 10.12
N ALA D 38 -7.69 33.41 9.74
CA ALA D 38 -6.92 33.88 8.57
C ALA D 38 -7.75 33.80 7.30
N ARG D 39 -8.47 32.70 7.09
CA ARG D 39 -9.27 32.60 5.87
C ARG D 39 -10.34 33.70 5.82
N LEU D 40 -10.99 33.98 6.94
CA LEU D 40 -11.97 35.06 6.97
C LEU D 40 -11.31 36.41 6.73
N ALA D 41 -10.12 36.61 7.30
CA ALA D 41 -9.42 37.88 7.10
C ALA D 41 -9.15 38.15 5.63
N LEU D 42 -8.85 37.10 4.85
CA LEU D 42 -8.55 37.29 3.44
C LEU D 42 -9.75 37.87 2.69
N PHE D 43 -10.97 37.50 3.08
CA PHE D 43 -12.14 37.97 2.39
C PHE D 43 -12.67 39.27 2.98
N HIS D 44 -12.08 39.74 4.07
CA HIS D 44 -12.42 41.05 4.62
C HIS D 44 -11.33 42.07 4.34
N GLY D 45 -10.55 41.83 3.29
CA GLY D 45 -9.59 42.82 2.85
C GLY D 45 -8.46 43.05 3.82
N ASP D 46 -8.04 42.01 4.55
CA ASP D 46 -6.99 42.12 5.55
C ASP D 46 -5.95 41.01 5.35
N PRO D 47 -5.24 41.04 4.22
CA PRO D 47 -4.20 40.01 4.01
C PRO D 47 -3.10 40.04 5.04
N GLU D 48 -2.78 41.21 5.59
CA GLU D 48 -1.69 41.27 6.56
C GLU D 48 -2.01 40.46 7.80
N LYS D 49 -3.25 40.55 8.30
CA LYS D 49 -3.65 39.72 9.42
C LYS D 49 -3.62 38.25 9.05
N ALA D 50 -4.11 37.92 7.85
CA ALA D 50 -4.07 36.54 7.37
C ALA D 50 -2.64 36.02 7.36
N LYS D 51 -1.69 36.83 6.88
CA LYS D 51 -0.31 36.39 6.81
C LYS D 51 0.27 36.16 8.20
N GLU D 52 0.01 37.08 9.14
CA GLU D 52 0.53 36.92 10.50
C GLU D 52 -0.03 35.67 11.16
N LEU D 53 -1.33 35.42 10.96
CA LEU D 53 -1.97 34.25 11.56
C LEU D 53 -1.48 32.95 10.92
N THR D 54 -1.22 32.95 9.62
CA THR D 54 -0.71 31.73 9.00
C THR D 54 0.70 31.45 9.50
N ASN D 55 1.50 32.50 9.70
CA ASN D 55 2.83 32.34 10.30
C ASN D 55 2.73 31.80 11.73
N GLU D 56 1.79 32.33 12.52
N GLU D 56 1.79 32.31 12.52
CA GLU D 56 1.61 31.80 13.87
CA GLU D 56 1.62 31.79 13.87
C GLU D 56 1.23 30.33 13.84
C GLU D 56 1.22 30.32 13.86
N ALA D 57 0.31 29.94 12.95
CA ALA D 57 -0.11 28.55 12.86
C ALA D 57 1.05 27.65 12.44
N SER D 58 1.82 28.06 11.43
CA SER D 58 2.97 27.27 10.99
C SER D 58 3.98 27.08 12.11
N ALA D 59 4.23 28.15 12.89
CA ALA D 59 5.21 28.03 13.97
C ALA D 59 4.68 27.17 15.11
N LEU D 60 3.36 27.14 15.31
CA LEU D 60 2.80 26.31 16.37
C LEU D 60 2.98 24.82 16.08
N LEU D 61 3.01 24.45 14.80
CA LEU D 61 3.10 23.05 14.41
C LEU D 61 4.54 22.61 14.13
N SER D 62 5.51 23.51 14.19
CA SER D 62 6.87 23.19 13.75
C SER D 62 7.89 23.28 14.89
N ASP D 63 7.44 23.31 16.14
CA ASP D 63 8.36 23.40 17.26
C ASP D 63 9.04 22.07 17.50
N ASP D 64 10.35 22.12 17.76
CA ASP D 64 11.12 20.91 18.03
C ASP D 64 10.90 20.40 19.45
N SER D 65 10.52 21.28 20.38
CA SER D 65 10.35 20.87 21.77
C SER D 65 9.02 20.17 22.01
N THR D 66 8.02 20.40 21.16
CA THR D 66 6.71 19.78 21.36
C THR D 66 6.82 18.27 21.19
N GLU D 67 6.33 17.54 22.19
CA GLU D 67 6.32 16.07 22.15
C GLU D 67 5.00 15.63 21.56
N TRP D 68 4.95 15.57 20.22
CA TRP D 68 3.69 15.26 19.55
C TRP D 68 3.19 13.86 19.88
N ALA D 69 4.11 12.92 20.14
CA ALA D 69 3.69 11.55 20.45
C ALA D 69 2.77 11.51 21.65
N LYS D 70 2.92 12.46 22.57
CA LYS D 70 2.03 12.57 23.73
C LYS D 70 0.58 12.78 23.31
N PHE D 71 0.35 13.36 22.13
CA PHE D 71 -0.99 13.69 21.66
C PHE D 71 -1.45 12.83 20.49
N ALA D 72 -0.65 11.87 20.04
CA ALA D 72 -0.95 11.13 18.83
C ALA D 72 -2.03 10.11 19.07
N LYS D 73 -2.76 9.79 18.00
CA LYS D 73 -3.76 8.72 18.00
C LYS D 73 -3.19 7.60 17.15
N PRO D 74 -2.39 6.69 17.73
CA PRO D 74 -1.93 5.54 16.96
C PRO D 74 -3.10 4.64 16.58
N GLY D 75 -2.93 3.91 15.49
CA GLY D 75 -3.98 3.06 14.99
C GLY D 75 -4.88 3.72 13.96
N LYS D 76 -4.89 5.05 13.90
CA LYS D 76 -5.58 5.76 12.83
C LYS D 76 -4.56 6.01 11.72
N LYS D 77 -4.70 5.29 10.61
CA LYS D 77 -3.74 5.37 9.52
C LYS D 77 -3.90 6.68 8.75
N THR D 78 -2.79 7.35 8.48
CA THR D 78 -2.80 8.63 7.77
C THR D 78 -2.61 8.41 6.28
N ASN D 79 -2.97 9.44 5.49
CA ASN D 79 -2.73 9.38 4.05
C ASN D 79 -1.23 9.44 3.73
N LEU D 80 -0.47 10.32 4.39
CA LEU D 80 0.98 10.34 4.16
C LEU D 80 1.65 9.23 4.96
N ASN D 81 2.63 8.56 4.34
CA ASN D 81 3.40 7.56 5.08
C ASN D 81 4.13 8.22 6.25
N ASP D 82 4.21 7.50 7.37
CA ASP D 82 4.91 7.93 8.57
C ASP D 82 4.29 9.17 9.20
N ASP D 83 3.08 9.53 8.81
CA ASP D 83 2.44 10.67 9.47
C ASP D 83 1.66 10.17 10.69
N GLN D 84 1.11 11.11 11.46
CA GLN D 84 0.31 10.68 12.60
C GLN D 84 -0.83 11.68 12.80
N TYR D 85 -1.96 11.16 13.26
CA TYR D 85 -3.08 12.01 13.66
C TYR D 85 -2.85 12.48 15.09
N ILE D 86 -3.03 13.78 15.30
CA ILE D 86 -2.82 14.43 16.60
C ILE D 86 -4.19 14.83 17.14
N VAL D 87 -4.48 14.50 18.38
CA VAL D 87 -5.72 14.97 19.01
C VAL D 87 -5.59 16.46 19.28
N ILE D 88 -6.47 17.26 18.67
CA ILE D 88 -6.45 18.72 18.87
C ILE D 88 -7.71 19.25 19.52
N ASN D 89 -8.73 18.42 19.72
CA ASN D 89 -9.93 18.86 20.45
C ASN D 89 -10.72 17.63 20.86
N ALA D 90 -11.59 17.82 21.84
CA ALA D 90 -12.43 16.71 22.28
C ALA D 90 -13.73 17.24 22.86
N SER D 91 -14.79 16.45 22.70
CA SER D 91 -16.10 16.78 23.25
C SER D 91 -16.78 15.51 23.68
N VAL D 92 -17.83 15.63 24.48
CA VAL D 92 -18.57 14.46 24.93
C VAL D 92 -19.86 14.34 24.13
N GLY D 93 -20.20 13.09 23.77
CA GLY D 93 -21.42 12.84 23.03
C GLY D 93 -22.33 11.98 23.87
N ILE D 94 -23.58 12.41 24.06
CA ILE D 94 -24.52 11.73 24.95
C ILE D 94 -25.71 11.26 24.13
N SER D 95 -26.15 10.02 24.36
N SER D 95 -26.11 10.01 24.32
CA SER D 95 -27.33 9.46 23.71
CA SER D 95 -27.34 9.51 23.73
C SER D 95 -28.18 8.76 24.76
C SER D 95 -28.16 8.85 24.82
N GLU D 96 -29.44 9.16 24.86
CA GLU D 96 -30.38 8.52 25.77
C GLU D 96 -31.79 8.92 25.36
N SER D 97 -32.78 8.32 26.01
CA SER D 97 -34.17 8.54 25.69
C SER D 97 -34.78 9.75 26.38
N TYR D 98 -34.13 10.28 27.42
CA TYR D 98 -34.60 11.40 28.25
C TYR D 98 -35.84 11.07 29.05
N VAL D 99 -36.23 9.81 29.14
CA VAL D 99 -37.37 9.44 29.96
C VAL D 99 -36.92 9.30 31.40
N ALA D 100 -37.62 9.94 32.31
CA ALA D 100 -37.31 9.86 33.73
C ALA D 100 -38.09 8.70 34.34
N THR D 101 -37.37 7.71 34.86
CA THR D 101 -37.96 6.64 35.64
C THR D 101 -37.28 6.63 37.01
N PRO D 102 -37.92 6.04 38.03
CA PRO D 102 -37.22 5.94 39.32
C PRO D 102 -35.92 5.16 39.22
N GLU D 103 -35.89 4.12 38.38
CA GLU D 103 -34.69 3.30 38.19
C GLU D 103 -33.58 4.09 37.51
N LYS D 104 -33.92 4.88 36.50
CA LYS D 104 -32.89 5.69 35.84
C LYS D 104 -32.37 6.78 36.78
N GLU D 105 -33.27 7.38 37.57
CA GLU D 105 -32.82 8.39 38.53
C GLU D 105 -31.90 7.77 39.57
N ALA D 106 -32.17 6.53 39.99
CA ALA D 106 -31.27 5.87 40.94
C ALA D 106 -29.92 5.61 40.31
N ALA D 107 -29.90 5.15 39.06
CA ALA D 107 -28.63 4.89 38.38
C ALA D 107 -27.81 6.15 38.26
N ILE D 108 -28.46 7.28 37.95
CA ILE D 108 -27.75 8.55 37.81
C ILE D 108 -27.19 8.99 39.15
N LYS D 109 -27.97 8.80 40.22
CA LYS D 109 -27.47 9.17 41.55
C LYS D 109 -26.22 8.40 41.90
N ILE D 110 -26.19 7.09 41.62
N ILE D 110 -26.19 7.09 41.60
CA ILE D 110 -25.00 6.30 41.91
CA ILE D 110 -25.00 6.30 41.91
C ILE D 110 -23.85 6.70 40.99
C ILE D 110 -23.86 6.67 40.98
N ALA D 111 -24.15 6.93 39.71
CA ALA D 111 -23.12 7.37 38.78
C ALA D 111 -22.46 8.66 39.26
N ASN D 112 -23.26 9.62 39.73
CA ASN D 112 -22.71 10.88 40.24
C ASN D 112 -21.81 10.64 41.45
N GLU D 113 -22.27 9.80 42.39
CA GLU D 113 -21.46 9.39 43.54
C GLU D 113 -20.10 8.86 43.10
N LYS D 114 -20.09 7.91 42.18
CA LYS D 114 -18.84 7.29 41.76
C LYS D 114 -17.94 8.29 41.04
N MET D 115 -18.53 9.18 40.24
CA MET D 115 -17.72 10.18 39.56
C MET D 115 -17.08 11.15 40.54
N ALA D 116 -17.78 11.49 41.62
CA ALA D 116 -17.22 12.39 42.62
C ALA D 116 -15.98 11.78 43.27
N LYS D 117 -15.99 10.47 43.49
CA LYS D 117 -14.84 9.76 44.06
C LYS D 117 -13.77 9.42 43.02
N GLY D 118 -13.91 9.90 41.78
CA GLY D 118 -12.95 9.57 40.75
C GLY D 118 -13.07 8.18 40.16
N ASP D 119 -14.16 7.46 40.45
CA ASP D 119 -14.38 6.13 39.88
C ASP D 119 -15.14 6.28 38.55
N LYS D 120 -14.40 6.79 37.56
CA LYS D 120 -15.01 7.09 36.26
C LYS D 120 -15.54 5.84 35.58
N LYS D 121 -14.82 4.72 35.69
CA LYS D 121 -15.26 3.52 35.00
C LYS D 121 -16.53 2.95 35.64
N GLY D 122 -16.61 3.00 36.97
CA GLY D 122 -17.83 2.57 37.63
C GLY D 122 -19.01 3.47 37.29
N ALA D 123 -18.77 4.79 37.24
CA ALA D 123 -19.84 5.72 36.91
C ALA D 123 -20.40 5.44 35.53
N MET D 124 -19.54 5.14 34.56
CA MET D 124 -20.01 4.90 33.19
C MET D 124 -20.80 3.60 33.11
N GLU D 125 -20.38 2.58 33.88
CA GLU D 125 -21.15 1.34 33.90
C GLU D 125 -22.58 1.57 34.40
N GLU D 126 -22.75 2.40 35.44
CA GLU D 126 -24.10 2.68 35.94
C GLU D 126 -24.92 3.45 34.91
N LEU D 127 -24.32 4.44 34.24
CA LEU D 127 -25.04 5.17 33.21
C LEU D 127 -25.45 4.25 32.07
N ARG D 128 -24.54 3.37 31.62
CA ARG D 128 -24.84 2.53 30.47
C ARG D 128 -25.97 1.54 30.77
N LEU D 129 -26.09 1.08 32.01
CA LEU D 129 -27.17 0.15 32.32
C LEU D 129 -28.51 0.86 32.42
N ALA D 130 -28.52 2.18 32.61
CA ALA D 130 -29.73 2.99 32.53
C ALA D 130 -30.01 3.49 31.12
N GLY D 131 -29.34 2.94 30.10
CA GLY D 131 -29.60 3.31 28.74
C GLY D 131 -28.95 4.58 28.25
N VAL D 132 -27.92 5.06 28.94
CA VAL D 132 -27.19 6.26 28.52
C VAL D 132 -25.93 5.83 27.77
N GLY D 133 -25.77 6.36 26.56
CA GLY D 133 -24.55 6.13 25.79
C GLY D 133 -23.64 7.34 25.91
N VAL D 134 -22.35 7.07 26.13
CA VAL D 134 -21.37 8.13 26.37
C VAL D 134 -20.21 7.93 25.41
N MET D 135 -20.03 8.87 24.48
CA MET D 135 -18.91 8.85 23.55
C MET D 135 -17.95 10.00 23.86
N GLU D 136 -16.66 9.76 23.65
CA GLU D 136 -15.71 10.87 23.53
C GLU D 136 -15.43 11.11 22.05
N ASN D 137 -15.73 12.32 21.60
CA ASN D 137 -15.43 12.73 20.22
C ASN D 137 -14.07 13.41 20.23
N GLN D 138 -13.14 12.92 19.41
CA GLN D 138 -11.82 13.50 19.31
C GLN D 138 -11.61 14.06 17.92
N TYR D 139 -11.15 15.31 17.85
CA TYR D 139 -10.85 15.95 16.58
C TYR D 139 -9.38 15.70 16.28
N LEU D 140 -9.10 15.15 15.10
CA LEU D 140 -7.78 14.61 14.78
C LEU D 140 -7.17 15.38 13.61
N MET D 141 -5.92 15.78 13.76
CA MET D 141 -5.20 16.59 12.78
C MET D 141 -4.00 15.80 12.28
N PRO D 142 -3.89 15.51 10.98
CA PRO D 142 -2.70 14.81 10.47
C PRO D 142 -1.53 15.78 10.37
N LEU D 143 -0.50 15.53 11.18
CA LEU D 143 0.48 16.56 11.51
C LEU D 143 1.27 17.01 10.28
N LYS D 144 1.97 16.08 9.62
CA LYS D 144 2.78 16.48 8.48
C LYS D 144 1.91 16.98 7.34
N GLN D 145 0.79 16.31 7.09
CA GLN D 145 -0.14 16.78 6.05
C GLN D 145 -0.58 18.22 6.32
N THR D 146 -0.88 18.56 7.57
CA THR D 146 -1.29 19.92 7.89
C THR D 146 -0.13 20.90 7.74
N ARG D 147 1.06 20.55 8.22
CA ARG D 147 2.23 21.41 8.01
C ARG D 147 2.45 21.70 6.53
N ASN D 148 2.35 20.67 5.69
CA ASN D 148 2.57 20.85 4.25
C ASN D 148 1.55 21.81 3.66
N ALA D 149 0.28 21.73 4.10
CA ALA D 149 -0.72 22.64 3.58
C ALA D 149 -0.45 24.08 4.01
N LEU D 150 -0.01 24.28 5.25
CA LEU D 150 0.32 25.63 5.70
C LEU D 150 1.53 26.17 4.94
N ALA D 151 2.52 25.31 4.67
CA ALA D 151 3.68 25.75 3.88
C ALA D 151 3.25 26.18 2.49
N ASP D 152 2.36 25.43 1.84
CA ASP D 152 1.82 25.85 0.55
C ASP D 152 1.12 27.20 0.66
N ALA D 153 0.34 27.42 1.73
CA ALA D 153 -0.37 28.67 1.91
C ALA D 153 0.60 29.84 2.06
N GLN D 154 1.68 29.62 2.82
CA GLN D 154 2.65 30.69 3.03
C GLN D 154 3.32 31.10 1.73
N LYS D 155 3.68 30.13 0.88
CA LYS D 155 4.28 30.50 -0.40
C LYS D 155 3.33 31.35 -1.22
N LEU D 156 2.05 30.99 -1.25
CA LEU D 156 1.06 31.77 -1.99
C LEU D 156 0.85 33.15 -1.40
N LEU D 157 0.79 33.25 -0.07
CA LEU D 157 0.68 34.55 0.57
C LEU D 157 1.85 35.45 0.19
N ASP D 158 3.06 34.90 0.18
CA ASP D 158 4.23 35.71 -0.16
C ASP D 158 4.16 36.23 -1.59
N LYS D 159 3.48 35.51 -2.48
CA LYS D 159 3.28 35.97 -3.84
C LYS D 159 1.98 36.76 -4.00
N LYS D 160 1.31 37.06 -2.89
CA LYS D 160 0.06 37.82 -2.89
C LYS D 160 -1.04 37.12 -3.69
N GLN D 161 -0.98 35.78 -3.73
CA GLN D 161 -2.03 34.97 -4.34
C GLN D 161 -3.03 34.62 -3.24
N TYR D 162 -3.87 35.61 -2.90
CA TYR D 162 -4.64 35.55 -1.66
C TYR D 162 -5.80 34.55 -1.77
N TYR D 163 -6.51 34.53 -2.90
CA TYR D 163 -7.56 33.54 -3.05
C TYR D 163 -6.99 32.13 -3.02
N GLU D 164 -5.89 31.90 -3.74
CA GLU D 164 -5.26 30.59 -3.75
C GLU D 164 -4.79 30.21 -2.35
N ALA D 165 -4.28 31.18 -1.59
CA ALA D 165 -3.89 30.90 -0.21
C ALA D 165 -5.08 30.43 0.61
N ASN D 166 -6.23 31.06 0.41
CA ASN D 166 -7.44 30.64 1.10
C ASN D 166 -7.76 29.17 0.82
N LEU D 167 -7.58 28.74 -0.43
CA LEU D 167 -7.87 27.34 -0.77
C LEU D 167 -6.88 26.38 -0.11
N ALA D 168 -5.61 26.74 -0.08
CA ALA D 168 -4.64 25.90 0.62
C ALA D 168 -4.96 25.82 2.10
N LEU D 169 -5.36 26.94 2.71
CA LEU D 169 -5.78 26.90 4.11
C LEU D 169 -7.03 26.04 4.28
N LYS D 170 -7.97 26.13 3.33
CA LYS D 170 -9.15 25.27 3.37
C LYS D 170 -8.76 23.80 3.32
N GLY D 171 -7.77 23.45 2.50
CA GLY D 171 -7.28 22.08 2.46
C GLY D 171 -6.74 21.60 3.80
N ALA D 172 -6.08 22.49 4.55
CA ALA D 172 -5.65 22.11 5.89
C ALA D 172 -6.84 21.78 6.77
N GLU D 173 -7.90 22.61 6.71
CA GLU D 173 -9.09 22.36 7.51
C GLU D 173 -9.78 21.06 7.10
N ASP D 174 -9.75 20.76 5.80
CA ASP D 174 -10.40 19.56 5.30
C ASP D 174 -9.75 18.28 5.81
N GLY D 175 -8.50 18.33 6.25
CA GLY D 175 -7.84 17.17 6.80
C GLY D 175 -8.24 16.80 8.21
N ILE D 176 -8.95 17.69 8.91
CA ILE D 176 -9.38 17.40 10.28
C ILE D 176 -10.57 16.45 10.25
N ILE D 177 -10.50 15.37 11.03
CA ILE D 177 -11.57 14.40 11.12
C ILE D 177 -11.99 14.27 12.59
N VAL D 178 -13.18 13.69 12.79
CA VAL D 178 -13.70 13.40 14.13
C VAL D 178 -13.74 11.90 14.31
N ASP D 179 -13.25 11.43 15.45
CA ASP D 179 -13.30 10.02 15.80
C ASP D 179 -13.99 9.86 17.15
N SER D 180 -15.04 9.06 17.18
CA SER D 180 -15.87 8.88 18.37
C SER D 180 -15.63 7.49 18.94
N GLU D 181 -15.36 7.43 20.24
CA GLU D 181 -15.09 6.17 20.91
C GLU D 181 -15.89 6.10 22.20
N ALA D 182 -16.45 4.92 22.47
CA ALA D 182 -17.20 4.70 23.69
C ALA D 182 -16.28 4.88 24.89
N LEU D 183 -16.65 5.77 25.80
CA LEU D 183 -15.79 6.14 26.90
C LEU D 183 -15.72 5.02 27.94
N PHE D 184 -14.51 4.59 28.28
CA PHE D 184 -14.28 3.69 29.42
C PHE D 184 -15.02 2.36 29.24
N VAL D 185 -15.16 1.89 28.01
CA VAL D 185 -15.97 0.72 27.75
C VAL D 185 -15.09 -0.53 27.85
N ARG E 23 16.82 -7.89 8.82
CA ARG E 23 18.22 -7.56 8.59
C ARG E 23 19.02 -8.80 8.18
N ILE E 24 20.15 -8.57 7.52
CA ILE E 24 21.02 -9.67 7.08
C ILE E 24 21.92 -10.08 8.23
N SER E 25 22.05 -11.40 8.46
CA SER E 25 23.00 -11.90 9.45
C SER E 25 24.41 -11.92 8.86
N GLU E 26 25.30 -11.07 9.37
CA GLU E 26 26.69 -11.11 8.90
C GLU E 26 27.36 -12.41 9.31
N GLN E 27 26.97 -12.98 10.45
CA GLN E 27 27.58 -14.24 10.89
C GLN E 27 27.30 -15.36 9.90
N GLY E 28 26.05 -15.47 9.44
CA GLY E 28 25.72 -16.45 8.42
C GLY E 28 26.37 -16.14 7.08
N LEU E 29 26.39 -14.87 6.68
CA LEU E 29 27.02 -14.48 5.42
C LEU E 29 28.50 -14.85 5.40
N TYR E 30 29.23 -14.47 6.45
CA TYR E 30 30.65 -14.81 6.53
C TYR E 30 30.87 -16.33 6.59
N ALA E 31 29.97 -17.05 7.28
CA ALA E 31 30.14 -18.50 7.39
C ALA E 31 30.03 -19.17 6.03
N MET E 32 29.04 -18.78 5.23
CA MET E 32 28.89 -19.43 3.94
C MET E 32 29.98 -18.97 2.97
N ARG E 33 30.49 -17.75 3.12
CA ARG E 33 31.64 -17.37 2.33
C ARG E 33 32.86 -18.20 2.70
N ASP E 34 33.04 -18.48 3.99
CA ASP E 34 34.10 -19.37 4.43
C ASP E 34 33.97 -20.75 3.79
N VAL E 35 32.74 -21.25 3.69
CA VAL E 35 32.51 -22.57 3.11
C VAL E 35 32.97 -22.59 1.65
N GLN E 36 32.61 -21.54 0.90
CA GLN E 36 32.95 -21.49 -0.52
C GLN E 36 34.47 -21.53 -0.71
N VAL E 37 35.18 -20.75 0.09
CA VAL E 37 36.64 -20.68 -0.04
C VAL E 37 37.28 -21.96 0.47
N ALA E 38 36.68 -22.61 1.48
CA ALA E 38 37.19 -23.89 1.93
C ALA E 38 37.11 -24.95 0.82
N ARG E 39 36.00 -24.97 0.07
CA ARG E 39 35.88 -25.97 -0.98
C ARG E 39 36.93 -25.74 -2.08
N LEU E 40 37.16 -24.48 -2.44
CA LEU E 40 38.25 -24.15 -3.35
C LEU E 40 39.60 -24.61 -2.79
N ALA E 41 39.86 -24.32 -1.52
CA ALA E 41 41.17 -24.60 -0.94
C ALA E 41 41.46 -26.10 -0.90
N LEU E 42 40.44 -26.92 -0.60
CA LEU E 42 40.65 -28.37 -0.61
C LEU E 42 41.19 -28.84 -1.95
N PHE E 43 40.69 -28.30 -3.05
CA PHE E 43 41.07 -28.77 -4.37
C PHE E 43 42.22 -27.99 -4.98
N HIS E 44 42.73 -26.97 -4.30
CA HIS E 44 43.88 -26.21 -4.76
C HIS E 44 45.10 -26.41 -3.86
N GLY E 45 45.26 -27.62 -3.35
CA GLY E 45 46.46 -27.99 -2.61
C GLY E 45 46.63 -27.30 -1.27
N ASP E 46 45.53 -26.99 -0.57
CA ASP E 46 45.62 -26.33 0.73
C ASP E 46 44.56 -26.85 1.69
N PRO E 47 44.61 -28.14 2.04
CA PRO E 47 43.60 -28.68 2.97
C PRO E 47 43.71 -28.08 4.36
N GLU E 48 44.87 -27.59 4.78
CA GLU E 48 44.98 -26.98 6.10
C GLU E 48 44.17 -25.67 6.16
N LYS E 49 44.23 -24.87 5.10
CA LYS E 49 43.39 -23.68 5.02
C LYS E 49 41.91 -24.07 5.02
N ALA E 50 41.56 -25.17 4.35
CA ALA E 50 40.17 -25.59 4.33
C ALA E 50 39.69 -25.98 5.73
N LYS E 51 40.55 -26.65 6.51
CA LYS E 51 40.19 -27.00 7.88
C LYS E 51 40.03 -25.74 8.72
N GLU E 52 40.92 -24.76 8.53
N GLU E 52 40.90 -24.75 8.53
CA GLU E 52 40.81 -23.50 9.28
CA GLU E 52 40.80 -23.51 9.29
C GLU E 52 39.49 -22.82 8.99
C GLU E 52 39.50 -22.78 8.99
N LEU E 53 39.12 -22.71 7.71
CA LEU E 53 37.92 -21.98 7.34
C LEU E 53 36.66 -22.74 7.75
N THR E 54 36.66 -24.06 7.65
CA THR E 54 35.51 -24.84 8.09
C THR E 54 35.31 -24.69 9.59
N ASN E 55 36.40 -24.71 10.37
CA ASN E 55 36.29 -24.45 11.80
C ASN E 55 35.73 -23.06 12.07
N GLU E 56 36.15 -22.06 11.29
N GLU E 56 36.14 -22.08 11.28
CA GLU E 56 35.64 -20.71 11.50
CA GLU E 56 35.67 -20.70 11.44
C GLU E 56 34.14 -20.63 11.18
C GLU E 56 34.17 -20.60 11.16
N ALA E 57 33.71 -21.26 10.10
CA ALA E 57 32.28 -21.25 9.76
C ALA E 57 31.47 -21.95 10.84
N SER E 58 31.99 -23.06 11.37
N SER E 58 31.99 -23.05 11.38
CA SER E 58 31.28 -23.76 12.43
CA SER E 58 31.27 -23.77 12.43
C SER E 58 31.17 -22.90 13.68
C SER E 58 31.19 -22.94 13.70
N ALA E 59 32.25 -22.19 14.02
CA ALA E 59 32.22 -21.33 15.20
C ALA E 59 31.27 -20.15 15.02
N LEU E 60 31.18 -19.61 13.80
CA LEU E 60 30.22 -18.54 13.54
C LEU E 60 28.78 -19.00 13.74
N LEU E 61 28.46 -20.23 13.35
CA LEU E 61 27.08 -20.67 13.44
C LEU E 61 26.72 -21.22 14.81
N SER E 62 27.69 -21.45 15.69
N SER E 62 27.69 -21.44 15.69
CA SER E 62 27.44 -22.09 16.98
CA SER E 62 27.46 -22.09 16.97
C SER E 62 27.58 -21.16 18.17
C SER E 62 27.58 -21.15 18.16
N ASP E 63 27.93 -19.89 17.95
CA ASP E 63 28.02 -18.94 19.05
C ASP E 63 26.61 -18.56 19.49
N ASP E 64 26.28 -18.83 20.75
CA ASP E 64 24.94 -18.54 21.25
C ASP E 64 24.85 -17.17 21.92
N SER E 65 25.84 -16.30 21.70
CA SER E 65 25.65 -14.88 21.95
C SER E 65 25.01 -14.19 20.76
N THR E 66 25.01 -14.83 19.59
CA THR E 66 24.32 -14.31 18.42
C THR E 66 22.82 -14.43 18.60
N GLU E 67 22.09 -13.34 18.35
CA GLU E 67 20.64 -13.33 18.48
C GLU E 67 20.02 -13.68 17.14
N TRP E 68 19.98 -14.99 16.85
CA TRP E 68 19.53 -15.46 15.54
C TRP E 68 18.10 -15.05 15.24
N ALA E 69 17.23 -14.96 16.25
CA ALA E 69 15.83 -14.61 16.03
C ALA E 69 15.69 -13.27 15.32
N LYS E 70 16.62 -12.35 15.56
CA LYS E 70 16.63 -11.05 14.90
C LYS E 70 16.74 -11.16 13.38
N PHE E 71 17.24 -12.27 12.86
CA PHE E 71 17.48 -12.45 11.43
C PHE E 71 16.66 -13.58 10.83
N ALA E 72 15.77 -14.20 11.59
CA ALA E 72 15.06 -15.37 11.10
C ALA E 72 13.91 -14.97 10.20
N LYS E 73 13.53 -15.90 9.34
CA LYS E 73 12.35 -15.81 8.49
C LYS E 73 11.29 -16.75 9.03
N PRO E 74 10.49 -16.33 10.02
CA PRO E 74 9.42 -17.18 10.51
C PRO E 74 8.37 -17.39 9.43
N GLY E 75 7.66 -18.51 9.53
CA GLY E 75 6.69 -18.86 8.53
C GLY E 75 7.25 -19.65 7.37
N LYS E 76 8.58 -19.75 7.26
CA LYS E 76 9.23 -20.55 6.23
C LYS E 76 9.61 -21.88 6.88
N LYS E 77 8.86 -22.93 6.58
CA LYS E 77 9.07 -24.20 7.26
C LYS E 77 10.36 -24.87 6.79
N THR E 78 11.09 -25.46 7.73
CA THR E 78 12.37 -26.11 7.46
C THR E 78 12.22 -27.63 7.41
N ASN E 79 13.25 -28.30 6.91
CA ASN E 79 13.24 -29.75 6.86
C ASN E 79 13.34 -30.37 8.26
N LEU E 80 14.18 -29.82 9.11
CA LEU E 80 14.26 -30.27 10.49
C LEU E 80 13.17 -29.62 11.33
N ASN E 81 12.70 -30.35 12.34
CA ASN E 81 11.72 -29.78 13.25
C ASN E 81 12.38 -28.75 14.17
N ASP E 82 11.72 -27.61 14.32
CA ASP E 82 12.13 -26.51 15.19
C ASP E 82 13.44 -25.86 14.76
N ASP E 83 13.82 -26.03 13.49
CA ASP E 83 14.87 -25.24 12.87
C ASP E 83 14.25 -23.95 12.33
N GLN E 84 15.11 -23.03 11.88
CA GLN E 84 14.66 -21.76 11.34
C GLN E 84 15.57 -21.33 10.20
N TYR E 85 15.00 -20.68 9.19
CA TYR E 85 15.78 -20.05 8.15
C TYR E 85 16.27 -18.67 8.60
N ILE E 86 17.54 -18.39 8.32
CA ILE E 86 18.20 -17.14 8.68
C ILE E 86 18.49 -16.37 7.40
N VAL E 87 18.22 -15.07 7.39
CA VAL E 87 18.56 -14.23 6.24
C VAL E 87 20.05 -13.95 6.28
N ILE E 88 20.77 -14.37 5.24
CA ILE E 88 22.22 -14.18 5.18
C ILE E 88 22.67 -13.33 4.01
N ASN E 89 21.76 -12.93 3.11
CA ASN E 89 22.12 -12.10 1.98
C ASN E 89 20.83 -11.58 1.36
N ALA E 90 20.96 -10.52 0.57
CA ALA E 90 19.81 -9.95 -0.12
C ALA E 90 20.27 -9.25 -1.38
N SER E 91 19.35 -9.14 -2.35
CA SER E 91 19.61 -8.40 -3.58
C SER E 91 18.29 -7.85 -4.09
N VAL E 92 18.39 -6.89 -5.01
CA VAL E 92 17.25 -6.20 -5.59
C VAL E 92 16.95 -6.79 -6.94
N GLY E 93 15.68 -7.07 -7.22
CA GLY E 93 15.27 -7.53 -8.54
C GLY E 93 14.25 -6.58 -9.13
N ILE E 94 14.50 -6.10 -10.35
CA ILE E 94 13.62 -5.11 -10.99
C ILE E 94 13.04 -5.72 -12.25
N SER E 95 11.72 -5.61 -12.41
N SER E 95 11.72 -5.61 -12.41
CA SER E 95 11.03 -6.08 -13.61
CA SER E 95 11.02 -6.06 -13.60
C SER E 95 10.21 -4.93 -14.20
C SER E 95 10.23 -4.90 -14.19
N GLU E 96 10.41 -4.66 -15.48
CA GLU E 96 9.64 -3.65 -16.20
C GLU E 96 9.89 -3.89 -17.69
N SER E 97 9.13 -3.20 -18.53
CA SER E 97 9.24 -3.45 -19.97
C SER E 97 10.15 -2.47 -20.70
N TYR E 98 10.68 -1.47 -19.99
CA TYR E 98 11.69 -0.52 -20.48
C TYR E 98 11.15 0.39 -21.58
N VAL E 99 9.83 0.54 -21.65
CA VAL E 99 9.19 1.49 -22.56
C VAL E 99 9.01 2.81 -21.81
N ALA E 100 9.61 3.88 -22.34
CA ALA E 100 9.43 5.19 -21.74
C ALA E 100 8.09 5.76 -22.18
N THR E 101 7.28 6.13 -21.22
CA THR E 101 6.03 6.82 -21.47
C THR E 101 5.98 8.02 -20.53
N PRO E 102 5.25 9.08 -20.89
CA PRO E 102 5.13 10.23 -19.97
C PRO E 102 4.67 9.82 -18.58
N GLU E 103 3.81 8.81 -18.47
CA GLU E 103 3.35 8.36 -17.16
C GLU E 103 4.46 7.69 -16.37
N LYS E 104 5.24 6.81 -17.00
CA LYS E 104 6.29 6.15 -16.24
C LYS E 104 7.36 7.15 -15.83
N GLU E 105 7.70 8.09 -16.70
CA GLU E 105 8.73 9.08 -16.36
C GLU E 105 8.27 9.96 -15.22
N ALA E 106 6.98 10.32 -15.20
CA ALA E 106 6.48 11.13 -14.09
C ALA E 106 6.54 10.35 -12.79
N ALA E 107 6.19 9.06 -12.83
CA ALA E 107 6.23 8.22 -11.64
C ALA E 107 7.65 8.01 -11.16
N ILE E 108 8.60 7.85 -12.09
CA ILE E 108 10.00 7.71 -11.68
C ILE E 108 10.48 8.97 -10.97
N LYS E 109 10.09 10.15 -11.50
N LYS E 109 10.09 10.15 -11.49
CA LYS E 109 10.48 11.41 -10.86
CA LYS E 109 10.50 11.40 -10.86
C LYS E 109 9.96 11.50 -9.44
C LYS E 109 9.96 11.51 -9.44
N ILE E 110 8.70 11.12 -9.22
CA ILE E 110 8.14 11.14 -7.89
C ILE E 110 8.83 10.12 -6.99
N ALA E 111 9.08 8.93 -7.53
CA ALA E 111 9.74 7.90 -6.74
C ALA E 111 11.13 8.37 -6.28
N ASN E 112 11.88 9.01 -7.18
CA ASN E 112 13.20 9.51 -6.82
C ASN E 112 13.11 10.57 -5.73
N GLU E 113 12.11 11.44 -5.81
CA GLU E 113 11.94 12.45 -4.77
C GLU E 113 11.66 11.80 -3.42
N LYS E 114 10.83 10.76 -3.40
CA LYS E 114 10.54 10.10 -2.13
C LYS E 114 11.75 9.35 -1.59
N MET E 115 12.56 8.76 -2.46
CA MET E 115 13.80 8.14 -2.00
C MET E 115 14.68 9.19 -1.35
N ALA E 116 14.72 10.39 -1.93
CA ALA E 116 15.58 11.44 -1.41
C ALA E 116 15.09 11.94 -0.06
N LYS E 117 13.78 11.90 0.17
CA LYS E 117 13.18 12.48 1.36
C LYS E 117 12.82 11.44 2.41
N GLY E 118 13.24 10.19 2.22
CA GLY E 118 13.09 9.17 3.24
C GLY E 118 11.87 8.30 3.11
N ASP E 119 10.93 8.63 2.22
CA ASP E 119 9.70 7.84 2.08
C ASP E 119 9.99 6.64 1.18
N LYS E 120 10.77 5.71 1.73
CA LYS E 120 11.23 4.56 0.96
C LYS E 120 10.08 3.62 0.58
N LYS E 121 9.06 3.49 1.42
CA LYS E 121 7.92 2.67 1.02
C LYS E 121 7.11 3.36 -0.06
N GLY E 122 6.87 4.67 0.07
CA GLY E 122 6.16 5.40 -0.96
C GLY E 122 6.84 5.33 -2.32
N ALA E 123 8.17 5.34 -2.33
CA ALA E 123 8.90 5.29 -3.59
C ALA E 123 8.64 3.96 -4.32
N MET E 124 8.66 2.84 -3.58
CA MET E 124 8.39 1.56 -4.21
C MET E 124 6.93 1.47 -4.64
N GLU E 125 6.01 2.01 -3.83
N GLU E 125 6.02 2.05 -3.86
CA GLU E 125 4.60 2.01 -4.23
CA GLU E 125 4.61 2.00 -4.22
C GLU E 125 4.39 2.81 -5.51
C GLU E 125 4.34 2.85 -5.47
N GLU E 126 5.04 3.97 -5.62
CA GLU E 126 4.92 4.77 -6.84
C GLU E 126 5.39 3.99 -8.06
N LEU E 127 6.52 3.28 -7.94
CA LEU E 127 7.01 2.47 -9.05
C LEU E 127 6.02 1.37 -9.45
N ARG E 128 5.50 0.63 -8.46
CA ARG E 128 4.57 -0.46 -8.77
C ARG E 128 3.33 0.04 -9.49
N LEU E 129 2.84 1.21 -9.08
CA LEU E 129 1.65 1.77 -9.73
C LEU E 129 1.92 2.14 -11.18
N ALA E 130 3.19 2.29 -11.57
CA ALA E 130 3.54 2.58 -12.95
C ALA E 130 4.04 1.35 -13.71
N GLY E 131 3.88 0.16 -13.16
CA GLY E 131 4.26 -1.05 -13.87
C GLY E 131 5.68 -1.51 -13.66
N VAL E 132 6.40 -0.92 -12.70
CA VAL E 132 7.75 -1.33 -12.35
C VAL E 132 7.67 -2.16 -11.09
N GLY E 133 8.05 -3.45 -11.19
CA GLY E 133 8.04 -4.34 -10.05
C GLY E 133 9.42 -4.44 -9.41
N VAL E 134 9.46 -4.26 -8.09
CA VAL E 134 10.72 -4.35 -7.35
C VAL E 134 10.58 -5.46 -6.33
N MET E 135 11.49 -6.44 -6.39
CA MET E 135 11.52 -7.57 -5.49
C MET E 135 12.74 -7.46 -4.61
N GLU E 136 12.59 -7.88 -3.35
CA GLU E 136 13.71 -8.13 -2.46
C GLU E 136 13.97 -9.63 -2.46
N ASN E 137 15.13 -10.04 -2.97
CA ASN E 137 15.54 -11.44 -2.98
C ASN E 137 16.34 -11.73 -1.72
N GLN E 138 15.84 -12.61 -0.87
CA GLN E 138 16.51 -12.96 0.37
C GLN E 138 17.10 -14.36 0.27
N TYR E 139 18.36 -14.50 0.66
CA TYR E 139 19.05 -15.79 0.71
C TYR E 139 18.92 -16.32 2.12
N LEU E 140 18.38 -17.54 2.25
CA LEU E 140 17.96 -18.10 3.54
C LEU E 140 18.78 -19.33 3.88
N MET E 141 19.32 -19.37 5.09
CA MET E 141 20.15 -20.47 5.58
C MET E 141 19.41 -21.20 6.69
N PRO E 142 19.16 -22.50 6.56
CA PRO E 142 18.56 -23.27 7.67
C PRO E 142 19.63 -23.53 8.72
N LEU E 143 19.44 -22.96 9.91
CA LEU E 143 20.56 -22.82 10.84
C LEU E 143 21.07 -24.18 11.33
N LYS E 144 20.21 -24.98 11.94
CA LYS E 144 20.67 -26.23 12.52
C LYS E 144 21.10 -27.21 11.43
N GLN E 145 20.35 -27.25 10.32
CA GLN E 145 20.73 -28.08 9.19
C GLN E 145 22.12 -27.74 8.67
N THR E 146 22.44 -26.43 8.60
CA THR E 146 23.76 -26.04 8.14
C THR E 146 24.82 -26.41 9.17
N ARG E 147 24.54 -26.20 10.46
CA ARG E 147 25.48 -26.64 11.49
C ARG E 147 25.78 -28.13 11.38
N ASN E 148 24.75 -28.95 11.11
CA ASN E 148 24.93 -30.39 11.00
C ASN E 148 25.86 -30.73 9.84
N ALA E 149 25.65 -30.08 8.69
CA ALA E 149 26.49 -30.33 7.53
C ALA E 149 27.95 -29.96 7.80
N LEU E 150 28.18 -28.87 8.53
CA LEU E 150 29.56 -28.50 8.84
C LEU E 150 30.18 -29.51 9.81
N ALA E 151 29.37 -30.03 10.74
CA ALA E 151 29.88 -31.03 11.67
C ALA E 151 30.28 -32.30 10.93
N ASP E 152 29.45 -32.73 9.97
CA ASP E 152 29.83 -33.85 9.12
C ASP E 152 31.12 -33.56 8.38
N ALA E 153 31.23 -32.35 7.82
CA ALA E 153 32.44 -31.99 7.08
C ALA E 153 33.66 -32.02 7.98
N GLN E 154 33.53 -31.52 9.22
N GLN E 154 33.54 -31.54 9.23
CA GLN E 154 34.66 -31.49 10.15
CA GLN E 154 34.70 -31.51 10.10
C GLN E 154 35.16 -32.89 10.46
C GLN E 154 35.18 -32.91 10.46
N LYS E 155 34.25 -33.85 10.64
CA LYS E 155 34.66 -35.23 10.92
C LYS E 155 35.45 -35.80 9.76
N LEU E 156 34.97 -35.56 8.53
CA LEU E 156 35.69 -36.03 7.35
C LEU E 156 37.06 -35.39 7.24
N LEU E 157 37.13 -34.08 7.45
CA LEU E 157 38.42 -33.39 7.39
C LEU E 157 39.41 -33.99 8.38
N ASP E 158 38.94 -34.30 9.61
CA ASP E 158 39.83 -34.85 10.62
C ASP E 158 40.37 -36.21 10.21
N LYS E 159 39.64 -36.94 9.36
CA LYS E 159 40.05 -38.24 8.84
C LYS E 159 40.76 -38.13 7.49
N LYS E 160 41.08 -36.91 7.05
CA LYS E 160 41.77 -36.66 5.79
C LYS E 160 40.95 -37.13 4.59
N GLN E 161 39.62 -37.22 4.75
CA GLN E 161 38.73 -37.58 3.65
C GLN E 161 38.30 -36.30 2.94
N TYR E 162 39.22 -35.80 2.12
CA TYR E 162 39.12 -34.45 1.57
C TYR E 162 38.05 -34.34 0.49
N TYR E 163 38.00 -35.29 -0.44
CA TYR E 163 36.93 -35.27 -1.44
C TYR E 163 35.57 -35.33 -0.77
N GLU E 164 35.40 -36.25 0.19
CA GLU E 164 34.12 -36.41 0.85
C GLU E 164 33.72 -35.14 1.59
N ALA E 165 34.69 -34.49 2.22
CA ALA E 165 34.41 -33.25 2.93
C ALA E 165 33.98 -32.17 1.96
N ASN E 166 34.53 -32.16 0.74
CA ASN E 166 34.08 -31.19 -0.24
C ASN E 166 32.62 -31.42 -0.56
N LEU E 167 32.21 -32.69 -0.70
CA LEU E 167 30.79 -33.01 -0.90
C LEU E 167 29.94 -32.59 0.29
N ALA E 168 30.41 -32.83 1.51
CA ALA E 168 29.62 -32.42 2.67
C ALA E 168 29.43 -30.91 2.71
N LEU E 169 30.49 -30.16 2.38
CA LEU E 169 30.37 -28.71 2.32
C LEU E 169 29.44 -28.27 1.20
N LYS E 170 29.47 -28.99 0.06
CA LYS E 170 28.50 -28.70 -0.99
C LYS E 170 27.09 -28.90 -0.49
N GLY E 171 26.85 -29.94 0.32
CA GLY E 171 25.51 -30.14 0.87
C GLY E 171 25.06 -28.97 1.73
N ALA E 172 25.98 -28.38 2.48
CA ALA E 172 25.65 -27.18 3.24
C ALA E 172 25.22 -26.05 2.30
N GLU E 173 25.92 -25.89 1.19
CA GLU E 173 25.57 -24.82 0.25
C GLU E 173 24.23 -25.09 -0.42
N ASP E 174 23.93 -26.35 -0.68
CA ASP E 174 22.68 -26.73 -1.32
C ASP E 174 21.46 -26.43 -0.44
N GLY E 175 21.64 -26.24 0.87
CA GLY E 175 20.55 -25.86 1.74
C GLY E 175 20.15 -24.39 1.69
N ILE E 176 20.93 -23.55 1.01
CA ILE E 176 20.63 -22.13 0.89
C ILE E 176 19.58 -21.94 -0.19
N ILE E 177 18.47 -21.27 0.15
CA ILE E 177 17.41 -21.03 -0.82
C ILE E 177 17.23 -19.53 -1.00
N VAL E 178 16.53 -19.16 -2.07
CA VAL E 178 16.21 -17.76 -2.36
C VAL E 178 14.71 -17.57 -2.20
N ASP E 179 14.33 -16.52 -1.48
N ASP E 179 14.32 -16.51 -1.50
CA ASP E 179 12.94 -16.15 -1.25
CA ASP E 179 12.91 -16.20 -1.30
C ASP E 179 12.76 -14.73 -1.74
C ASP E 179 12.67 -14.74 -1.68
N SER E 180 11.86 -14.53 -2.70
CA SER E 180 11.62 -13.21 -3.26
C SER E 180 10.27 -12.68 -2.81
N GLU E 181 10.25 -11.42 -2.36
CA GLU E 181 9.01 -10.76 -1.96
C GLU E 181 9.00 -9.34 -2.50
N ALA E 182 7.81 -8.87 -2.86
CA ALA E 182 7.67 -7.50 -3.32
C ALA E 182 8.10 -6.55 -2.21
N LEU E 183 8.99 -5.62 -2.56
CA LEU E 183 9.63 -4.77 -1.55
C LEU E 183 8.67 -3.72 -1.01
N PHE E 184 8.46 -3.73 0.31
CA PHE E 184 7.59 -2.77 1.01
C PHE E 184 6.14 -2.86 0.52
N VAL E 185 5.69 -4.04 0.11
CA VAL E 185 4.35 -4.16 -0.45
C VAL E 185 3.28 -4.10 0.65
N ARG F 23 44.17 -16.49 -10.57
CA ARG F 23 44.20 -15.45 -9.54
C ARG F 23 42.93 -14.62 -9.55
N ILE F 24 42.31 -14.49 -8.38
CA ILE F 24 41.09 -13.69 -8.22
C ILE F 24 41.48 -12.26 -7.89
N SER F 25 40.90 -11.30 -8.61
CA SER F 25 41.09 -9.89 -8.30
C SER F 25 40.23 -9.52 -7.09
N GLU F 26 40.87 -9.20 -5.97
CA GLU F 26 40.11 -8.72 -4.81
C GLU F 26 39.49 -7.35 -5.07
N GLN F 27 40.15 -6.53 -5.88
N GLN F 27 40.14 -6.51 -5.88
CA GLN F 27 39.59 -5.23 -6.24
CA GLN F 27 39.55 -5.23 -6.21
C GLN F 27 38.26 -5.40 -6.97
C GLN F 27 38.25 -5.38 -6.98
N GLY F 28 38.21 -6.32 -7.93
CA GLY F 28 36.98 -6.53 -8.67
C GLY F 28 35.90 -7.18 -7.82
N LEU F 29 36.28 -8.14 -6.97
CA LEU F 29 35.32 -8.76 -6.06
C LEU F 29 34.70 -7.73 -5.13
N TYR F 30 35.53 -6.88 -4.52
CA TYR F 30 34.98 -5.87 -3.62
C TYR F 30 34.15 -4.84 -4.36
N ALA F 31 34.57 -4.46 -5.56
CA ALA F 31 33.79 -3.50 -6.33
C ALA F 31 32.40 -4.03 -6.62
N MET F 32 32.30 -5.30 -7.04
CA MET F 32 30.97 -5.81 -7.36
C MET F 32 30.15 -6.07 -6.10
N ARG F 33 30.77 -6.40 -4.97
CA ARG F 33 29.99 -6.44 -3.73
C ARG F 33 29.48 -5.07 -3.36
N ASP F 34 30.31 -4.02 -3.54
CA ASP F 34 29.85 -2.65 -3.35
C ASP F 34 28.64 -2.34 -4.23
N VAL F 35 28.62 -2.82 -5.47
CA VAL F 35 27.49 -2.55 -6.36
C VAL F 35 26.22 -3.20 -5.82
N GLN F 36 26.33 -4.46 -5.38
CA GLN F 36 25.16 -5.14 -4.83
C GLN F 36 24.59 -4.38 -3.64
N VAL F 37 25.46 -3.94 -2.73
CA VAL F 37 25.00 -3.25 -1.53
C VAL F 37 24.44 -1.87 -1.87
N ALA F 38 25.04 -1.18 -2.84
CA ALA F 38 24.51 0.12 -3.28
C ALA F 38 23.10 0.00 -3.84
N ARG F 39 22.83 -1.05 -4.63
CA ARG F 39 21.48 -1.21 -5.17
C ARG F 39 20.48 -1.44 -4.04
N LEU F 40 20.87 -2.18 -3.01
CA LEU F 40 20.00 -2.34 -1.84
C LEU F 40 19.82 -1.00 -1.12
N ALA F 41 20.90 -0.25 -0.95
CA ALA F 41 20.84 0.98 -0.17
C ALA F 41 19.94 2.01 -0.83
N LEU F 42 19.99 2.11 -2.16
CA LEU F 42 19.16 3.08 -2.88
C LEU F 42 17.69 2.89 -2.56
N PHE F 43 17.24 1.64 -2.46
CA PHE F 43 15.83 1.34 -2.27
C PHE F 43 15.48 1.13 -0.80
N HIS F 44 16.45 1.19 0.11
CA HIS F 44 16.21 1.02 1.54
C HIS F 44 16.51 2.30 2.33
N GLY F 45 16.32 3.45 1.70
CA GLY F 45 16.41 4.71 2.43
C GLY F 45 17.79 5.28 2.63
N ASP F 46 18.80 4.79 1.91
CA ASP F 46 20.16 5.29 2.10
C ASP F 46 20.85 5.58 0.77
N PRO F 47 20.33 6.50 -0.04
CA PRO F 47 21.04 6.87 -1.28
C PRO F 47 22.44 7.44 -1.09
N GLU F 48 22.72 8.12 0.02
CA GLU F 48 24.08 8.63 0.19
C GLU F 48 25.07 7.49 0.37
N LYS F 49 24.69 6.42 1.07
CA LYS F 49 25.58 5.29 1.20
C LYS F 49 25.80 4.64 -0.17
N ALA F 50 24.75 4.56 -0.97
CA ALA F 50 24.88 4.00 -2.32
C ALA F 50 25.84 4.84 -3.16
N LYS F 51 25.79 6.17 -3.02
CA LYS F 51 26.72 7.02 -3.75
C LYS F 51 28.16 6.75 -3.33
N GLU F 52 28.40 6.64 -2.03
CA GLU F 52 29.77 6.41 -1.56
C GLU F 52 30.28 5.05 -2.02
N LEU F 53 29.43 4.03 -1.95
CA LEU F 53 29.83 2.69 -2.38
C LEU F 53 30.08 2.65 -3.88
N THR F 54 29.32 3.41 -4.66
CA THR F 54 29.54 3.42 -6.10
C THR F 54 30.84 4.13 -6.43
N ASN F 55 31.14 5.21 -5.72
CA ASN F 55 32.42 5.89 -5.90
C ASN F 55 33.59 4.98 -5.54
N GLU F 56 33.45 4.18 -4.48
CA GLU F 56 34.52 3.25 -4.13
C GLU F 56 34.70 2.19 -5.20
N ALA F 57 33.60 1.68 -5.75
CA ALA F 57 33.72 0.66 -6.79
C ALA F 57 34.44 1.21 -8.01
N SER F 58 34.13 2.45 -8.42
CA SER F 58 34.80 3.05 -9.56
C SER F 58 36.28 3.24 -9.28
N ALA F 59 36.62 3.64 -8.06
CA ALA F 59 38.02 3.84 -7.72
C ALA F 59 38.77 2.51 -7.71
N LEU F 60 38.15 1.45 -7.21
CA LEU F 60 38.80 0.14 -7.23
C LEU F 60 39.06 -0.36 -8.64
N LEU F 61 38.28 0.09 -9.63
CA LEU F 61 38.39 -0.38 -11.00
C LEU F 61 39.10 0.57 -11.95
N SER F 62 39.00 1.89 -11.76
CA SER F 62 39.47 2.82 -12.79
C SER F 62 40.95 3.12 -12.67
N ASP F 63 41.50 3.03 -11.48
CA ASP F 63 42.90 3.32 -11.29
C ASP F 63 43.71 2.27 -12.04
N ASP F 64 44.26 2.67 -13.18
CA ASP F 64 45.06 1.76 -14.01
C ASP F 64 46.47 1.66 -13.46
N SER F 65 46.59 1.80 -12.13
CA SER F 65 47.77 1.37 -11.41
C SER F 65 47.82 -0.14 -11.22
N THR F 66 46.67 -0.80 -11.36
CA THR F 66 46.59 -2.25 -11.19
C THR F 66 47.06 -2.95 -12.45
N GLU F 67 47.80 -4.05 -12.27
CA GLU F 67 48.22 -4.88 -13.40
C GLU F 67 47.10 -5.88 -13.68
N TRP F 68 46.09 -5.40 -14.40
CA TRP F 68 44.90 -6.22 -14.63
C TRP F 68 45.22 -7.47 -15.43
N ALA F 69 46.28 -7.45 -16.26
CA ALA F 69 46.64 -8.62 -17.05
C ALA F 69 46.83 -9.86 -16.18
N LYS F 70 47.33 -9.68 -14.95
CA LYS F 70 47.53 -10.80 -14.03
C LYS F 70 46.23 -11.51 -13.67
N PHE F 71 45.08 -10.86 -13.80
CA PHE F 71 43.82 -11.50 -13.43
C PHE F 71 42.94 -11.78 -14.64
N ALA F 72 43.43 -11.51 -15.85
CA ALA F 72 42.58 -11.55 -17.03
C ALA F 72 42.43 -12.98 -17.54
N LYS F 73 41.29 -13.22 -18.20
CA LYS F 73 41.07 -14.50 -18.84
C LYS F 73 41.34 -14.28 -20.32
N PRO F 74 42.57 -14.56 -20.78
CA PRO F 74 42.87 -14.40 -22.20
C PRO F 74 42.04 -15.37 -23.03
N GLY F 75 41.76 -14.98 -24.27
CA GLY F 75 40.99 -15.80 -25.17
C GLY F 75 39.50 -15.56 -25.11
N LYS F 76 38.99 -14.99 -24.02
CA LYS F 76 37.56 -14.70 -23.90
C LYS F 76 37.31 -13.33 -24.52
N LYS F 77 36.65 -13.32 -25.67
CA LYS F 77 36.40 -12.07 -26.38
C LYS F 77 35.35 -11.24 -25.65
N THR F 78 35.54 -9.92 -25.64
CA THR F 78 34.65 -9.00 -24.95
C THR F 78 33.81 -8.23 -25.96
N ASN F 79 32.73 -7.60 -25.45
CA ASN F 79 31.91 -6.75 -26.32
C ASN F 79 32.69 -5.54 -26.81
N LEU F 80 33.40 -4.87 -25.92
CA LEU F 80 34.21 -3.72 -26.30
C LEU F 80 35.52 -4.18 -26.92
N ASN F 81 36.03 -3.38 -27.84
CA ASN F 81 37.33 -3.66 -28.43
C ASN F 81 38.43 -3.37 -27.40
N ASP F 82 39.39 -4.29 -27.33
N ASP F 82 39.41 -4.28 -27.33
CA ASP F 82 40.56 -4.25 -26.45
CA ASP F 82 40.55 -4.16 -26.43
C ASP F 82 40.20 -4.32 -24.98
C ASP F 82 40.14 -4.18 -24.96
N ASP F 83 38.96 -4.71 -24.64
CA ASP F 83 38.59 -4.94 -23.26
C ASP F 83 39.10 -6.33 -22.85
N GLN F 84 38.94 -6.66 -21.57
CA GLN F 84 39.36 -7.96 -21.09
C GLN F 84 38.44 -8.39 -19.94
N TYR F 85 38.24 -9.70 -19.82
CA TYR F 85 37.53 -10.26 -18.69
C TYR F 85 38.50 -10.52 -17.56
N ILE F 86 38.11 -10.12 -16.36
CA ILE F 86 38.90 -10.24 -15.14
C ILE F 86 38.23 -11.26 -14.24
N VAL F 87 39.01 -12.21 -13.70
CA VAL F 87 38.46 -13.16 -12.73
C VAL F 87 38.25 -12.43 -11.41
N ILE F 88 37.01 -12.43 -10.92
CA ILE F 88 36.68 -11.73 -9.66
C ILE F 88 36.10 -12.66 -8.60
N ASN F 89 35.88 -13.93 -8.93
CA ASN F 89 35.35 -14.88 -7.94
C ASN F 89 35.48 -16.27 -8.53
N ALA F 90 35.35 -17.28 -7.66
CA ALA F 90 35.46 -18.65 -8.13
C ALA F 90 34.75 -19.58 -7.16
N SER F 91 34.29 -20.73 -7.68
CA SER F 91 33.67 -21.77 -6.86
C SER F 91 33.92 -23.13 -7.51
N VAL F 92 33.73 -24.18 -6.72
CA VAL F 92 33.94 -25.57 -7.15
C VAL F 92 32.61 -26.18 -7.54
N GLY F 93 32.57 -26.84 -8.70
CA GLY F 93 31.42 -27.63 -9.11
C GLY F 93 31.82 -29.10 -9.16
N ILE F 94 30.97 -29.97 -8.65
CA ILE F 94 31.25 -31.41 -8.63
C ILE F 94 30.08 -32.15 -9.26
N SER F 95 30.37 -33.05 -10.20
CA SER F 95 29.37 -33.93 -10.79
C SER F 95 29.82 -35.37 -10.69
N GLU F 96 28.89 -36.23 -10.29
CA GLU F 96 29.11 -37.68 -10.26
C GLU F 96 27.74 -38.30 -10.00
N SER F 97 27.67 -39.63 -10.09
CA SER F 97 26.38 -40.31 -9.95
C SER F 97 26.08 -40.79 -8.54
N TYR F 98 27.05 -40.66 -7.62
CA TYR F 98 26.95 -41.01 -6.21
C TYR F 98 26.79 -42.51 -5.98
N VAL F 99 27.18 -43.33 -6.96
CA VAL F 99 27.17 -44.79 -6.82
C VAL F 99 28.50 -45.22 -6.24
N ALA F 100 28.46 -45.88 -5.08
CA ALA F 100 29.67 -46.42 -4.48
C ALA F 100 30.05 -47.74 -5.17
N THR F 101 31.29 -47.82 -5.64
CA THR F 101 31.88 -49.01 -6.20
C THR F 101 33.28 -49.13 -5.63
N PRO F 102 33.85 -50.34 -5.56
CA PRO F 102 35.22 -50.46 -5.03
C PRO F 102 36.23 -49.65 -5.82
N GLU F 103 36.03 -49.55 -7.15
CA GLU F 103 36.93 -48.79 -8.01
C GLU F 103 36.90 -47.31 -7.66
N LYS F 104 35.69 -46.75 -7.46
CA LYS F 104 35.58 -45.33 -7.14
C LYS F 104 36.10 -45.05 -5.75
N GLU F 105 35.79 -45.91 -4.77
CA GLU F 105 36.30 -45.73 -3.42
C GLU F 105 37.82 -45.74 -3.40
N ALA F 106 38.44 -46.64 -4.18
CA ALA F 106 39.89 -46.71 -4.24
C ALA F 106 40.48 -45.46 -4.89
N ALA F 107 39.83 -44.94 -5.93
CA ALA F 107 40.32 -43.72 -6.57
C ALA F 107 40.21 -42.53 -5.65
N ILE F 108 39.12 -42.43 -4.89
CA ILE F 108 38.96 -41.33 -3.95
C ILE F 108 40.03 -41.38 -2.88
N LYS F 109 40.35 -42.57 -2.39
CA LYS F 109 41.41 -42.73 -1.40
C LYS F 109 42.75 -42.25 -1.98
N ILE F 110 43.07 -42.63 -3.23
CA ILE F 110 44.30 -42.15 -3.85
C ILE F 110 44.26 -40.63 -4.02
N ALA F 111 43.12 -40.10 -4.49
CA ALA F 111 43.02 -38.66 -4.68
C ALA F 111 43.22 -37.90 -3.38
N ASN F 112 42.63 -38.40 -2.29
CA ASN F 112 42.81 -37.75 -0.99
C ASN F 112 44.27 -37.73 -0.56
N GLU F 113 44.98 -38.84 -0.79
CA GLU F 113 46.42 -38.88 -0.47
C GLU F 113 47.20 -37.89 -1.30
N LYS F 114 46.85 -37.74 -2.59
CA LYS F 114 47.52 -36.74 -3.40
C LYS F 114 47.23 -35.32 -2.91
N MET F 115 45.99 -35.04 -2.52
CA MET F 115 45.68 -33.72 -1.98
C MET F 115 46.50 -33.45 -0.71
N ALA F 116 46.61 -34.43 0.18
CA ALA F 116 47.38 -34.25 1.41
C ALA F 116 48.84 -33.90 1.10
N LYS F 117 49.40 -34.42 0.01
CA LYS F 117 50.77 -34.11 -0.39
C LYS F 117 50.88 -32.83 -1.20
N GLY F 118 49.77 -32.18 -1.53
CA GLY F 118 49.80 -30.97 -2.33
C GLY F 118 49.86 -31.22 -3.83
N ASP F 119 49.70 -32.46 -4.27
CA ASP F 119 49.66 -32.79 -5.69
C ASP F 119 48.23 -32.56 -6.20
N LYS F 120 47.90 -31.28 -6.38
CA LYS F 120 46.52 -30.91 -6.69
C LYS F 120 46.12 -31.35 -8.09
N LYS F 121 47.05 -31.31 -9.05
CA LYS F 121 46.70 -31.72 -10.40
C LYS F 121 46.48 -33.23 -10.46
N GLY F 122 47.40 -34.01 -9.88
CA GLY F 122 47.22 -35.46 -9.88
C GLY F 122 45.92 -35.87 -9.19
N ALA F 123 45.56 -35.16 -8.12
CA ALA F 123 44.34 -35.53 -7.40
C ALA F 123 43.11 -35.35 -8.28
N MET F 124 43.05 -34.25 -9.04
CA MET F 124 41.88 -34.04 -9.89
C MET F 124 41.85 -35.03 -11.04
N GLU F 125 43.03 -35.36 -11.57
N GLU F 125 43.04 -35.35 -11.57
CA GLU F 125 43.09 -36.37 -12.63
CA GLU F 125 43.12 -36.37 -12.62
C GLU F 125 42.60 -37.72 -12.14
C GLU F 125 42.60 -37.71 -12.12
N GLU F 126 42.98 -38.10 -10.91
CA GLU F 126 42.52 -39.36 -10.35
C GLU F 126 41.00 -39.38 -10.20
N LEU F 127 40.39 -38.27 -9.75
CA LEU F 127 38.94 -38.22 -9.66
C LEU F 127 38.28 -38.31 -11.03
N ARG F 128 38.85 -37.63 -12.04
CA ARG F 128 38.24 -37.64 -13.37
C ARG F 128 38.23 -39.05 -13.95
N LEU F 129 39.29 -39.81 -13.71
CA LEU F 129 39.35 -41.20 -14.17
C LEU F 129 38.35 -42.10 -13.46
N ALA F 130 37.83 -41.67 -12.32
CA ALA F 130 36.83 -42.44 -11.58
C ALA F 130 35.40 -42.01 -11.88
N GLY F 131 35.19 -41.12 -12.85
CA GLY F 131 33.85 -40.68 -13.16
C GLY F 131 33.38 -39.45 -12.41
N VAL F 132 34.28 -38.76 -11.73
CA VAL F 132 33.96 -37.54 -10.99
C VAL F 132 34.40 -36.35 -11.83
N GLY F 133 33.49 -35.40 -12.05
CA GLY F 133 33.83 -34.16 -12.72
C GLY F 133 34.01 -33.05 -11.71
N VAL F 134 35.15 -32.38 -11.77
CA VAL F 134 35.44 -31.23 -10.92
C VAL F 134 35.65 -30.03 -11.83
N MET F 135 34.79 -29.02 -11.69
CA MET F 135 34.87 -27.83 -12.51
C MET F 135 35.28 -26.66 -11.62
N GLU F 136 36.10 -25.79 -12.15
CA GLU F 136 36.32 -24.47 -11.55
C GLU F 136 35.40 -23.48 -12.25
N ASN F 137 34.46 -22.89 -11.49
CA ASN F 137 33.55 -21.87 -12.01
C ASN F 137 34.17 -20.52 -11.72
N GLN F 138 34.58 -19.79 -12.75
CA GLN F 138 35.17 -18.47 -12.59
C GLN F 138 34.16 -17.41 -12.97
N TYR F 139 34.02 -16.39 -12.13
CA TYR F 139 33.15 -15.26 -12.42
C TYR F 139 34.01 -14.18 -13.08
N LEU F 140 33.60 -13.75 -14.28
CA LEU F 140 34.41 -12.88 -15.11
C LEU F 140 33.73 -11.53 -15.27
N MET F 141 34.53 -10.47 -15.09
CA MET F 141 34.08 -9.08 -15.16
C MET F 141 34.73 -8.39 -16.35
N PRO F 142 33.96 -7.87 -17.31
CA PRO F 142 34.58 -7.10 -18.40
C PRO F 142 34.96 -5.72 -17.86
N LEU F 143 36.27 -5.44 -17.84
CA LEU F 143 36.79 -4.33 -17.02
C LEU F 143 36.29 -2.97 -17.51
N LYS F 144 36.59 -2.61 -18.76
N LYS F 144 36.59 -2.63 -18.76
CA LYS F 144 36.20 -1.31 -19.26
CA LYS F 144 36.20 -1.31 -19.27
C LYS F 144 34.69 -1.18 -19.31
C LYS F 144 34.69 -1.17 -19.34
N GLN F 145 34.00 -2.25 -19.74
CA GLN F 145 32.55 -2.24 -19.79
C GLN F 145 31.95 -1.98 -18.41
N THR F 146 32.56 -2.56 -17.37
CA THR F 146 32.04 -2.35 -16.02
C THR F 146 32.36 -0.94 -15.54
N ARG F 147 33.58 -0.45 -15.83
CA ARG F 147 33.92 0.93 -15.51
C ARG F 147 32.91 1.89 -16.11
N ASN F 148 32.56 1.68 -17.39
CA ASN F 148 31.61 2.55 -18.08
C ASN F 148 30.25 2.53 -17.40
N ALA F 149 29.81 1.35 -16.97
CA ALA F 149 28.52 1.24 -16.31
C ALA F 149 28.52 2.00 -14.98
N LEU F 150 29.59 1.86 -14.20
CA LEU F 150 29.70 2.59 -12.94
C LEU F 150 29.73 4.09 -13.18
N ALA F 151 30.41 4.53 -14.24
CA ALA F 151 30.46 5.97 -14.52
C ALA F 151 29.08 6.49 -14.92
N ASP F 152 28.31 5.70 -15.68
CA ASP F 152 26.93 6.06 -15.95
C ASP F 152 26.11 6.16 -14.67
N ALA F 153 26.30 5.20 -13.75
CA ALA F 153 25.54 5.26 -12.50
C ALA F 153 25.93 6.48 -11.67
N GLN F 154 27.23 6.83 -11.64
CA GLN F 154 27.66 8.01 -10.92
C GLN F 154 26.98 9.28 -11.42
N LYS F 155 26.87 9.44 -12.74
CA LYS F 155 26.24 10.64 -13.27
C LYS F 155 24.78 10.73 -12.83
N LEU F 156 24.09 9.59 -12.83
CA LEU F 156 22.69 9.55 -12.41
C LEU F 156 22.56 9.83 -10.92
N LEU F 157 23.41 9.18 -10.10
CA LEU F 157 23.39 9.47 -8.66
C LEU F 157 23.62 10.95 -8.38
N ASP F 158 24.52 11.58 -9.13
CA ASP F 158 24.81 12.99 -8.93
C ASP F 158 23.58 13.86 -9.19
N LYS F 159 22.72 13.44 -10.11
CA LYS F 159 21.47 14.15 -10.41
C LYS F 159 20.29 13.63 -9.61
N LYS F 160 20.53 12.77 -8.61
CA LYS F 160 19.48 12.20 -7.76
C LYS F 160 18.45 11.41 -8.58
N GLN F 161 18.89 10.84 -9.70
CA GLN F 161 18.06 9.93 -10.51
C GLN F 161 18.28 8.50 -10.00
N TYR F 162 17.68 8.24 -8.83
CA TYR F 162 18.05 7.06 -8.05
C TYR F 162 17.54 5.77 -8.68
N TYR F 163 16.30 5.76 -9.18
CA TYR F 163 15.81 4.55 -9.85
C TYR F 163 16.68 4.22 -11.07
N GLU F 164 17.00 5.23 -11.88
CA GLU F 164 17.82 5.02 -13.06
C GLU F 164 19.21 4.54 -12.67
N ALA F 165 19.77 5.08 -11.59
CA ALA F 165 21.06 4.61 -11.11
C ALA F 165 20.98 3.13 -10.72
N ASN F 166 19.86 2.71 -10.12
CA ASN F 166 19.73 1.30 -9.76
C ASN F 166 19.77 0.42 -11.01
N LEU F 167 19.10 0.85 -12.09
CA LEU F 167 19.16 0.08 -13.34
C LEU F 167 20.56 0.07 -13.92
N ALA F 168 21.25 1.23 -13.90
CA ALA F 168 22.60 1.28 -14.46
C ALA F 168 23.53 0.33 -13.70
N LEU F 169 23.38 0.26 -12.38
CA LEU F 169 24.16 -0.68 -11.57
C LEU F 169 23.76 -2.11 -11.88
N LYS F 170 22.48 -2.34 -12.13
CA LYS F 170 22.04 -3.68 -12.54
C LYS F 170 22.72 -4.09 -13.85
N GLY F 171 22.88 -3.13 -14.77
CA GLY F 171 23.55 -3.44 -16.03
C GLY F 171 24.99 -3.82 -15.81
N ALA F 172 25.67 -3.17 -14.85
CA ALA F 172 27.02 -3.60 -14.48
C ALA F 172 27.02 -5.07 -14.00
N GLU F 173 26.08 -5.43 -13.15
CA GLU F 173 26.02 -6.82 -12.67
C GLU F 173 25.69 -7.78 -13.79
N ASP F 174 24.86 -7.36 -14.75
CA ASP F 174 24.51 -8.26 -15.85
C ASP F 174 25.70 -8.58 -16.76
N GLY F 175 26.77 -7.80 -16.68
CA GLY F 175 27.94 -8.10 -17.48
C GLY F 175 28.83 -9.19 -16.92
N ILE F 176 28.59 -9.60 -15.68
CA ILE F 176 29.37 -10.66 -15.03
C ILE F 176 28.90 -12.01 -15.56
N ILE F 177 29.82 -12.81 -16.07
CA ILE F 177 29.48 -14.12 -16.61
C ILE F 177 30.21 -15.19 -15.81
N VAL F 178 29.71 -16.42 -15.90
CA VAL F 178 30.41 -17.56 -15.31
C VAL F 178 31.06 -18.34 -16.43
N ASP F 179 32.30 -18.79 -16.21
CA ASP F 179 33.00 -19.64 -17.16
C ASP F 179 33.56 -20.83 -16.39
N SER F 180 33.13 -22.03 -16.76
CA SER F 180 33.48 -23.25 -16.04
C SER F 180 34.49 -24.05 -16.85
N GLU F 181 35.56 -24.49 -16.19
CA GLU F 181 36.59 -25.28 -16.86
C GLU F 181 36.99 -26.43 -15.95
N ALA F 182 37.30 -27.57 -16.56
CA ALA F 182 37.79 -28.72 -15.79
C ALA F 182 39.05 -28.32 -15.04
N LEU F 183 39.06 -28.58 -13.72
CA LEU F 183 40.12 -28.06 -12.87
C LEU F 183 41.42 -28.81 -13.12
N PHE F 184 42.47 -28.06 -13.47
CA PHE F 184 43.81 -28.58 -13.76
C PHE F 184 43.80 -29.61 -14.89
N VAL F 185 42.89 -29.47 -15.86
CA VAL F 185 42.79 -30.51 -16.89
C VAL F 185 43.92 -30.40 -17.92
N ARG G 23 0.09 -28.16 -9.03
CA ARG G 23 0.19 -28.55 -10.42
C ARG G 23 0.84 -27.45 -11.27
N ILE G 24 1.62 -27.86 -12.27
CA ILE G 24 2.30 -26.94 -13.17
C ILE G 24 1.37 -26.55 -14.30
N SER G 25 1.26 -25.25 -14.55
CA SER G 25 0.53 -24.72 -15.71
C SER G 25 1.34 -24.97 -16.99
N GLU G 26 0.86 -25.87 -17.85
CA GLU G 26 1.55 -26.07 -19.12
C GLU G 26 1.48 -24.81 -19.99
N GLN G 27 0.38 -24.06 -19.90
CA GLN G 27 0.26 -22.84 -20.69
C GLN G 27 1.35 -21.84 -20.33
N GLY G 28 1.57 -21.62 -19.03
CA GLY G 28 2.60 -20.70 -18.60
C GLY G 28 4.00 -21.21 -18.92
N LEU G 29 4.21 -22.52 -18.78
CA LEU G 29 5.51 -23.10 -19.11
C LEU G 29 5.83 -22.90 -20.59
N TYR G 30 4.88 -23.27 -21.46
CA TYR G 30 5.10 -23.12 -22.89
C TYR G 30 5.27 -21.65 -23.27
N ALA G 31 4.52 -20.76 -22.62
CA ALA G 31 4.62 -19.35 -22.96
C ALA G 31 6.01 -18.81 -22.65
N MET G 32 6.56 -19.14 -21.49
CA MET G 32 7.88 -18.59 -21.18
C MET G 32 8.98 -19.25 -22.01
N ARG G 33 8.81 -20.52 -22.42
CA ARG G 33 9.77 -21.08 -23.39
C ARG G 33 9.70 -20.34 -24.71
N ASP G 34 8.48 -19.97 -25.15
CA ASP G 34 8.33 -19.19 -26.38
C ASP G 34 9.08 -17.87 -26.28
N VAL G 35 8.99 -17.22 -25.11
CA VAL G 35 9.65 -15.93 -24.92
C VAL G 35 11.16 -16.07 -25.06
N GLN G 36 11.72 -17.11 -24.44
CA GLN G 36 13.17 -17.31 -24.52
C GLN G 36 13.62 -17.48 -25.97
N VAL G 37 12.92 -18.32 -26.73
CA VAL G 37 13.29 -18.56 -28.13
C VAL G 37 13.08 -17.31 -28.95
N ALA G 38 12.02 -16.55 -28.67
CA ALA G 38 11.76 -15.31 -29.40
C ALA G 38 12.89 -14.31 -29.20
N ARG G 39 13.38 -14.15 -27.97
CA ARG G 39 14.48 -13.21 -27.72
C ARG G 39 15.72 -13.61 -28.51
N LEU G 40 16.03 -14.90 -28.56
CA LEU G 40 17.18 -15.35 -29.35
C LEU G 40 16.96 -15.09 -30.84
N ALA G 41 15.75 -15.32 -31.34
CA ALA G 41 15.46 -15.12 -32.76
C ALA G 41 15.68 -13.68 -33.19
N LEU G 42 15.38 -12.73 -32.31
CA LEU G 42 15.59 -11.31 -32.64
C LEU G 42 17.06 -11.01 -32.94
N PHE G 43 17.98 -11.65 -32.24
CA PHE G 43 19.40 -11.36 -32.43
C PHE G 43 20.04 -12.26 -33.47
N HIS G 44 19.29 -13.20 -34.02
CA HIS G 44 19.80 -14.05 -35.09
C HIS G 44 19.12 -13.75 -36.42
N GLY G 45 18.57 -12.55 -36.55
CA GLY G 45 18.04 -12.08 -37.82
C GLY G 45 16.75 -12.74 -38.26
N ASP G 46 15.92 -13.19 -37.33
CA ASP G 46 14.64 -13.83 -37.64
C ASP G 46 13.53 -13.20 -36.84
N PRO G 47 13.21 -11.93 -37.12
CA PRO G 47 12.14 -11.27 -36.35
C PRO G 47 10.76 -11.83 -36.65
N GLU G 48 10.53 -12.37 -37.85
CA GLU G 48 9.22 -12.96 -38.12
C GLU G 48 8.95 -14.13 -37.19
N LYS G 49 9.99 -14.95 -36.91
CA LYS G 49 9.84 -16.01 -35.92
C LYS G 49 9.60 -15.42 -34.53
N ALA G 50 10.33 -14.37 -34.17
CA ALA G 50 10.11 -13.73 -32.88
C ALA G 50 8.67 -13.24 -32.73
N LYS G 51 8.11 -12.65 -33.79
CA LYS G 51 6.74 -12.16 -33.74
C LYS G 51 5.75 -13.30 -33.53
N GLU G 52 5.93 -14.39 -34.28
CA GLU G 52 5.01 -15.52 -34.16
C GLU G 52 5.05 -16.13 -32.78
N LEU G 53 6.26 -16.27 -32.22
CA LEU G 53 6.38 -16.87 -30.89
C LEU G 53 5.84 -15.92 -29.81
N THR G 54 6.03 -14.61 -29.97
CA THR G 54 5.49 -13.68 -28.99
C THR G 54 3.96 -13.67 -29.04
N ASN G 55 3.40 -13.71 -30.24
CA ASN G 55 1.94 -13.80 -30.35
C ASN G 55 1.43 -15.10 -29.73
N GLU G 56 2.16 -16.21 -29.91
CA GLU G 56 1.76 -17.47 -29.29
C GLU G 56 1.78 -17.37 -27.77
N ALA G 57 2.84 -16.80 -27.20
CA ALA G 57 2.91 -16.65 -25.74
C ALA G 57 1.79 -15.76 -25.21
N SER G 58 1.51 -14.64 -25.88
N SER G 58 1.51 -14.65 -25.89
CA SER G 58 0.43 -13.77 -25.45
CA SER G 58 0.43 -13.77 -25.43
C SER G 58 -0.91 -14.50 -25.49
C SER G 58 -0.92 -14.47 -25.50
N ALA G 59 -1.16 -15.27 -26.54
CA ALA G 59 -2.41 -16.00 -26.63
C ALA G 59 -2.52 -17.05 -25.54
N LEU G 60 -1.40 -17.71 -25.20
CA LEU G 60 -1.42 -18.70 -24.13
C LEU G 60 -1.79 -18.07 -22.79
N LEU G 61 -1.36 -16.84 -22.55
CA LEU G 61 -1.63 -16.22 -21.25
C LEU G 61 -2.96 -15.49 -21.20
N SER G 62 -3.54 -15.16 -22.36
CA SER G 62 -4.68 -14.28 -22.43
C SER G 62 -6.04 -14.96 -22.53
N ASP G 63 -6.11 -16.22 -22.96
CA ASP G 63 -7.42 -16.80 -23.21
C ASP G 63 -8.15 -17.10 -21.90
N ASP G 64 -9.44 -16.78 -21.87
CA ASP G 64 -10.24 -16.84 -20.65
C ASP G 64 -10.62 -18.25 -20.24
N SER G 65 -10.51 -19.22 -21.15
CA SER G 65 -10.92 -20.59 -20.84
C SER G 65 -9.94 -21.33 -19.97
N THR G 66 -8.72 -20.80 -19.77
CA THR G 66 -7.73 -21.45 -18.92
C THR G 66 -8.10 -21.23 -17.45
N GLU G 67 -8.02 -22.29 -16.65
CA GLU G 67 -8.47 -22.22 -15.25
C GLU G 67 -7.26 -21.96 -14.36
N TRP G 68 -6.83 -20.69 -14.35
CA TRP G 68 -5.58 -20.32 -13.71
C TRP G 68 -5.56 -20.62 -12.21
N ALA G 69 -6.69 -20.41 -11.53
CA ALA G 69 -6.72 -20.57 -10.07
C ALA G 69 -6.20 -21.94 -9.63
N LYS G 70 -6.43 -22.97 -10.45
CA LYS G 70 -5.91 -24.31 -10.18
C LYS G 70 -4.38 -24.34 -10.06
N PHE G 71 -3.67 -23.38 -10.64
CA PHE G 71 -2.21 -23.37 -10.60
C PHE G 71 -1.65 -22.22 -9.79
N ALA G 72 -2.50 -21.40 -9.18
CA ALA G 72 -2.04 -20.21 -8.48
C ALA G 72 -1.39 -20.56 -7.15
N LYS G 73 -0.49 -19.68 -6.71
CA LYS G 73 0.19 -19.77 -5.42
C LYS G 73 -0.36 -18.65 -4.55
N PRO G 74 -1.45 -18.87 -3.82
CA PRO G 74 -1.93 -17.83 -2.90
C PRO G 74 -0.96 -17.66 -1.74
N GLY G 75 -1.01 -16.48 -1.14
CA GLY G 75 -0.07 -16.12 -0.11
C GLY G 75 1.19 -15.47 -0.61
N LYS G 76 1.39 -15.43 -1.92
CA LYS G 76 2.53 -14.76 -2.54
C LYS G 76 2.00 -13.45 -3.10
N LYS G 77 2.31 -12.35 -2.43
CA LYS G 77 1.78 -11.05 -2.86
C LYS G 77 2.48 -10.60 -4.13
N THR G 78 1.69 -10.13 -5.09
CA THR G 78 2.19 -9.69 -6.39
C THR G 78 2.43 -8.19 -6.38
N ASN G 79 3.13 -7.71 -7.42
CA ASN G 79 3.36 -6.27 -7.53
C ASN G 79 2.11 -5.53 -7.99
N LEU G 80 1.37 -6.10 -8.93
CA LEU G 80 0.11 -5.48 -9.36
C LEU G 80 -1.01 -5.84 -8.37
N ASN G 81 -1.90 -4.90 -8.15
CA ASN G 81 -3.11 -5.21 -7.38
C ASN G 81 -3.90 -6.30 -8.09
N ASP G 82 -4.40 -7.25 -7.31
CA ASP G 82 -5.31 -8.29 -7.79
C ASP G 82 -4.66 -9.21 -8.82
N ASP G 83 -3.34 -9.32 -8.83
CA ASP G 83 -2.68 -10.28 -9.69
C ASP G 83 -2.44 -11.55 -8.89
N GLN G 84 -1.92 -12.60 -9.55
CA GLN G 84 -1.61 -13.84 -8.86
C GLN G 84 -0.39 -14.49 -9.49
N TYR G 85 0.40 -15.17 -8.67
CA TYR G 85 1.50 -15.96 -9.18
C TYR G 85 0.99 -17.34 -9.59
N ILE G 86 1.43 -17.80 -10.75
CA ILE G 86 1.06 -19.10 -11.32
C ILE G 86 2.29 -20.00 -11.29
N VAL G 87 2.12 -21.24 -10.83
CA VAL G 87 3.22 -22.20 -10.91
C VAL G 87 3.40 -22.64 -12.36
N ILE G 88 4.58 -22.39 -12.94
CA ILE G 88 4.86 -22.77 -14.32
C ILE G 88 5.98 -23.79 -14.45
N ASN G 89 6.64 -24.15 -13.36
CA ASN G 89 7.69 -25.16 -13.40
C ASN G 89 8.00 -25.59 -11.98
N ALA G 90 8.64 -26.75 -11.86
CA ALA G 90 9.02 -27.24 -10.54
C ALA G 90 10.25 -28.14 -10.70
N SER G 91 11.09 -28.16 -9.67
CA SER G 91 12.24 -29.05 -9.61
C SER G 91 12.47 -29.49 -8.17
N VAL G 92 13.24 -30.57 -8.02
CA VAL G 92 13.60 -31.15 -6.73
C VAL G 92 14.96 -30.60 -6.30
N GLY G 93 15.06 -30.14 -5.04
CA GLY G 93 16.35 -29.78 -4.49
C GLY G 93 16.70 -30.67 -3.32
N ILE G 94 17.91 -31.23 -3.32
CA ILE G 94 18.33 -32.20 -2.31
C ILE G 94 19.53 -31.62 -1.56
N SER G 95 19.48 -31.69 -0.23
CA SER G 95 20.60 -31.32 0.62
C SER G 95 20.95 -32.49 1.53
N GLU G 96 22.23 -32.90 1.52
CA GLU G 96 22.69 -33.89 2.48
C GLU G 96 24.22 -33.89 2.43
N SER G 97 24.82 -34.67 3.33
CA SER G 97 26.27 -34.68 3.46
C SER G 97 26.94 -35.81 2.67
N TYR G 98 26.17 -36.75 2.11
CA TYR G 98 26.66 -37.83 1.26
C TYR G 98 27.55 -38.83 1.99
N VAL G 99 27.47 -38.87 3.32
CA VAL G 99 28.22 -39.83 4.12
C VAL G 99 27.36 -41.05 4.39
N ALA G 100 27.87 -42.23 4.07
CA ALA G 100 27.14 -43.47 4.26
C ALA G 100 27.38 -44.03 5.66
N THR G 101 26.30 -44.47 6.30
CA THR G 101 26.35 -45.22 7.56
C THR G 101 25.30 -46.32 7.48
N PRO G 102 25.46 -47.40 8.26
CA PRO G 102 24.43 -48.45 8.26
C PRO G 102 23.05 -47.94 8.63
N GLU G 103 22.94 -47.07 9.64
CA GLU G 103 21.65 -46.50 9.99
C GLU G 103 21.04 -45.77 8.81
N LYS G 104 21.85 -45.00 8.08
CA LYS G 104 21.32 -44.17 7.01
C LYS G 104 20.81 -45.02 5.85
N GLU G 105 21.60 -46.01 5.42
CA GLU G 105 21.16 -46.89 4.34
C GLU G 105 19.91 -47.66 4.74
N ALA G 106 19.78 -48.02 6.03
CA ALA G 106 18.58 -48.71 6.49
C ALA G 106 17.36 -47.82 6.36
N ALA G 107 17.49 -46.53 6.72
CA ALA G 107 16.36 -45.62 6.55
C ALA G 107 16.07 -45.36 5.08
N ILE G 108 17.11 -45.28 4.24
CA ILE G 108 16.87 -45.04 2.82
C ILE G 108 16.11 -46.20 2.20
N LYS G 109 16.46 -47.44 2.59
CA LYS G 109 15.75 -48.62 2.10
C LYS G 109 14.26 -48.54 2.40
N ILE G 110 13.91 -48.18 3.64
CA ILE G 110 12.50 -48.04 4.00
C ILE G 110 11.87 -46.90 3.22
N ALA G 111 12.60 -45.79 3.05
CA ALA G 111 12.11 -44.71 2.20
C ALA G 111 11.80 -45.22 0.80
N ASN G 112 12.67 -46.06 0.24
CA ASN G 112 12.41 -46.60 -1.09
C ASN G 112 11.22 -47.55 -1.08
N GLU G 113 11.09 -48.36 -0.04
CA GLU G 113 9.94 -49.26 0.07
C GLU G 113 8.63 -48.49 0.10
N LYS G 114 8.61 -47.36 0.81
CA LYS G 114 7.38 -46.57 0.90
C LYS G 114 7.08 -45.82 -0.39
N MET G 115 8.12 -45.32 -1.07
CA MET G 115 7.92 -44.74 -2.40
C MET G 115 7.31 -45.77 -3.35
N ALA G 116 7.70 -47.04 -3.20
CA ALA G 116 7.14 -48.09 -4.04
C ALA G 116 5.67 -48.34 -3.72
N LYS G 117 5.32 -48.39 -2.44
CA LYS G 117 3.93 -48.58 -2.01
C LYS G 117 3.10 -47.31 -2.11
N GLY G 118 3.61 -46.27 -2.77
CA GLY G 118 2.86 -45.05 -2.98
C GLY G 118 2.85 -44.08 -1.81
N ASP G 119 3.36 -44.47 -0.66
CA ASP G 119 3.36 -43.61 0.54
C ASP G 119 4.42 -42.52 0.35
N LYS G 120 4.05 -41.50 -0.42
CA LYS G 120 5.01 -40.45 -0.75
C LYS G 120 5.32 -39.57 0.45
N LYS G 121 4.34 -39.35 1.34
CA LYS G 121 4.59 -38.51 2.50
C LYS G 121 5.42 -39.26 3.55
N GLY G 122 5.14 -40.54 3.77
CA GLY G 122 5.95 -41.33 4.68
C GLY G 122 7.36 -41.60 4.17
N ALA G 123 7.54 -41.56 2.85
CA ALA G 123 8.88 -41.69 2.29
C ALA G 123 9.75 -40.49 2.68
N MET G 124 9.17 -39.28 2.61
CA MET G 124 9.92 -38.08 2.97
C MET G 124 10.38 -38.12 4.41
N GLU G 125 9.52 -38.57 5.32
CA GLU G 125 9.91 -38.58 6.73
C GLU G 125 10.98 -39.63 7.00
N GLU G 126 11.04 -40.68 6.19
CA GLU G 126 12.13 -41.62 6.31
C GLU G 126 13.44 -41.02 5.82
N LEU G 127 13.39 -40.24 4.72
CA LEU G 127 14.59 -39.57 4.25
C LEU G 127 15.10 -38.55 5.27
N ARG G 128 14.19 -37.86 5.96
CA ARG G 128 14.65 -36.93 6.99
C ARG G 128 15.33 -37.65 8.14
N LEU G 129 14.87 -38.86 8.49
CA LEU G 129 15.60 -39.66 9.46
C LEU G 129 17.00 -40.00 8.97
N ALA G 130 17.16 -40.20 7.65
CA ALA G 130 18.49 -40.42 7.08
C ALA G 130 19.33 -39.16 7.02
N GLY G 131 18.80 -38.00 7.40
CA GLY G 131 19.55 -36.76 7.33
C GLY G 131 19.48 -36.04 6.01
N VAL G 132 18.46 -36.30 5.19
CA VAL G 132 18.33 -35.73 3.86
C VAL G 132 17.29 -34.61 3.92
N GLY G 133 17.62 -33.46 3.34
CA GLY G 133 16.68 -32.38 3.16
C GLY G 133 16.20 -32.35 1.72
N VAL G 134 14.88 -32.26 1.55
CA VAL G 134 14.27 -32.22 0.23
C VAL G 134 13.39 -30.98 0.12
N MET G 135 13.63 -30.18 -0.91
CA MET G 135 12.83 -29.00 -1.22
C MET G 135 12.17 -29.19 -2.58
N GLU G 136 10.96 -28.65 -2.72
CA GLU G 136 10.37 -28.48 -4.04
C GLU G 136 10.54 -27.03 -4.45
N ASN G 137 11.23 -26.81 -5.56
CA ASN G 137 11.45 -25.47 -6.10
C ASN G 137 10.35 -25.19 -7.11
N GLN G 138 9.54 -24.18 -6.85
CA GLN G 138 8.47 -23.82 -7.77
C GLN G 138 8.81 -22.51 -8.46
N TYR G 139 8.73 -22.49 -9.80
CA TYR G 139 8.90 -21.28 -10.58
C TYR G 139 7.55 -20.59 -10.75
N LEU G 140 7.46 -19.33 -10.34
CA LEU G 140 6.20 -18.60 -10.23
C LEU G 140 6.15 -17.45 -11.22
N MET G 141 5.03 -17.35 -11.95
CA MET G 141 4.81 -16.34 -12.98
C MET G 141 3.65 -15.42 -12.57
N PRO G 142 3.88 -14.10 -12.39
CA PRO G 142 2.77 -13.19 -12.11
C PRO G 142 1.97 -12.93 -13.38
N LEU G 143 0.72 -13.42 -13.40
CA LEU G 143 -0.01 -13.59 -14.66
C LEU G 143 -0.27 -12.25 -15.35
N LYS G 144 -0.94 -11.32 -14.68
CA LYS G 144 -1.27 -10.05 -15.35
C LYS G 144 -0.01 -9.27 -15.68
N GLN G 145 0.94 -9.24 -14.75
CA GLN G 145 2.21 -8.58 -15.00
C GLN G 145 2.90 -9.15 -16.24
N THR G 146 2.87 -10.47 -16.39
CA THR G 146 3.50 -11.06 -17.56
C THR G 146 2.71 -10.76 -18.83
N ARG G 147 1.37 -10.82 -18.76
CA ARG G 147 0.56 -10.44 -19.91
C ARG G 147 0.86 -9.02 -20.38
N ASN G 148 0.97 -8.09 -19.43
CA ASN G 148 1.26 -6.70 -19.79
C ASN G 148 2.60 -6.56 -20.49
N ALA G 149 3.62 -7.27 -20.01
CA ALA G 149 4.92 -7.18 -20.67
C ALA G 149 4.89 -7.78 -22.07
N LEU G 150 4.20 -8.90 -22.27
CA LEU G 150 4.08 -9.44 -23.62
C LEU G 150 3.32 -8.49 -24.53
N ALA G 151 2.26 -7.85 -24.02
CA ALA G 151 1.52 -6.88 -24.82
C ALA G 151 2.41 -5.70 -25.21
N ASP G 152 3.25 -5.21 -24.28
CA ASP G 152 4.22 -4.18 -24.63
C ASP G 152 5.16 -4.67 -25.73
N ALA G 153 5.61 -5.92 -25.63
CA ALA G 153 6.50 -6.48 -26.64
C ALA G 153 5.82 -6.56 -28.00
N GLN G 154 4.55 -6.96 -28.03
CA GLN G 154 3.82 -7.04 -29.29
C GLN G 154 3.73 -5.69 -29.96
N LYS G 155 3.44 -4.62 -29.18
CA LYS G 155 3.35 -3.29 -29.78
C LYS G 155 4.68 -2.89 -30.39
N LEU G 156 5.78 -3.17 -29.69
CA LEU G 156 7.11 -2.85 -30.21
C LEU G 156 7.41 -3.66 -31.47
N LEU G 157 7.15 -4.97 -31.42
CA LEU G 157 7.35 -5.81 -32.61
C LEU G 157 6.56 -5.27 -33.80
N ASP G 158 5.32 -4.85 -33.58
CA ASP G 158 4.50 -4.34 -34.67
C ASP G 158 5.10 -3.08 -35.30
N LYS G 159 5.91 -2.33 -34.54
CA LYS G 159 6.59 -1.15 -35.06
C LYS G 159 8.02 -1.45 -35.50
N LYS G 160 8.41 -2.72 -35.52
CA LYS G 160 9.76 -3.16 -35.90
C LYS G 160 10.83 -2.61 -34.95
N GLN G 161 10.46 -2.38 -33.70
CA GLN G 161 11.42 -1.98 -32.66
C GLN G 161 11.94 -3.25 -31.98
N TYR G 162 12.85 -3.92 -32.68
CA TYR G 162 13.24 -5.28 -32.32
C TYR G 162 14.08 -5.31 -31.04
N TYR G 163 15.09 -4.43 -30.93
CA TYR G 163 15.86 -4.39 -29.70
C TYR G 163 14.97 -4.06 -28.50
N GLU G 164 14.11 -3.04 -28.66
CA GLU G 164 13.20 -2.68 -27.57
C GLU G 164 12.28 -3.85 -27.21
N ALA G 165 11.76 -4.56 -28.20
CA ALA G 165 10.91 -5.71 -27.89
C ALA G 165 11.66 -6.75 -27.10
N ASN G 166 12.95 -6.93 -27.40
CA ASN G 166 13.77 -7.88 -26.64
C ASN G 166 13.86 -7.48 -25.16
N LEU G 167 13.97 -6.19 -24.87
CA LEU G 167 13.97 -5.76 -23.47
C LEU G 167 12.61 -5.99 -22.82
N ALA G 168 11.52 -5.75 -23.55
CA ALA G 168 10.22 -5.99 -22.94
C ALA G 168 10.04 -7.47 -22.63
N LEU G 169 10.50 -8.35 -23.52
CA LEU G 169 10.46 -9.77 -23.24
C LEU G 169 11.37 -10.13 -22.08
N LYS G 170 12.54 -9.49 -22.01
CA LYS G 170 13.44 -9.69 -20.87
C LYS G 170 12.73 -9.31 -19.57
N GLY G 171 11.97 -8.21 -19.58
CA GLY G 171 11.22 -7.83 -18.40
C GLY G 171 10.21 -8.88 -17.98
N ALA G 172 9.57 -9.54 -18.95
CA ALA G 172 8.67 -10.65 -18.62
C ALA G 172 9.43 -11.78 -17.93
N GLU G 173 10.61 -12.13 -18.44
CA GLU G 173 11.41 -13.16 -17.78
C GLU G 173 11.87 -12.73 -16.40
N ASP G 174 12.17 -11.45 -16.23
CA ASP G 174 12.64 -10.96 -14.94
C ASP G 174 11.56 -11.00 -13.85
N GLY G 175 10.29 -11.16 -14.21
CA GLY G 175 9.25 -11.32 -13.20
C GLY G 175 9.07 -12.71 -12.65
N ILE G 176 9.68 -13.72 -13.28
CA ILE G 176 9.62 -15.09 -12.78
C ILE G 176 10.50 -15.21 -11.54
N ILE G 177 9.95 -15.77 -10.46
CA ILE G 177 10.71 -16.00 -9.24
C ILE G 177 10.68 -17.49 -8.90
N VAL G 178 11.58 -17.90 -8.02
CA VAL G 178 11.61 -19.27 -7.51
C VAL G 178 11.17 -19.24 -6.05
N ASP G 179 10.32 -20.20 -5.68
CA ASP G 179 9.82 -20.36 -4.31
C ASP G 179 10.10 -21.80 -3.89
N SER G 180 10.93 -21.98 -2.87
CA SER G 180 11.33 -23.31 -2.43
C SER G 180 10.61 -23.65 -1.13
N GLU G 181 10.04 -24.86 -1.06
CA GLU G 181 9.31 -25.31 0.12
C GLU G 181 9.72 -26.73 0.46
N ALA G 182 9.78 -27.02 1.76
CA ALA G 182 10.11 -28.37 2.21
C ALA G 182 9.00 -29.32 1.80
N LEU G 183 9.37 -30.42 1.14
CA LEU G 183 8.40 -31.30 0.51
C LEU G 183 7.73 -32.18 1.56
N PHE G 184 6.41 -32.07 1.69
CA PHE G 184 5.60 -32.88 2.61
C PHE G 184 6.16 -32.85 4.04
N VAL G 185 6.19 -31.66 4.64
CA VAL G 185 6.64 -31.61 6.03
C VAL G 185 5.45 -31.78 6.98
N ARG H 23 24.31 -25.18 -33.46
CA ARG H 23 22.89 -25.08 -33.13
C ARG H 23 22.56 -25.87 -31.87
N ILE H 24 21.30 -25.82 -31.45
CA ILE H 24 20.86 -26.49 -30.24
C ILE H 24 20.47 -27.92 -30.56
N SER H 25 20.94 -28.87 -29.76
CA SER H 25 20.51 -30.26 -29.90
C SER H 25 19.16 -30.45 -29.21
N GLU H 26 18.11 -30.67 -30.01
N GLU H 26 18.10 -30.65 -29.99
CA GLU H 26 16.79 -30.93 -29.43
CA GLU H 26 16.80 -30.90 -29.38
C GLU H 26 16.77 -32.23 -28.65
C GLU H 26 16.77 -32.23 -28.63
N GLN H 27 17.54 -33.23 -29.09
CA GLN H 27 17.60 -34.50 -28.38
C GLN H 27 18.14 -34.30 -26.96
N GLY H 28 19.24 -33.57 -26.83
CA GLY H 28 19.78 -33.29 -25.50
C GLY H 28 18.85 -32.42 -24.67
N LEU H 29 18.21 -31.43 -25.30
CA LEU H 29 17.26 -30.61 -24.56
C LEU H 29 16.11 -31.46 -24.03
N TYR H 30 15.53 -32.31 -24.88
CA TYR H 30 14.43 -33.17 -24.44
C TYR H 30 14.89 -34.13 -23.36
N ALA H 31 16.09 -34.71 -23.54
CA ALA H 31 16.63 -35.64 -22.54
C ALA H 31 16.74 -34.99 -21.17
N MET H 32 17.33 -33.79 -21.11
CA MET H 32 17.50 -33.16 -19.81
C MET H 32 16.17 -32.68 -19.21
N ARG H 33 15.21 -32.28 -20.06
CA ARG H 33 13.88 -32.02 -19.51
C ARG H 33 13.27 -33.30 -18.94
N ASP H 34 13.46 -34.43 -19.64
CA ASP H 34 13.01 -35.71 -19.10
C ASP H 34 13.61 -35.98 -17.73
N VAL H 35 14.91 -35.70 -17.57
CA VAL H 35 15.57 -35.94 -16.29
C VAL H 35 14.91 -35.12 -15.19
N GLN H 36 14.61 -33.84 -15.47
CA GLN H 36 14.01 -32.97 -14.45
C GLN H 36 12.65 -33.52 -14.03
N VAL H 37 11.83 -33.91 -15.00
CA VAL H 37 10.50 -34.44 -14.68
C VAL H 37 10.62 -35.78 -13.94
N ALA H 38 11.60 -36.61 -14.34
CA ALA H 38 11.77 -37.91 -13.70
C ALA H 38 12.12 -37.76 -12.21
N ARG H 39 13.00 -36.82 -11.86
CA ARG H 39 13.35 -36.63 -10.45
C ARG H 39 12.14 -36.19 -9.64
N LEU H 40 11.31 -35.31 -10.20
CA LEU H 40 10.08 -34.93 -9.51
C LEU H 40 9.15 -36.12 -9.35
N ALA H 41 9.02 -36.94 -10.39
CA ALA H 41 8.10 -38.07 -10.34
C ALA H 41 8.50 -39.06 -9.27
N LEU H 42 9.80 -39.21 -9.03
CA LEU H 42 10.27 -40.13 -8.00
C LEU H 42 9.78 -39.72 -6.61
N PHE H 43 9.77 -38.41 -6.33
CA PHE H 43 9.34 -37.91 -5.03
C PHE H 43 7.84 -37.69 -4.95
N HIS H 44 7.12 -37.77 -6.06
CA HIS H 44 5.67 -37.63 -6.06
C HIS H 44 4.98 -38.96 -6.38
N GLY H 45 5.66 -40.07 -6.08
CA GLY H 45 5.02 -41.37 -6.08
C GLY H 45 4.73 -42.00 -7.43
N ASP H 46 5.48 -41.64 -8.46
CA ASP H 46 5.31 -42.21 -9.79
C ASP H 46 6.65 -42.70 -10.31
N PRO H 47 7.23 -43.73 -9.68
CA PRO H 47 8.53 -44.22 -10.15
C PRO H 47 8.48 -44.87 -11.54
N GLU H 48 7.34 -45.41 -11.95
CA GLU H 48 7.31 -46.01 -13.29
C GLU H 48 7.39 -44.94 -14.37
N LYS H 49 6.80 -43.77 -14.11
CA LYS H 49 6.99 -42.65 -15.03
C LYS H 49 8.45 -42.22 -15.05
N ALA H 50 9.07 -42.12 -13.88
CA ALA H 50 10.49 -41.77 -13.81
C ALA H 50 11.33 -42.76 -14.62
N LYS H 51 11.00 -44.04 -14.53
CA LYS H 51 11.74 -45.06 -15.26
C LYS H 51 11.60 -44.88 -16.77
N GLU H 52 10.36 -44.64 -17.23
CA GLU H 52 10.14 -44.44 -18.66
C GLU H 52 10.86 -43.20 -19.17
N LEU H 53 10.81 -42.11 -18.40
CA LEU H 53 11.47 -40.88 -18.83
C LEU H 53 12.98 -41.03 -18.84
N THR H 54 13.54 -41.77 -17.87
CA THR H 54 14.98 -41.99 -17.85
C THR H 54 15.41 -42.86 -19.03
N ASN H 55 14.59 -43.85 -19.40
CA ASN H 55 14.90 -44.69 -20.55
C ASN H 55 14.83 -43.90 -21.85
N GLU H 56 13.86 -42.98 -21.97
CA GLU H 56 13.80 -42.14 -23.16
C GLU H 56 14.99 -41.19 -23.23
N ALA H 57 15.36 -40.59 -22.11
CA ALA H 57 16.55 -39.72 -22.08
C ALA H 57 17.79 -40.48 -22.54
N SER H 58 17.99 -41.70 -22.03
CA SER H 58 19.13 -42.50 -22.44
C SER H 58 19.09 -42.79 -23.94
N ALA H 59 17.91 -43.14 -24.44
CA ALA H 59 17.76 -43.45 -25.87
C ALA H 59 18.03 -42.23 -26.73
N LEU H 60 17.59 -41.05 -26.26
CA LEU H 60 17.83 -39.83 -27.02
C LEU H 60 19.32 -39.52 -27.13
N LEU H 61 20.12 -40.00 -26.19
CA LEU H 61 21.53 -39.68 -26.13
C LEU H 61 22.45 -40.78 -26.65
N SER H 62 21.93 -41.98 -26.87
CA SER H 62 22.80 -43.14 -27.05
C SER H 62 22.84 -43.64 -28.49
N ASP H 63 22.44 -42.79 -29.43
CA ASP H 63 22.31 -43.23 -30.81
C ASP H 63 23.67 -43.24 -31.51
N ASP H 64 23.99 -44.37 -32.15
CA ASP H 64 25.20 -44.45 -32.98
C ASP H 64 25.15 -43.46 -34.14
N SER H 65 23.96 -43.15 -34.62
CA SER H 65 23.78 -42.42 -35.86
C SER H 65 23.65 -40.91 -35.68
N THR H 66 23.52 -40.41 -34.47
CA THR H 66 23.47 -38.96 -34.31
C THR H 66 24.86 -38.39 -34.56
N GLU H 67 24.93 -37.37 -35.42
CA GLU H 67 26.19 -36.70 -35.69
C GLU H 67 26.33 -35.55 -34.70
N TRP H 68 26.82 -35.89 -33.51
CA TRP H 68 26.88 -34.93 -32.42
C TRP H 68 27.84 -33.79 -32.70
N ALA H 69 28.80 -34.00 -33.60
CA ALA H 69 29.79 -32.95 -33.89
C ALA H 69 29.14 -31.68 -34.37
N LYS H 70 27.96 -31.78 -35.01
CA LYS H 70 27.25 -30.60 -35.47
C LYS H 70 26.83 -29.69 -34.32
N PHE H 71 26.61 -30.26 -33.13
CA PHE H 71 26.17 -29.50 -31.97
C PHE H 71 27.26 -29.30 -30.93
N ALA H 72 28.49 -29.71 -31.23
CA ALA H 72 29.51 -29.74 -30.20
C ALA H 72 30.19 -28.38 -30.07
N LYS H 73 30.76 -28.15 -28.89
CA LYS H 73 31.61 -27.00 -28.62
C LYS H 73 33.04 -27.52 -28.56
N PRO H 74 33.76 -27.56 -29.67
N PRO H 74 33.73 -27.64 -29.70
CA PRO H 74 35.00 -28.37 -29.73
CA PRO H 74 35.14 -28.04 -29.65
C PRO H 74 36.15 -27.92 -28.81
C PRO H 74 35.95 -26.93 -29.03
N GLY H 75 36.22 -26.66 -28.39
N GLY H 75 36.89 -27.32 -28.17
CA GLY H 75 37.35 -26.17 -27.61
CA GLY H 75 37.68 -26.38 -27.41
C GLY H 75 37.25 -26.31 -26.10
C GLY H 75 37.33 -26.35 -25.95
N LYS H 76 36.10 -26.72 -25.58
CA LYS H 76 35.81 -26.86 -24.17
C LYS H 76 36.23 -28.26 -23.73
N LYS H 77 37.30 -28.35 -22.93
CA LYS H 77 37.83 -29.65 -22.54
C LYS H 77 36.89 -30.34 -21.56
N THR H 78 36.68 -31.64 -21.77
CA THR H 78 35.74 -32.42 -20.96
C THR H 78 36.46 -33.14 -19.83
N ASN H 79 35.66 -33.69 -18.91
CA ASN H 79 36.22 -34.49 -17.81
C ASN H 79 36.66 -35.87 -18.28
N LEU H 80 35.84 -36.52 -19.10
CA LEU H 80 36.25 -37.80 -19.68
C LEU H 80 37.10 -37.56 -20.92
N ASN H 81 38.01 -38.50 -21.19
CA ASN H 81 38.82 -38.43 -22.40
C ASN H 81 37.93 -38.57 -23.62
N ASP H 82 38.13 -37.67 -24.59
CA ASP H 82 37.48 -37.76 -25.90
C ASP H 82 35.97 -37.67 -25.79
N ASP H 83 35.49 -37.01 -24.75
CA ASP H 83 34.08 -36.65 -24.68
C ASP H 83 33.89 -35.31 -25.36
N GLN H 84 32.64 -34.85 -25.47
CA GLN H 84 32.40 -33.56 -26.07
C GLN H 84 31.21 -32.88 -25.40
N TYR H 85 31.32 -31.55 -25.29
CA TYR H 85 30.21 -30.76 -24.78
C TYR H 85 29.26 -30.46 -25.93
N ILE H 86 27.97 -30.70 -25.70
CA ILE H 86 26.92 -30.52 -26.69
C ILE H 86 26.04 -29.34 -26.28
N VAL H 87 25.78 -28.42 -27.21
CA VAL H 87 24.88 -27.31 -26.94
C VAL H 87 23.45 -27.83 -26.90
N ILE H 88 22.76 -27.66 -25.77
CA ILE H 88 21.39 -28.16 -25.62
C ILE H 88 20.39 -27.06 -25.32
N ASN H 89 20.83 -25.82 -25.13
CA ASN H 89 19.93 -24.70 -24.90
C ASN H 89 20.71 -23.42 -25.07
N ALA H 90 20.00 -22.31 -25.26
CA ALA H 90 20.69 -21.04 -25.47
C ALA H 90 19.75 -19.89 -25.13
N SER H 91 20.34 -18.79 -24.66
CA SER H 91 19.56 -17.62 -24.30
C SER H 91 20.39 -16.36 -24.56
N VAL H 92 19.71 -15.22 -24.60
CA VAL H 92 20.35 -13.92 -24.81
C VAL H 92 20.60 -13.26 -23.46
N GLY H 93 21.81 -12.70 -23.29
CA GLY H 93 22.15 -11.89 -22.14
C GLY H 93 22.46 -10.46 -22.56
N ILE H 94 21.77 -9.49 -21.96
CA ILE H 94 21.88 -8.09 -22.35
C ILE H 94 22.44 -7.30 -21.18
N SER H 95 23.46 -6.48 -21.44
N SER H 95 23.45 -6.46 -21.45
CA SER H 95 23.99 -5.57 -20.43
CA SER H 95 24.03 -5.56 -20.46
C SER H 95 24.03 -4.16 -20.99
C SER H 95 24.04 -4.15 -21.01
N GLU H 96 23.41 -3.22 -20.29
CA GLU H 96 23.49 -1.81 -20.66
C GLU H 96 23.03 -1.00 -19.46
N SER H 97 23.17 0.32 -19.56
CA SER H 97 22.84 1.18 -18.44
C SER H 97 21.45 1.79 -18.51
N TYR H 98 20.73 1.61 -19.62
CA TYR H 98 19.33 2.00 -19.81
C TYR H 98 19.12 3.52 -19.84
N VAL H 99 20.14 4.30 -20.21
CA VAL H 99 20.00 5.75 -20.32
C VAL H 99 19.82 6.10 -21.79
N ALA H 100 18.75 6.84 -22.10
CA ALA H 100 18.48 7.23 -23.47
C ALA H 100 19.25 8.51 -23.83
N THR H 101 19.80 8.53 -25.04
CA THR H 101 20.37 9.72 -25.65
C THR H 101 19.96 9.72 -27.11
N PRO H 102 19.98 10.88 -27.76
CA PRO H 102 19.66 10.90 -29.21
C PRO H 102 20.60 10.03 -30.05
N GLU H 103 21.90 10.03 -29.75
CA GLU H 103 22.82 9.18 -30.50
C GLU H 103 22.50 7.70 -30.32
N LYS H 104 22.16 7.32 -29.09
CA LYS H 104 21.86 5.91 -28.81
C LYS H 104 20.57 5.47 -29.49
N GLU H 105 19.56 6.35 -29.48
CA GLU H 105 18.28 6.00 -30.11
C GLU H 105 18.46 5.80 -31.61
N ALA H 106 19.30 6.63 -32.24
CA ALA H 106 19.63 6.44 -33.65
C ALA H 106 20.38 5.15 -33.89
N ALA H 107 21.36 4.83 -33.02
CA ALA H 107 22.07 3.56 -33.17
C ALA H 107 21.11 2.38 -33.07
N ILE H 108 20.17 2.44 -32.13
CA ILE H 108 19.21 1.35 -31.97
C ILE H 108 18.31 1.25 -33.21
N LYS H 109 17.92 2.39 -33.79
N LYS H 109 17.92 2.39 -33.79
CA LYS H 109 17.11 2.37 -34.99
CA LYS H 109 17.11 2.37 -34.99
C LYS H 109 17.84 1.67 -36.14
C LYS H 109 17.84 1.67 -36.13
N ILE H 110 19.12 1.98 -36.32
N ILE H 110 19.13 1.95 -36.30
CA ILE H 110 19.89 1.33 -37.38
CA ILE H 110 19.87 1.33 -37.39
C ILE H 110 20.04 -0.15 -37.08
C ILE H 110 20.14 -0.15 -37.09
N ALA H 111 20.30 -0.51 -35.82
CA ALA H 111 20.43 -1.92 -35.48
C ALA H 111 19.16 -2.69 -35.84
N ASN H 112 18.00 -2.09 -35.55
CA ASN H 112 16.73 -2.74 -35.88
C ASN H 112 16.57 -2.91 -37.39
N GLU H 113 16.90 -1.88 -38.17
CA GLU H 113 16.97 -2.00 -39.63
C GLU H 113 17.77 -3.23 -40.03
N LYS H 114 18.99 -3.35 -39.52
CA LYS H 114 19.88 -4.42 -39.94
C LYS H 114 19.40 -5.78 -39.45
N MET H 115 18.71 -5.84 -38.30
CA MET H 115 18.07 -7.09 -37.88
C MET H 115 17.00 -7.53 -38.88
N ALA H 116 16.28 -6.58 -39.46
CA ALA H 116 15.21 -6.93 -40.39
C ALA H 116 15.77 -7.40 -41.73
N LYS H 117 16.88 -6.80 -42.18
CA LYS H 117 17.55 -7.20 -43.41
C LYS H 117 18.47 -8.40 -43.22
N GLY H 118 18.47 -9.02 -42.04
CA GLY H 118 19.32 -10.17 -41.80
C GLY H 118 20.79 -9.88 -41.63
N ASP H 119 21.19 -8.60 -41.58
CA ASP H 119 22.59 -8.26 -41.28
C ASP H 119 22.78 -8.33 -39.76
N LYS H 120 22.72 -9.56 -39.25
CA LYS H 120 22.75 -9.76 -37.81
C LYS H 120 24.09 -9.36 -37.21
N LYS H 121 25.17 -9.40 -37.99
CA LYS H 121 26.45 -8.96 -37.47
C LYS H 121 26.58 -7.45 -37.50
N GLY H 122 26.08 -6.80 -38.56
CA GLY H 122 26.05 -5.35 -38.56
C GLY H 122 25.15 -4.78 -37.49
N ALA H 123 24.04 -5.47 -37.21
CA ALA H 123 23.14 -5.05 -36.14
C ALA H 123 23.86 -5.04 -34.80
N MET H 124 24.69 -6.04 -34.54
CA MET H 124 25.43 -6.05 -33.28
C MET H 124 26.43 -4.90 -33.18
N GLU H 125 27.05 -4.54 -34.30
CA GLU H 125 27.99 -3.41 -34.27
C GLU H 125 27.27 -2.12 -33.88
N GLU H 126 26.04 -1.91 -34.35
CA GLU H 126 25.31 -0.70 -33.98
C GLU H 126 24.87 -0.73 -32.52
N LEU H 127 24.43 -1.89 -32.03
CA LEU H 127 24.09 -2.00 -30.61
C LEU H 127 25.31 -1.69 -29.74
N ARG H 128 26.50 -2.11 -30.17
CA ARG H 128 27.66 -1.81 -29.35
C ARG H 128 28.02 -0.33 -29.41
N LEU H 129 27.73 0.32 -30.53
CA LEU H 129 27.83 1.78 -30.59
C LEU H 129 26.87 2.44 -29.61
N ALA H 130 25.69 1.86 -29.44
CA ALA H 130 24.70 2.32 -28.48
C ALA H 130 25.11 2.05 -27.03
N GLY H 131 26.24 1.38 -26.79
CA GLY H 131 26.66 1.03 -25.44
C GLY H 131 26.06 -0.26 -24.91
N VAL H 132 25.55 -1.12 -25.77
CA VAL H 132 24.87 -2.34 -25.35
C VAL H 132 25.82 -3.52 -25.50
N GLY H 133 25.86 -4.38 -24.47
CA GLY H 133 26.61 -5.62 -24.55
C GLY H 133 25.66 -6.80 -24.71
N VAL H 134 25.98 -7.67 -25.66
CA VAL H 134 25.11 -8.79 -25.97
C VAL H 134 25.94 -10.08 -25.89
N MET H 135 25.50 -11.00 -25.05
CA MET H 135 26.11 -12.33 -24.94
C MET H 135 25.09 -13.37 -25.38
N GLU H 136 25.57 -14.46 -25.98
CA GLU H 136 24.76 -15.66 -26.13
C GLU H 136 25.21 -16.66 -25.07
N ASN H 137 24.28 -17.05 -24.21
CA ASN H 137 24.54 -18.05 -23.17
C ASN H 137 24.20 -19.41 -23.74
N GLN H 138 25.16 -20.31 -23.79
CA GLN H 138 24.94 -21.66 -24.29
C GLN H 138 25.03 -22.67 -23.14
N TYR H 139 24.02 -23.53 -23.02
CA TYR H 139 24.02 -24.57 -22.01
C TYR H 139 24.65 -25.81 -22.61
N LEU H 140 25.68 -26.34 -21.95
CA LEU H 140 26.53 -27.38 -22.52
C LEU H 140 26.40 -28.67 -21.73
N MET H 141 26.24 -29.78 -22.46
CA MET H 141 26.02 -31.10 -21.88
C MET H 141 27.17 -32.00 -22.29
N PRO H 142 27.96 -32.54 -21.36
CA PRO H 142 29.03 -33.49 -21.72
C PRO H 142 28.39 -34.84 -22.05
N LEU H 143 28.52 -35.26 -23.31
CA LEU H 143 27.64 -36.30 -23.83
C LEU H 143 27.87 -37.64 -23.14
N LYS H 144 29.10 -38.15 -23.15
CA LYS H 144 29.34 -39.48 -22.59
C LYS H 144 29.16 -39.47 -21.08
N GLN H 145 29.66 -38.42 -20.42
CA GLN H 145 29.46 -38.25 -18.99
C GLN H 145 27.97 -38.27 -18.62
N THR H 146 27.14 -37.58 -19.42
CA THR H 146 25.71 -37.61 -19.14
C THR H 146 25.10 -39.00 -19.39
N ARG H 147 25.50 -39.64 -20.50
CA ARG H 147 25.05 -41.01 -20.75
C ARG H 147 25.39 -41.93 -19.59
N ASN H 148 26.61 -41.80 -19.05
CA ASN H 148 27.02 -42.69 -17.97
C ASN H 148 26.14 -42.48 -16.74
N ALA H 149 25.81 -41.23 -16.41
CA ALA H 149 24.98 -40.98 -15.25
C ALA H 149 23.58 -41.53 -15.43
N LEU H 150 23.01 -41.39 -16.63
CA LEU H 150 21.70 -41.95 -16.91
C LEU H 150 21.72 -43.47 -16.77
N ALA H 151 22.80 -44.11 -17.25
CA ALA H 151 22.92 -45.55 -17.16
C ALA H 151 23.01 -46.02 -15.71
N ASP H 152 23.73 -45.28 -14.87
CA ASP H 152 23.73 -45.58 -13.43
C ASP H 152 22.33 -45.44 -12.85
N ALA H 153 21.59 -44.40 -13.25
CA ALA H 153 20.23 -44.23 -12.76
C ALA H 153 19.33 -45.38 -13.22
N GLN H 154 19.49 -45.81 -14.47
CA GLN H 154 18.68 -46.93 -14.98
C GLN H 154 18.85 -48.17 -14.11
N LYS H 155 20.10 -48.48 -13.75
CA LYS H 155 20.37 -49.66 -12.92
C LYS H 155 19.77 -49.53 -11.54
N LEU H 156 19.84 -48.33 -10.95
CA LEU H 156 19.23 -48.13 -9.63
C LEU H 156 17.71 -48.23 -9.71
N LEU H 157 17.12 -47.64 -10.74
CA LEU H 157 15.67 -47.73 -10.91
C LEU H 157 15.22 -49.18 -11.04
N ASP H 158 16.00 -49.99 -11.77
CA ASP H 158 15.67 -51.41 -11.92
C ASP H 158 15.67 -52.15 -10.60
N LYS H 159 16.49 -51.70 -9.65
CA LYS H 159 16.56 -52.30 -8.32
C LYS H 159 15.66 -51.61 -7.30
N LYS H 160 14.78 -50.71 -7.76
CA LYS H 160 13.87 -49.95 -6.88
C LYS H 160 14.61 -49.10 -5.86
N GLN H 161 15.85 -48.70 -6.19
CA GLN H 161 16.63 -47.79 -5.33
C GLN H 161 16.34 -46.37 -5.77
N TYR H 162 15.15 -45.90 -5.43
CA TYR H 162 14.60 -44.69 -6.03
C TYR H 162 15.34 -43.43 -5.55
N TYR H 163 15.66 -43.35 -4.26
CA TYR H 163 16.38 -42.17 -3.81
C TYR H 163 17.77 -42.10 -4.45
N GLU H 164 18.48 -43.23 -4.50
CA GLU H 164 19.79 -43.27 -5.15
C GLU H 164 19.70 -42.89 -6.62
N ALA H 165 18.65 -43.35 -7.29
CA ALA H 165 18.47 -42.98 -8.70
C ALA H 165 18.29 -41.48 -8.85
N ASN H 166 17.56 -40.86 -7.92
CA ASN H 166 17.39 -39.42 -7.93
C ASN H 166 18.75 -38.70 -7.85
N LEU H 167 19.65 -39.22 -7.02
CA LEU H 167 20.99 -38.63 -6.94
C LEU H 167 21.77 -38.80 -8.24
N ALA H 168 21.62 -39.96 -8.90
CA ALA H 168 22.34 -40.16 -10.15
C ALA H 168 21.82 -39.23 -11.23
N LEU H 169 20.50 -39.03 -11.26
CA LEU H 169 19.94 -38.05 -12.19
C LEU H 169 20.39 -36.65 -11.85
N LYS H 170 20.47 -36.34 -10.56
CA LYS H 170 20.98 -35.03 -10.14
C LYS H 170 22.42 -34.85 -10.62
N GLY H 171 23.23 -35.91 -10.54
CA GLY H 171 24.60 -35.83 -11.05
C GLY H 171 24.64 -35.50 -12.54
N ALA H 172 23.72 -36.07 -13.32
CA ALA H 172 23.60 -35.70 -14.73
C ALA H 172 23.31 -34.22 -14.90
N GLU H 173 22.38 -33.68 -14.11
CA GLU H 173 22.08 -32.25 -14.20
C GLU H 173 23.26 -31.41 -13.74
N ASP H 174 24.00 -31.89 -12.74
CA ASP H 174 25.15 -31.13 -12.24
C ASP H 174 26.27 -31.01 -13.27
N GLY H 175 26.28 -31.84 -14.30
CA GLY H 175 27.30 -31.71 -15.33
C GLY H 175 27.01 -30.66 -16.38
N ILE H 176 25.79 -30.11 -16.41
CA ILE H 176 25.46 -29.08 -17.40
C ILE H 176 26.12 -27.77 -16.99
N ILE H 177 26.83 -27.14 -17.92
CA ILE H 177 27.46 -25.84 -17.62
C ILE H 177 26.93 -24.79 -18.58
N VAL H 178 27.14 -23.53 -18.23
CA VAL H 178 26.78 -22.41 -19.11
C VAL H 178 28.05 -21.77 -19.62
N ASP H 179 28.09 -21.46 -20.92
CA ASP H 179 29.21 -20.80 -21.56
C ASP H 179 28.68 -19.59 -22.28
N SER H 180 29.16 -18.40 -21.92
CA SER H 180 28.64 -17.16 -22.47
C SER H 180 29.67 -16.56 -23.43
N GLU H 181 29.24 -16.22 -24.64
CA GLU H 181 30.16 -15.68 -25.64
C GLU H 181 29.57 -14.41 -26.23
N ALA H 182 30.43 -13.43 -26.48
CA ALA H 182 29.97 -12.20 -27.09
C ALA H 182 29.45 -12.50 -28.49
N LEU H 183 28.23 -12.05 -28.77
CA LEU H 183 27.52 -12.49 -29.95
C LEU H 183 28.03 -11.75 -31.19
N PHE H 184 28.47 -12.51 -32.20
CA PHE H 184 28.95 -11.99 -33.48
C PHE H 184 29.98 -10.89 -33.28
N VAL H 185 31.08 -11.25 -32.62
CA VAL H 185 32.06 -10.25 -32.23
C VAL H 185 33.36 -10.45 -32.98
C1 PGE I . -36.61 0.07 2.45
O1 PGE I . -35.22 -0.24 2.49
C2 PGE I . -36.95 0.71 1.12
O2 PGE I . -38.35 0.86 1.00
C3 PGE I . -38.80 0.97 -0.35
C4 PGE I . -38.50 2.36 -0.88
O4 PGE I . -36.27 3.61 -4.77
C6 PGE I . -36.04 2.95 -3.53
C5 PGE I . -37.10 3.36 -2.54
O3 PGE I . -37.26 2.33 -1.57
C1 PEG J . -9.45 25.10 29.25
O1 PEG J . -9.59 25.71 30.52
C2 PEG J . -9.68 26.08 28.15
O2 PEG J . -11.00 26.58 28.21
C3 PEG J . -11.15 27.83 27.55
C4 PEG J . -10.96 27.66 26.07
O4 PEG J . -11.10 28.90 25.38
C1 PGE K . 23.59 -12.60 -3.86
O1 PGE K . 23.95 -13.92 -3.50
C2 PGE K . 24.10 -12.31 -5.26
O2 PGE K . 24.17 -10.91 -5.47
C3 PGE K . 24.87 -10.56 -6.65
C4 PGE K . 23.84 -10.24 -7.72
O4 PGE K . 23.81 -10.67 -12.14
C6 PGE K . 23.11 -10.82 -10.91
C5 PGE K . 24.02 -11.31 -9.81
O3 PGE K . 24.43 -10.23 -9.00
N1 EPE L . 29.40 -16.34 -5.43
C2 EPE L . 29.56 -16.11 -6.88
C3 EPE L . 28.45 -15.21 -7.40
N4 EPE L . 28.53 -13.91 -6.74
C5 EPE L . 28.17 -14.15 -5.33
C6 EPE L . 29.21 -15.08 -4.69
C7 EPE L . 29.90 -13.40 -6.78
C8 EPE L . 30.20 -12.46 -7.94
O8 EPE L . 31.50 -11.94 -7.67
C9 EPE L . 28.25 -17.25 -5.22
C10 EPE L . 28.73 -18.69 -5.42
S EPE L . 28.74 -19.54 -3.98
O1S EPE L . 27.83 -20.70 -4.07
O2S EPE L . 28.33 -18.65 -2.87
O3S EPE L . 30.12 -20.02 -3.74
#